data_2E48
#
_entry.id   2E48
#
_cell.length_a   149.652
_cell.length_b   181.727
_cell.length_c   50.815
_cell.angle_alpha   90.00
_cell.angle_beta   90.00
_cell.angle_gamma   90.00
#
_symmetry.space_group_name_H-M   'P 21 21 2'
#
loop_
_entity.id
_entity.type
_entity.pdbx_description
1 polymer 'D-amino-acid oxidase'
2 non-polymer 'FLAVIN-ADENINE DINUCLEOTIDE'
3 water water
#
_entity_poly.entity_id   1
_entity_poly.type   'polypeptide(L)'
_entity_poly.pdbx_seq_one_letter_code
;MRVVVIGAGVIGLSTALCIHERYHSVLQPLDIKVYADRFTPLTTTDVAAGLWQPYLSDPNNPQEADWSQQTFDYLLSHVH
SPNAENLGLFLISGYNLFHEAIPDPSWKDTVLGFRKLTPRELDMFPDYGYGWFHTSLILEGKNYLQWLTERLTERGVKFF
QRKVESFEEVAREGADVIVNCTGVWAGALQRDPLLQPGRGQIMKVDAPWMKHFILTHDPERGIYNSPYIIPGTQTVTLGG
IFQLGNWSELNNIQDHNTIWEGCCRLEPTLKNARIIGERTGFRPVRPQIRLEREQLRTGPSNTEVIHNYGHGGYGLTIHW
GCALEAAKLFGRILEEKKLSRMPPSHL
;
_entity_poly.pdbx_strand_id   A,B,C,D
#
# COMPACT_ATOMS: atom_id res chain seq x y z
N MET A 1 16.77 37.27 -25.14
CA MET A 1 15.38 36.90 -25.54
C MET A 1 14.55 36.45 -24.34
N ARG A 2 13.48 37.20 -24.05
CA ARG A 2 12.58 36.82 -22.97
C ARG A 2 11.43 36.00 -23.55
N VAL A 3 11.27 34.78 -23.04
CA VAL A 3 10.26 33.82 -23.55
C VAL A 3 9.28 33.44 -22.45
N VAL A 4 7.98 33.64 -22.71
CA VAL A 4 6.93 33.32 -21.74
C VAL A 4 6.01 32.18 -22.19
N VAL A 5 6.06 31.07 -21.48
CA VAL A 5 5.20 29.95 -21.79
C VAL A 5 3.94 30.07 -20.94
N ILE A 6 2.77 30.06 -21.58
CA ILE A 6 1.51 30.13 -20.83
C ILE A 6 0.89 28.75 -20.70
N GLY A 7 0.94 28.21 -19.49
CA GLY A 7 0.36 26.91 -19.23
C GLY A 7 1.38 25.92 -18.73
N ALA A 8 0.97 25.05 -17.80
CA ALA A 8 1.89 24.11 -17.18
C ALA A 8 1.38 22.67 -17.18
N GLY A 9 0.68 22.30 -18.25
CA GLY A 9 0.34 20.91 -18.49
C GLY A 9 1.48 20.22 -19.18
N VAL A 10 1.19 19.09 -19.81
CA VAL A 10 2.22 18.34 -20.51
C VAL A 10 2.77 19.19 -21.64
N ILE A 11 1.88 19.94 -22.26
CA ILE A 11 2.21 20.74 -23.41
C ILE A 11 3.15 21.89 -23.04
N GLY A 12 2.74 22.76 -22.11
CA GLY A 12 3.58 23.89 -21.71
C GLY A 12 4.96 23.43 -21.26
N LEU A 13 4.97 22.49 -20.32
CA LEU A 13 6.21 22.04 -19.72
C LEU A 13 7.04 21.28 -20.74
N SER A 14 6.42 20.43 -21.55
CA SER A 14 7.22 19.72 -22.56
C SER A 14 7.77 20.70 -23.61
N THR A 15 6.98 21.71 -23.96
CA THR A 15 7.44 22.73 -24.89
C THR A 15 8.51 23.60 -24.25
N ALA A 16 8.29 24.02 -23.00
CA ALA A 16 9.31 24.76 -22.26
C ALA A 16 10.67 24.06 -22.32
N LEU A 17 10.70 22.79 -21.92
CA LEU A 17 11.93 21.98 -21.89
C LEU A 17 12.64 21.90 -23.23
N CYS A 18 11.90 21.48 -24.25
CA CYS A 18 12.39 21.39 -25.62
C CYS A 18 13.08 22.64 -26.11
N ILE A 19 12.41 23.77 -25.95
CA ILE A 19 12.90 25.06 -26.40
C ILE A 19 14.18 25.38 -25.65
N HIS A 20 14.25 24.96 -24.39
CA HIS A 20 15.40 25.23 -23.59
C HIS A 20 16.56 24.38 -24.09
N GLU A 21 16.47 23.06 -23.91
CA GLU A 21 17.55 22.14 -24.26
C GLU A 21 18.03 22.26 -25.73
N ARG A 22 17.25 22.93 -26.58
CA ARG A 22 17.61 23.04 -27.98
C ARG A 22 18.22 24.39 -28.34
N TYR A 23 17.96 25.43 -27.53
CA TYR A 23 18.40 26.79 -27.88
C TYR A 23 19.20 27.52 -26.80
N HIS A 24 19.31 26.94 -25.61
CA HIS A 24 20.02 27.59 -24.51
C HIS A 24 21.49 27.87 -24.80
N SER A 25 22.13 27.00 -25.55
CA SER A 25 23.55 27.18 -25.90
C SER A 25 23.73 28.26 -26.98
N VAL A 26 22.66 28.57 -27.70
CA VAL A 26 22.75 29.47 -28.86
C VAL A 26 22.36 30.90 -28.50
N LEU A 27 21.26 31.08 -27.77
CA LEU A 27 20.87 32.43 -27.32
C LEU A 27 21.60 32.80 -26.03
N GLN A 28 22.18 34.00 -25.98
CA GLN A 28 22.93 34.42 -24.78
C GLN A 28 22.00 34.65 -23.58
N PRO A 29 21.12 35.67 -23.62
CA PRO A 29 20.12 35.71 -22.55
C PRO A 29 18.83 35.04 -22.98
N LEU A 30 18.78 33.70 -22.87
CA LEU A 30 17.53 32.97 -23.10
C LEU A 30 16.75 32.83 -21.79
N ASP A 31 15.82 33.75 -21.57
CA ASP A 31 15.04 33.82 -20.35
C ASP A 31 13.67 33.17 -20.59
N ILE A 32 13.42 32.05 -19.91
CA ILE A 32 12.18 31.32 -20.11
C ILE A 32 11.37 31.22 -18.81
N LYS A 33 10.15 31.76 -18.85
CA LYS A 33 9.25 31.78 -17.70
C LYS A 33 7.94 31.08 -17.98
N VAL A 34 7.43 30.39 -16.98
CA VAL A 34 6.18 29.68 -17.12
C VAL A 34 5.11 30.36 -16.30
N TYR A 35 4.01 30.72 -16.96
CA TYR A 35 2.86 31.36 -16.36
C TYR A 35 1.67 30.42 -16.45
N ALA A 36 1.05 30.14 -15.30
CA ALA A 36 -0.06 29.20 -15.28
C ALA A 36 -1.00 29.43 -14.11
N ASP A 37 -2.29 29.42 -14.39
CA ASP A 37 -3.31 29.58 -13.36
C ASP A 37 -3.35 28.36 -12.42
N ARG A 38 -2.88 27.22 -12.92
CA ARG A 38 -2.91 25.94 -12.19
C ARG A 38 -1.64 25.09 -12.40
N PHE A 39 -1.18 24.40 -11.36
CA PHE A 39 0.07 23.64 -11.44
C PHE A 39 -0.04 22.20 -11.03
N THR A 40 1.06 21.48 -11.26
CA THR A 40 1.33 20.05 -10.95
C THR A 40 0.20 19.08 -10.66
N PRO A 41 -0.59 19.32 -9.57
CA PRO A 41 -1.76 18.48 -9.26
C PRO A 41 -3.11 18.84 -9.87
N LEU A 42 -3.32 20.11 -10.24
CA LEU A 42 -4.67 20.61 -10.62
C LEU A 42 -4.93 20.82 -12.10
N THR A 43 -4.16 20.12 -12.95
CA THR A 43 -4.34 20.24 -14.41
C THR A 43 -5.08 19.05 -15.04
N THR A 44 -5.63 19.26 -16.23
CA THR A 44 -6.22 18.15 -17.01
C THR A 44 -5.25 16.96 -17.14
N THR A 45 -3.97 17.28 -17.36
CA THR A 45 -2.90 16.31 -17.55
C THR A 45 -2.83 15.33 -16.40
N ASP A 46 -3.12 15.80 -15.19
CA ASP A 46 -3.13 14.93 -13.99
C ASP A 46 -4.25 13.92 -14.03
N VAL A 47 -5.37 14.29 -14.66
CA VAL A 47 -6.54 13.44 -14.77
C VAL A 47 -6.35 12.32 -15.80
N ALA A 48 -5.33 12.47 -16.65
CA ALA A 48 -5.00 11.46 -17.68
C ALA A 48 -4.27 10.22 -17.12
N ALA A 49 -4.72 9.03 -17.52
CA ALA A 49 -4.02 7.77 -17.17
C ALA A 49 -2.68 7.71 -17.86
N GLY A 50 -2.64 8.29 -19.06
CA GLY A 50 -1.41 8.46 -19.80
C GLY A 50 -1.11 7.31 -20.74
N LEU A 51 -2.14 6.56 -21.12
CA LEU A 51 -2.01 5.50 -22.14
C LEU A 51 -1.77 6.06 -23.54
N TRP A 52 -0.64 5.69 -24.14
CA TRP A 52 -0.31 6.11 -25.50
C TRP A 52 -1.15 5.38 -26.53
N GLN A 53 -2.06 6.12 -27.17
CA GLN A 53 -2.89 5.58 -28.25
C GLN A 53 -3.65 6.70 -28.99
N PRO A 54 -3.24 6.99 -30.24
CA PRO A 54 -3.93 7.95 -31.12
C PRO A 54 -5.25 7.39 -31.61
N TYR A 55 -6.06 8.23 -32.25
CA TYR A 55 -7.38 7.80 -32.72
C TYR A 55 -7.31 6.51 -33.56
N LEU A 56 -8.45 5.88 -33.81
CA LEU A 56 -8.50 4.71 -34.67
C LEU A 56 -8.34 5.16 -36.12
N SER A 57 -9.30 5.95 -36.58
CA SER A 57 -9.29 6.49 -37.93
C SER A 57 -8.23 7.58 -38.03
N ASP A 58 -7.52 7.59 -39.16
CA ASP A 58 -6.49 8.60 -39.44
C ASP A 58 -6.86 10.04 -39.09
N PRO A 59 -5.85 10.84 -38.68
CA PRO A 59 -6.10 12.24 -38.30
C PRO A 59 -6.30 13.14 -39.52
N ASN A 60 -6.92 14.30 -39.30
CA ASN A 60 -7.15 15.25 -40.37
C ASN A 60 -5.86 15.84 -40.92
N ASN A 61 -4.80 15.73 -40.12
CA ASN A 61 -3.47 16.18 -40.47
C ASN A 61 -2.51 15.02 -40.25
N PRO A 62 -1.86 14.53 -41.33
CA PRO A 62 -0.94 13.41 -41.19
C PRO A 62 0.30 13.80 -40.39
N GLN A 63 0.50 15.11 -40.17
CA GLN A 63 1.58 15.59 -39.32
C GLN A 63 1.45 14.96 -37.95
N GLU A 64 0.20 14.95 -37.46
CA GLU A 64 -0.12 14.41 -36.15
C GLU A 64 0.30 12.94 -36.00
N ALA A 65 0.06 12.12 -37.02
CA ALA A 65 0.49 10.72 -37.00
C ALA A 65 1.99 10.59 -36.71
N ASP A 66 2.79 11.45 -37.31
CA ASP A 66 4.25 11.46 -37.08
C ASP A 66 4.57 11.91 -35.66
N TRP A 67 3.87 12.96 -35.23
CA TRP A 67 4.07 13.52 -33.90
C TRP A 67 3.89 12.47 -32.81
N SER A 68 2.80 11.70 -32.90
CA SER A 68 2.57 10.58 -32.00
C SER A 68 3.66 9.52 -32.12
N GLN A 69 4.03 9.20 -33.36
CA GLN A 69 5.11 8.25 -33.63
C GLN A 69 6.39 8.71 -32.96
N GLN A 70 6.75 9.97 -33.20
CA GLN A 70 7.94 10.58 -32.60
C GLN A 70 7.92 10.40 -31.08
N THR A 71 6.78 10.71 -30.48
CA THR A 71 6.59 10.63 -29.03
C THR A 71 6.78 9.20 -28.54
N PHE A 72 6.10 8.25 -29.17
CA PHE A 72 6.28 6.84 -28.82
C PHE A 72 7.73 6.40 -28.88
N ASP A 73 8.42 6.66 -29.98
CA ASP A 73 9.84 6.23 -30.12
C ASP A 73 10.76 6.82 -29.05
N TYR A 74 10.42 8.03 -28.61
CA TYR A 74 11.14 8.71 -27.55
C TYR A 74 11.00 7.98 -26.22
N LEU A 75 9.75 7.79 -25.81
CA LEU A 75 9.44 7.20 -24.53
C LEU A 75 9.96 5.76 -24.48
N LEU A 76 9.67 4.99 -25.53
CA LEU A 76 10.18 3.62 -25.67
C LEU A 76 11.70 3.55 -25.51
N SER A 77 12.41 4.52 -26.10
CA SER A 77 13.86 4.58 -25.97
C SER A 77 14.32 4.84 -24.53
N HIS A 78 13.36 5.10 -23.64
CA HIS A 78 13.67 5.48 -22.28
C HIS A 78 12.94 4.64 -21.25
N VAL A 79 12.17 3.67 -21.74
CA VAL A 79 11.42 2.74 -20.92
C VAL A 79 12.32 2.07 -19.87
N HIS A 80 13.62 2.00 -20.14
CA HIS A 80 14.56 1.33 -19.24
C HIS A 80 15.53 2.24 -18.51
N SER A 81 15.51 3.53 -18.86
CA SER A 81 16.47 4.46 -18.26
C SER A 81 16.27 4.44 -16.75
N PRO A 82 17.33 4.81 -15.98
CA PRO A 82 17.22 4.72 -14.51
C PRO A 82 16.22 5.72 -13.89
N ASN A 83 15.65 6.58 -14.74
CA ASN A 83 14.72 7.64 -14.33
C ASN A 83 13.30 7.33 -14.76
N ALA A 84 13.10 6.21 -15.46
CA ALA A 84 11.79 5.87 -16.00
C ALA A 84 10.68 6.02 -14.97
N GLU A 85 10.99 5.65 -13.71
CA GLU A 85 10.03 5.64 -12.61
C GLU A 85 9.61 7.03 -12.14
N ASN A 86 10.52 7.99 -12.22
CA ASN A 86 10.15 9.39 -11.96
C ASN A 86 9.25 9.90 -13.06
N LEU A 87 9.58 9.54 -14.31
CA LEU A 87 8.74 9.89 -15.45
C LEU A 87 7.34 9.32 -15.30
N GLY A 88 7.25 8.17 -14.65
CA GLY A 88 5.98 7.45 -14.54
C GLY A 88 5.72 6.68 -15.81
N LEU A 89 6.82 6.28 -16.46
CA LEU A 89 6.85 5.61 -17.77
C LEU A 89 6.98 4.10 -17.66
N PHE A 90 6.03 3.36 -18.21
CA PHE A 90 6.15 1.91 -18.24
C PHE A 90 5.39 1.27 -19.40
N LEU A 91 5.76 0.02 -19.69
CA LEU A 91 5.13 -0.77 -20.73
C LEU A 91 3.82 -1.30 -20.25
N ILE A 92 2.87 -1.47 -21.16
CA ILE A 92 1.60 -2.08 -20.80
C ILE A 92 0.96 -2.68 -22.02
N SER A 93 0.63 -3.96 -21.94
CA SER A 93 -0.13 -4.60 -23.00
C SER A 93 -1.60 -4.61 -22.64
N GLY A 94 -2.46 -4.98 -23.58
CA GLY A 94 -3.88 -4.89 -23.34
C GLY A 94 -4.71 -5.04 -24.58
N TYR A 95 -6.02 -4.95 -24.39
CA TYR A 95 -6.99 -5.30 -25.38
C TYR A 95 -7.72 -4.07 -25.89
N ASN A 96 -8.05 -4.08 -27.19
CA ASN A 96 -8.98 -3.15 -27.78
C ASN A 96 -10.23 -3.87 -28.33
N LEU A 97 -11.35 -3.77 -27.64
CA LEU A 97 -12.52 -4.55 -27.99
C LEU A 97 -13.50 -3.86 -28.94
N PHE A 98 -13.97 -4.59 -29.95
CA PHE A 98 -14.88 -4.07 -30.98
C PHE A 98 -16.07 -5.01 -31.20
N HIS A 99 -17.15 -4.46 -31.73
CA HIS A 99 -18.34 -5.22 -32.09
C HIS A 99 -18.33 -5.84 -33.50
N GLU A 100 -17.71 -5.15 -34.45
CA GLU A 100 -17.57 -5.68 -35.80
C GLU A 100 -16.13 -5.49 -36.23
N ALA A 101 -15.70 -6.25 -37.23
CA ALA A 101 -14.37 -6.08 -37.83
C ALA A 101 -14.18 -4.65 -38.35
N ILE A 102 -12.98 -4.13 -38.12
CA ILE A 102 -12.67 -2.73 -38.40
C ILE A 102 -11.24 -2.72 -38.90
N PRO A 103 -10.91 -1.80 -39.82
CA PRO A 103 -9.55 -1.81 -40.37
C PRO A 103 -8.45 -1.53 -39.32
N ASP A 104 -7.30 -2.16 -39.53
CA ASP A 104 -6.11 -1.90 -38.72
C ASP A 104 -5.83 -0.42 -38.54
N PRO A 105 -5.33 -0.02 -37.36
CA PRO A 105 -4.93 1.36 -37.15
C PRO A 105 -3.60 1.65 -37.85
N SER A 106 -3.44 2.87 -38.34
CA SER A 106 -2.23 3.30 -39.01
C SER A 106 -1.02 3.21 -38.09
N TRP A 107 -1.26 3.21 -36.78
CA TRP A 107 -0.17 3.13 -35.80
C TRP A 107 0.32 1.69 -35.54
N LYS A 108 -0.30 0.71 -36.20
CA LYS A 108 -0.08 -0.73 -35.95
C LYS A 108 1.39 -1.11 -35.84
N ASP A 109 2.24 -0.47 -36.64
CA ASP A 109 3.65 -0.79 -36.66
C ASP A 109 4.45 0.10 -35.71
N THR A 110 3.76 0.95 -34.97
CA THR A 110 4.40 1.80 -33.98
C THR A 110 4.42 1.11 -32.63
N VAL A 111 3.28 0.61 -32.18
CA VAL A 111 3.26 -0.14 -30.93
C VAL A 111 4.08 -1.42 -31.05
N LEU A 112 4.47 -1.99 -29.91
CA LEU A 112 5.15 -3.26 -29.90
C LEU A 112 4.14 -4.38 -30.13
N GLY A 113 4.61 -5.47 -30.74
CA GLY A 113 3.80 -6.62 -31.15
C GLY A 113 2.32 -6.51 -31.50
N PHE A 114 1.93 -5.61 -32.40
CA PHE A 114 0.50 -5.54 -32.79
C PHE A 114 -0.03 -6.86 -33.40
N ARG A 115 -1.30 -7.18 -33.17
CA ARG A 115 -1.93 -8.38 -33.72
C ARG A 115 -3.43 -8.36 -33.42
N LYS A 116 -4.16 -9.37 -33.88
CA LYS A 116 -5.61 -9.41 -33.63
C LYS A 116 -6.02 -10.45 -32.61
N LEU A 117 -7.10 -10.19 -31.89
CA LEU A 117 -7.54 -11.10 -30.83
C LEU A 117 -7.79 -12.52 -31.32
N THR A 118 -7.24 -13.49 -30.60
CA THR A 118 -7.46 -14.90 -30.86
C THR A 118 -8.74 -15.30 -30.13
N PRO A 119 -9.60 -16.18 -30.70
CA PRO A 119 -10.94 -16.39 -30.13
C PRO A 119 -11.01 -16.50 -28.60
N ARG A 120 -10.13 -17.33 -28.02
CA ARG A 120 -10.13 -17.57 -26.57
C ARG A 120 -10.07 -16.30 -25.71
N GLU A 121 -9.38 -15.28 -26.22
CA GLU A 121 -9.31 -13.97 -25.60
C GLU A 121 -10.67 -13.27 -25.66
N LEU A 122 -11.36 -13.37 -26.79
CA LEU A 122 -12.66 -12.70 -26.92
C LEU A 122 -13.69 -13.40 -26.08
N ASP A 123 -13.44 -14.67 -25.80
CA ASP A 123 -14.25 -15.45 -24.86
C ASP A 123 -14.39 -14.78 -23.50
N MET A 124 -13.33 -14.07 -23.09
CA MET A 124 -13.26 -13.34 -21.82
C MET A 124 -14.14 -12.11 -21.83
N PHE A 125 -14.57 -11.71 -23.00
CA PHE A 125 -15.40 -10.54 -23.13
C PHE A 125 -16.58 -10.88 -24.03
N PRO A 126 -17.58 -11.60 -23.48
CA PRO A 126 -18.76 -12.02 -24.26
C PRO A 126 -19.36 -10.95 -25.14
N ASP A 127 -19.48 -9.72 -24.63
CA ASP A 127 -20.15 -8.61 -25.36
C ASP A 127 -19.35 -7.98 -26.48
N TYR A 128 -18.21 -8.55 -26.83
CA TYR A 128 -17.40 -7.98 -27.90
C TYR A 128 -16.92 -9.06 -28.84
N GLY A 129 -17.00 -8.79 -30.14
CA GLY A 129 -16.83 -9.84 -31.13
C GLY A 129 -15.55 -9.82 -31.95
N TYR A 130 -14.75 -8.77 -31.76
CA TYR A 130 -13.52 -8.63 -32.54
C TYR A 130 -12.63 -7.63 -31.80
N GLY A 131 -11.33 -7.66 -32.05
CA GLY A 131 -10.43 -6.70 -31.42
C GLY A 131 -8.94 -6.85 -31.65
N TRP A 132 -8.17 -5.86 -31.16
CA TRP A 132 -6.71 -5.92 -31.28
C TRP A 132 -6.04 -6.27 -29.95
N PHE A 133 -4.74 -6.53 -30.01
CA PHE A 133 -3.92 -6.73 -28.83
C PHE A 133 -2.49 -6.33 -29.13
N HIS A 134 -1.94 -5.46 -28.29
CA HIS A 134 -0.60 -4.97 -28.50
C HIS A 134 0.02 -4.50 -27.20
N THR A 135 1.30 -4.22 -27.23
CA THR A 135 2.01 -3.66 -26.10
C THR A 135 2.23 -2.17 -26.36
N SER A 136 2.01 -1.34 -25.35
CA SER A 136 2.12 0.10 -25.51
C SER A 136 2.90 0.71 -24.33
N LEU A 137 2.90 2.04 -24.24
CA LEU A 137 3.48 2.76 -23.10
C LEU A 137 2.44 3.58 -22.33
N ILE A 138 2.63 3.64 -21.01
CA ILE A 138 1.91 4.59 -20.16
C ILE A 138 2.90 5.61 -19.62
N LEU A 139 2.48 6.87 -19.68
CA LEU A 139 3.18 7.98 -19.03
C LEU A 139 2.19 8.70 -18.11
N GLU A 140 2.16 8.29 -16.84
CA GLU A 140 1.25 8.90 -15.86
C GLU A 140 1.45 10.44 -15.86
N GLY A 141 0.36 11.16 -16.12
CA GLY A 141 0.42 12.63 -16.20
C GLY A 141 1.05 13.29 -15.00
N LYS A 142 0.59 12.90 -13.81
CA LYS A 142 1.00 13.51 -12.54
C LYS A 142 2.50 13.42 -12.37
N ASN A 143 3.01 12.19 -12.29
CA ASN A 143 4.46 11.94 -12.29
C ASN A 143 5.25 12.69 -13.37
N TYR A 144 4.75 12.60 -14.60
CA TYR A 144 5.43 13.17 -15.72
C TYR A 144 5.55 14.67 -15.52
N LEU A 145 4.41 15.30 -15.27
CA LEU A 145 4.37 16.72 -14.89
C LEU A 145 5.36 17.10 -13.78
N GLN A 146 5.40 16.28 -12.72
CA GLN A 146 6.29 16.48 -11.60
C GLN A 146 7.76 16.40 -12.05
N TRP A 147 8.04 15.46 -12.95
CA TRP A 147 9.39 15.24 -13.47
C TRP A 147 9.85 16.37 -14.37
N LEU A 148 8.90 16.92 -15.13
CA LEU A 148 9.20 17.98 -16.08
C LEU A 148 9.65 19.23 -15.34
N THR A 149 8.98 19.52 -14.24
CA THR A 149 9.32 20.63 -13.37
C THR A 149 10.77 20.60 -12.89
N GLU A 150 11.21 19.45 -12.35
CA GLU A 150 12.55 19.33 -11.79
C GLU A 150 13.57 19.69 -12.86
N ARG A 151 13.42 19.08 -14.04
CA ARG A 151 14.26 19.36 -15.20
C ARG A 151 14.23 20.85 -15.49
N LEU A 152 13.02 21.40 -15.52
CA LEU A 152 12.80 22.78 -15.88
C LEU A 152 13.43 23.68 -14.82
N THR A 153 13.15 23.40 -13.55
CA THR A 153 13.66 24.19 -12.42
C THR A 153 15.19 24.30 -12.43
N GLU A 154 15.88 23.16 -12.45
CA GLU A 154 17.34 23.15 -12.49
C GLU A 154 17.87 23.75 -13.78
N ARG A 155 16.97 24.02 -14.72
CA ARG A 155 17.33 24.70 -15.96
C ARG A 155 17.11 26.20 -15.85
N GLY A 156 16.62 26.62 -14.70
CA GLY A 156 16.43 28.04 -14.43
C GLY A 156 15.12 28.61 -14.97
N VAL A 157 14.28 27.71 -15.50
CA VAL A 157 12.94 28.09 -15.94
C VAL A 157 12.11 28.46 -14.72
N LYS A 158 11.76 29.73 -14.62
CA LYS A 158 11.03 30.24 -13.48
C LYS A 158 9.55 30.00 -13.68
N PHE A 159 8.86 29.66 -12.59
CA PHE A 159 7.42 29.42 -12.58
C PHE A 159 6.73 30.51 -11.79
N PHE A 160 5.65 31.05 -12.34
CA PHE A 160 4.79 31.97 -11.60
C PHE A 160 3.35 31.52 -11.71
N GLN A 161 2.62 31.62 -10.61
CA GLN A 161 1.25 31.14 -10.60
C GLN A 161 0.30 32.32 -10.72
N ARG A 162 -0.15 32.57 -11.95
CA ARG A 162 -1.04 33.68 -12.26
C ARG A 162 -1.99 33.37 -13.42
N LYS A 163 -3.10 34.11 -13.47
CA LYS A 163 -4.03 33.99 -14.57
C LYS A 163 -3.80 35.13 -15.54
N VAL A 164 -3.25 34.79 -16.69
CA VAL A 164 -3.04 35.72 -17.77
C VAL A 164 -4.40 36.13 -18.34
N GLU A 165 -4.59 37.44 -18.50
CA GLU A 165 -5.84 37.99 -18.99
C GLU A 165 -5.83 38.25 -20.50
N SER A 166 -4.67 38.56 -21.06
CA SER A 166 -4.56 38.81 -22.50
C SER A 166 -3.15 38.58 -22.97
N PHE A 167 -2.99 38.37 -24.28
CA PHE A 167 -1.67 38.23 -24.88
C PHE A 167 -0.88 39.54 -24.79
N GLU A 168 -1.58 40.68 -24.88
CA GLU A 168 -0.98 42.03 -24.80
C GLU A 168 -0.33 42.26 -23.44
N GLU A 169 -1.06 41.91 -22.38
CA GLU A 169 -0.55 41.98 -21.00
C GLU A 169 0.84 41.39 -20.91
N VAL A 170 0.98 40.13 -21.35
CA VAL A 170 2.24 39.43 -21.30
C VAL A 170 3.27 40.08 -22.21
N ALA A 171 2.80 40.62 -23.34
CA ALA A 171 3.69 41.31 -24.29
C ALA A 171 4.20 42.60 -23.67
N ARG A 172 3.28 43.35 -23.07
CA ARG A 172 3.57 44.65 -22.45
C ARG A 172 4.74 44.63 -21.47
N GLU A 173 4.93 43.50 -20.78
CA GLU A 173 6.02 43.40 -19.82
C GLU A 173 7.34 42.76 -20.31
N GLY A 174 7.50 42.57 -21.62
CA GLY A 174 8.82 42.21 -22.16
C GLY A 174 8.95 41.01 -23.09
N ALA A 175 7.93 40.15 -23.10
CA ALA A 175 7.97 38.91 -23.85
C ALA A 175 8.28 39.14 -25.32
N ASP A 176 9.34 38.51 -25.79
CA ASP A 176 9.71 38.57 -27.19
C ASP A 176 8.96 37.51 -27.98
N VAL A 177 8.85 36.33 -27.36
CA VAL A 177 8.06 35.21 -27.88
C VAL A 177 7.09 34.80 -26.78
N ILE A 178 5.87 34.37 -27.16
CA ILE A 178 4.86 33.87 -26.22
C ILE A 178 4.38 32.47 -26.60
N VAL A 179 4.91 31.44 -25.95
CA VAL A 179 4.50 30.09 -26.27
C VAL A 179 3.13 29.86 -25.62
N ASN A 180 2.10 29.71 -26.46
CA ASN A 180 0.72 29.57 -26.00
C ASN A 180 0.22 28.13 -25.85
N CYS A 181 0.24 27.63 -24.61
CA CYS A 181 -0.15 26.26 -24.28
C CYS A 181 -1.24 26.26 -23.24
N THR A 182 -2.33 26.96 -23.52
CA THR A 182 -3.41 27.18 -22.54
C THR A 182 -4.55 26.15 -22.59
N GLY A 183 -4.32 25.00 -23.22
CA GLY A 183 -5.33 23.94 -23.27
C GLY A 183 -6.75 24.31 -23.69
N VAL A 184 -7.72 23.61 -23.12
CA VAL A 184 -9.14 23.88 -23.43
C VAL A 184 -9.55 25.33 -23.18
N TRP A 185 -8.81 26.02 -22.30
CA TRP A 185 -9.15 27.39 -21.90
C TRP A 185 -8.57 28.41 -22.85
N ALA A 186 -7.84 27.95 -23.86
CA ALA A 186 -7.24 28.83 -24.87
C ALA A 186 -8.19 29.94 -25.38
N GLY A 187 -9.47 29.61 -25.51
CA GLY A 187 -10.48 30.55 -26.03
C GLY A 187 -10.54 31.89 -25.32
N ALA A 188 -10.31 31.90 -24.01
CA ALA A 188 -10.30 33.11 -23.19
C ALA A 188 -9.27 34.16 -23.66
N LEU A 189 -8.19 33.72 -24.28
CA LEU A 189 -7.16 34.65 -24.70
C LEU A 189 -7.26 35.01 -26.17
N GLN A 190 -7.98 34.19 -26.95
CA GLN A 190 -8.21 34.45 -28.37
C GLN A 190 -9.31 33.49 -28.81
N ARG A 191 -10.38 34.06 -29.36
CA ARG A 191 -11.48 33.31 -29.95
C ARG A 191 -11.03 32.13 -30.84
N ASP A 192 -11.70 31.00 -30.66
CA ASP A 192 -11.45 29.79 -31.38
C ASP A 192 -12.69 28.90 -31.19
N PRO A 193 -13.69 29.05 -32.06
CA PRO A 193 -14.94 28.29 -31.94
C PRO A 193 -14.73 26.80 -32.10
N LEU A 194 -13.65 26.42 -32.79
CA LEU A 194 -13.32 25.03 -33.09
C LEU A 194 -12.84 24.23 -31.87
N LEU A 195 -12.53 24.93 -30.78
CA LEU A 195 -12.12 24.35 -29.53
C LEU A 195 -13.33 24.08 -28.63
N GLN A 196 -13.47 22.85 -28.16
CA GLN A 196 -14.58 22.44 -27.30
C GLN A 196 -14.03 21.55 -26.17
N PRO A 197 -14.65 21.62 -24.97
CA PRO A 197 -14.27 20.65 -23.92
C PRO A 197 -14.84 19.26 -24.16
N GLY A 198 -13.96 18.26 -24.13
CA GLY A 198 -14.38 16.87 -24.14
C GLY A 198 -14.42 16.41 -22.71
N ARG A 199 -15.49 16.76 -22.02
CA ARG A 199 -15.53 16.52 -20.60
C ARG A 199 -15.36 15.03 -20.35
N GLY A 200 -14.45 14.69 -19.43
CA GLY A 200 -14.31 13.31 -19.02
C GLY A 200 -14.44 13.19 -17.52
N GLN A 201 -14.80 12.00 -17.06
CA GLN A 201 -14.74 11.70 -15.63
C GLN A 201 -14.20 10.30 -15.43
N ILE A 202 -13.30 10.14 -14.45
CA ILE A 202 -12.67 8.84 -14.16
C ILE A 202 -12.76 8.43 -12.72
N MET A 203 -12.47 7.15 -12.47
CA MET A 203 -12.47 6.55 -11.16
C MET A 203 -11.12 5.86 -10.96
N LYS A 204 -10.41 6.22 -9.89
CA LYS A 204 -9.17 5.53 -9.51
C LYS A 204 -9.59 4.46 -8.52
N VAL A 205 -9.22 3.22 -8.81
CA VAL A 205 -9.63 2.08 -8.00
C VAL A 205 -8.41 1.23 -7.60
N ASP A 206 -8.49 0.55 -6.46
CA ASP A 206 -7.39 -0.34 -6.11
C ASP A 206 -7.67 -1.80 -6.52
N ALA A 207 -7.04 -2.22 -7.63
CA ALA A 207 -7.13 -3.58 -8.15
C ALA A 207 -5.80 -3.99 -8.82
N PRO A 208 -4.77 -4.26 -8.01
CA PRO A 208 -3.42 -4.52 -8.53
C PRO A 208 -3.25 -5.83 -9.36
N TRP A 209 -4.26 -6.70 -9.38
CA TRP A 209 -4.20 -7.91 -10.21
C TRP A 209 -4.47 -7.68 -11.71
N MET A 210 -5.09 -6.55 -12.03
CA MET A 210 -5.25 -6.12 -13.41
C MET A 210 -3.89 -5.68 -13.89
N LYS A 211 -3.40 -6.37 -14.92
CA LYS A 211 -2.09 -6.04 -15.46
C LYS A 211 -2.20 -5.55 -16.91
N HIS A 212 -3.37 -5.70 -17.52
CA HIS A 212 -3.57 -5.26 -18.90
C HIS A 212 -4.56 -4.11 -18.95
N PHE A 213 -4.40 -3.22 -19.94
CA PHE A 213 -5.44 -2.24 -20.28
C PHE A 213 -6.49 -2.88 -21.18
N ILE A 214 -7.73 -2.40 -21.09
CA ILE A 214 -8.85 -2.95 -21.85
C ILE A 214 -9.75 -1.81 -22.37
N LEU A 215 -9.63 -1.45 -23.65
CA LEU A 215 -10.45 -0.37 -24.19
C LEU A 215 -11.59 -0.87 -25.06
N THR A 216 -12.81 -0.59 -24.67
CA THR A 216 -13.96 -0.89 -25.52
C THR A 216 -14.16 0.17 -26.62
N HIS A 217 -14.83 -0.21 -27.70
CA HIS A 217 -15.09 0.73 -28.80
C HIS A 217 -16.49 0.48 -29.32
N ASP A 218 -17.31 1.51 -29.27
CA ASP A 218 -18.70 1.38 -29.61
C ASP A 218 -19.16 2.58 -30.42
N PRO A 219 -19.78 2.32 -31.59
CA PRO A 219 -20.25 3.42 -32.45
C PRO A 219 -21.47 4.18 -31.91
N GLU A 220 -22.39 3.50 -31.21
CA GLU A 220 -23.56 4.15 -30.58
C GLU A 220 -23.18 5.12 -29.47
N ARG A 221 -21.96 4.97 -28.97
CA ARG A 221 -21.43 5.80 -27.87
C ARG A 221 -20.39 6.86 -28.34
N GLY A 222 -19.46 6.45 -29.19
CA GLY A 222 -18.49 7.37 -29.80
C GLY A 222 -17.20 7.46 -29.01
N ILE A 223 -16.18 8.06 -29.61
CA ILE A 223 -14.82 8.17 -29.02
C ILE A 223 -14.82 8.44 -27.51
N TYR A 224 -13.96 7.69 -26.81
CA TYR A 224 -13.74 7.77 -25.36
C TYR A 224 -15.00 7.55 -24.53
N ASN A 225 -16.07 7.10 -25.17
CA ASN A 225 -17.35 7.14 -24.51
C ASN A 225 -17.93 5.79 -24.10
N SER A 226 -17.10 4.74 -24.13
CA SER A 226 -17.49 3.42 -23.65
C SER A 226 -16.48 2.96 -22.60
N PRO A 227 -16.81 1.92 -21.81
CA PRO A 227 -15.95 1.58 -20.67
C PRO A 227 -14.51 1.25 -21.04
N TYR A 228 -13.58 1.85 -20.31
CA TYR A 228 -12.17 1.51 -20.44
C TYR A 228 -11.46 1.35 -19.09
N ILE A 229 -10.47 0.46 -19.05
CA ILE A 229 -9.80 0.12 -17.82
C ILE A 229 -8.30 0.20 -18.08
N ILE A 230 -7.62 1.16 -17.43
CA ILE A 230 -6.18 1.39 -17.65
C ILE A 230 -5.41 1.27 -16.35
N PRO A 231 -4.73 0.13 -16.13
CA PRO A 231 -3.94 -0.07 -14.92
C PRO A 231 -2.80 0.94 -14.80
N GLY A 232 -2.82 1.71 -13.71
CA GLY A 232 -1.77 2.67 -13.47
C GLY A 232 -0.67 2.06 -12.64
N THR A 233 0.26 2.90 -12.22
CA THR A 233 1.34 2.45 -11.38
C THR A 233 0.87 2.08 -9.96
N GLN A 234 0.12 2.97 -9.30
CA GLN A 234 -0.26 2.77 -7.90
C GLN A 234 -1.72 2.42 -7.79
N THR A 235 -2.45 2.49 -8.91
CA THR A 235 -3.91 2.36 -8.88
C THR A 235 -4.50 2.26 -10.29
N VAL A 236 -5.61 1.54 -10.44
CA VAL A 236 -6.21 1.26 -11.76
C VAL A 236 -7.26 2.29 -12.17
N THR A 237 -7.14 2.85 -13.37
CA THR A 237 -8.11 3.86 -13.86
C THR A 237 -9.33 3.23 -14.53
N LEU A 238 -10.49 3.52 -13.99
CA LEU A 238 -11.78 3.11 -14.55
C LEU A 238 -12.43 4.35 -15.18
N GLY A 239 -12.74 4.27 -16.47
CA GLY A 239 -13.28 5.44 -17.20
C GLY A 239 -14.25 5.13 -18.32
N GLY A 240 -14.62 6.18 -19.06
CA GLY A 240 -15.47 6.03 -20.26
C GLY A 240 -16.50 7.11 -20.50
N ILE A 241 -16.11 8.36 -20.29
CA ILE A 241 -17.00 9.52 -20.40
C ILE A 241 -16.37 10.61 -21.27
N PHE A 242 -17.13 11.03 -22.26
CA PHE A 242 -16.74 12.06 -23.21
C PHE A 242 -18.00 12.82 -23.61
N GLN A 243 -18.10 14.06 -23.17
CA GLN A 243 -19.27 14.88 -23.43
C GLN A 243 -18.84 16.23 -23.94
N LEU A 244 -19.14 16.48 -25.22
CA LEU A 244 -18.80 17.75 -25.85
C LEU A 244 -19.61 18.90 -25.29
N GLY A 245 -18.89 19.98 -24.98
CA GLY A 245 -19.52 21.26 -24.63
C GLY A 245 -19.65 21.42 -23.14
N ASN A 246 -19.58 20.31 -22.40
CA ASN A 246 -19.73 20.36 -20.96
C ASN A 246 -18.55 20.96 -20.21
N TRP A 247 -18.80 22.05 -19.48
CA TRP A 247 -17.77 22.73 -18.73
C TRP A 247 -17.81 22.45 -17.23
N SER A 248 -18.68 21.54 -16.81
CA SER A 248 -18.86 21.23 -15.38
C SER A 248 -17.70 20.41 -14.77
N GLU A 249 -16.78 21.12 -14.09
CA GLU A 249 -15.66 20.47 -13.40
C GLU A 249 -16.13 19.97 -12.03
N LEU A 250 -16.89 18.89 -12.06
CA LEU A 250 -17.54 18.38 -10.86
C LEU A 250 -17.90 16.93 -11.11
N ASN A 251 -17.58 16.07 -10.17
CA ASN A 251 -17.94 14.67 -10.32
C ASN A 251 -19.45 14.51 -10.28
N ASN A 252 -19.96 13.82 -11.29
CA ASN A 252 -21.38 13.64 -11.48
C ASN A 252 -21.76 12.24 -11.01
N ILE A 253 -22.74 12.17 -10.10
CA ILE A 253 -23.20 10.89 -9.55
C ILE A 253 -23.85 9.97 -10.61
N GLN A 254 -24.32 10.55 -11.71
CA GLN A 254 -24.88 9.73 -12.78
C GLN A 254 -23.76 9.09 -13.59
N ASP A 255 -22.74 9.88 -13.88
CA ASP A 255 -21.55 9.43 -14.63
C ASP A 255 -20.80 8.37 -13.84
N HIS A 256 -20.74 8.55 -12.53
CA HIS A 256 -20.14 7.57 -11.64
C HIS A 256 -20.67 6.16 -11.91
N ASN A 257 -21.99 6.00 -11.85
CA ASN A 257 -22.65 4.71 -12.08
C ASN A 257 -22.39 4.17 -13.47
N THR A 258 -22.29 5.07 -14.44
CA THR A 258 -21.91 4.68 -15.79
C THR A 258 -20.53 4.00 -15.75
N ILE A 259 -19.50 4.72 -15.31
CA ILE A 259 -18.15 4.15 -15.20
C ILE A 259 -18.17 2.79 -14.49
N TRP A 260 -18.84 2.75 -13.35
CA TRP A 260 -18.76 1.57 -12.50
C TRP A 260 -19.43 0.38 -13.16
N GLU A 261 -20.69 0.53 -13.54
CA GLU A 261 -21.44 -0.54 -14.21
C GLU A 261 -20.76 -0.99 -15.50
N GLY A 262 -20.26 -0.06 -16.29
CA GLY A 262 -19.57 -0.40 -17.52
C GLY A 262 -18.31 -1.23 -17.35
N CYS A 263 -17.42 -0.77 -16.48
CA CYS A 263 -16.18 -1.48 -16.20
C CYS A 263 -16.42 -2.82 -15.51
N CYS A 264 -17.39 -2.88 -14.60
CA CYS A 264 -17.73 -4.12 -13.92
C CYS A 264 -18.23 -5.21 -14.87
N ARG A 265 -19.08 -4.84 -15.83
CA ARG A 265 -19.53 -5.73 -16.90
C ARG A 265 -18.33 -6.24 -17.70
N LEU A 266 -17.37 -5.36 -17.97
CA LEU A 266 -16.16 -5.70 -18.71
C LEU A 266 -15.32 -6.74 -17.98
N GLU A 267 -15.02 -6.45 -16.72
CA GLU A 267 -14.20 -7.28 -15.88
C GLU A 267 -14.85 -7.42 -14.50
N PRO A 268 -15.56 -8.54 -14.26
CA PRO A 268 -16.33 -8.68 -13.04
C PRO A 268 -15.49 -8.66 -11.75
N THR A 269 -14.21 -8.98 -11.85
CA THR A 269 -13.31 -8.95 -10.69
C THR A 269 -13.24 -7.54 -10.08
N LEU A 270 -13.48 -6.56 -10.94
CA LEU A 270 -13.46 -5.15 -10.55
C LEU A 270 -14.63 -4.82 -9.63
N LYS A 271 -15.47 -5.84 -9.39
CA LYS A 271 -16.67 -5.71 -8.56
C LYS A 271 -16.34 -5.66 -7.06
N ASN A 272 -15.06 -5.79 -6.70
CA ASN A 272 -14.63 -5.71 -5.30
C ASN A 272 -13.37 -4.88 -5.13
N ALA A 273 -13.08 -4.02 -6.10
CA ALA A 273 -11.95 -3.12 -5.95
C ALA A 273 -12.42 -1.94 -5.11
N ARG A 274 -11.52 -1.41 -4.29
CA ARG A 274 -11.87 -0.29 -3.43
C ARG A 274 -11.68 1.00 -4.20
N ILE A 275 -12.74 1.80 -4.28
CA ILE A 275 -12.67 3.10 -4.98
C ILE A 275 -11.76 4.07 -4.23
N ILE A 276 -10.72 4.56 -4.91
CA ILE A 276 -9.72 5.42 -4.26
C ILE A 276 -9.99 6.92 -4.46
N GLY A 277 -10.76 7.25 -5.50
CA GLY A 277 -11.11 8.64 -5.77
C GLY A 277 -11.58 8.87 -7.20
N GLU A 278 -12.31 9.96 -7.41
CA GLU A 278 -12.93 10.26 -8.71
C GLU A 278 -12.49 11.62 -9.22
N ARG A 279 -12.36 11.74 -10.53
CA ARG A 279 -11.86 12.98 -11.13
C ARG A 279 -12.54 13.32 -12.43
N THR A 280 -12.54 14.62 -12.75
CA THR A 280 -13.18 15.18 -13.93
C THR A 280 -12.16 16.04 -14.66
N GLY A 281 -12.16 16.00 -15.98
CA GLY A 281 -11.22 16.76 -16.78
C GLY A 281 -11.80 17.18 -18.11
N PHE A 282 -11.13 18.12 -18.78
CA PHE A 282 -11.58 18.60 -20.08
C PHE A 282 -10.58 18.32 -21.21
N ARG A 283 -10.97 17.45 -22.13
CA ARG A 283 -10.15 17.18 -23.29
C ARG A 283 -10.20 18.46 -24.13
N PRO A 284 -9.02 18.95 -24.60
CA PRO A 284 -8.85 20.08 -25.51
C PRO A 284 -9.23 19.71 -26.95
N VAL A 285 -10.52 19.49 -27.17
CA VAL A 285 -11.09 19.04 -28.44
C VAL A 285 -10.98 20.14 -29.49
N ARG A 286 -10.43 19.78 -30.66
CA ARG A 286 -10.30 20.66 -31.82
C ARG A 286 -10.17 19.83 -33.12
N PRO A 287 -10.77 20.28 -34.24
CA PRO A 287 -10.64 19.45 -35.44
C PRO A 287 -9.18 19.07 -35.68
N GLN A 288 -8.28 19.92 -35.22
CA GLN A 288 -6.86 19.62 -35.23
C GLN A 288 -6.12 20.58 -34.33
N ILE A 289 -4.87 20.24 -34.04
CA ILE A 289 -4.06 20.98 -33.08
C ILE A 289 -3.67 22.30 -33.68
N ARG A 290 -3.85 23.39 -32.93
CA ARG A 290 -3.35 24.67 -33.38
C ARG A 290 -1.89 24.68 -33.01
N LEU A 291 -1.03 24.34 -33.97
CA LEU A 291 0.41 24.34 -33.73
C LEU A 291 1.07 25.12 -34.84
N GLU A 292 1.14 26.42 -34.63
CA GLU A 292 1.52 27.38 -35.65
C GLU A 292 1.92 28.69 -35.01
N ARG A 293 2.66 29.49 -35.77
CA ARG A 293 3.02 30.84 -35.36
C ARG A 293 1.92 31.85 -35.68
N GLU A 294 2.00 32.99 -35.01
CA GLU A 294 1.13 34.12 -35.27
C GLU A 294 1.84 35.39 -34.85
N GLN A 295 1.99 36.30 -35.81
CA GLN A 295 2.61 37.58 -35.52
C GLN A 295 1.58 38.42 -34.76
N LEU A 296 1.69 38.44 -33.44
CA LEU A 296 0.76 39.22 -32.62
C LEU A 296 1.17 40.70 -32.56
N ARG A 297 0.42 41.51 -33.30
CA ARG A 297 0.73 42.93 -33.52
C ARG A 297 0.55 43.79 -32.26
N THR A 298 1.62 43.86 -31.48
CA THR A 298 1.63 44.51 -30.16
C THR A 298 1.61 46.04 -30.28
N GLY A 299 2.40 46.73 -29.45
CA GLY A 299 2.47 48.19 -29.47
C GLY A 299 3.21 48.70 -30.69
N PRO A 300 4.44 49.26 -30.47
CA PRO A 300 5.16 49.88 -31.58
C PRO A 300 5.34 48.88 -32.72
N SER A 301 5.82 47.69 -32.38
CA SER A 301 5.97 46.62 -33.34
C SER A 301 4.99 45.49 -33.02
N ASN A 302 5.40 44.25 -33.28
CA ASN A 302 4.61 43.06 -32.96
C ASN A 302 5.46 41.96 -32.32
N THR A 303 4.78 41.03 -31.64
CA THR A 303 5.47 39.94 -30.93
C THR A 303 4.93 38.57 -31.28
N GLU A 304 5.86 37.62 -31.32
CA GLU A 304 5.64 36.29 -31.86
C GLU A 304 4.95 35.34 -30.88
N VAL A 305 3.84 34.76 -31.32
CA VAL A 305 3.06 33.82 -30.52
C VAL A 305 3.05 32.48 -31.22
N ILE A 306 3.52 31.44 -30.53
CA ILE A 306 3.46 30.07 -31.01
C ILE A 306 2.29 29.42 -30.32
N HIS A 307 1.37 28.87 -31.11
CA HIS A 307 0.20 28.17 -30.55
C HIS A 307 0.46 26.68 -30.40
N ASN A 308 0.02 26.12 -29.29
CA ASN A 308 0.20 24.71 -29.04
C ASN A 308 -0.92 24.17 -28.16
N TYR A 309 -2.14 24.11 -28.70
CA TYR A 309 -3.29 23.60 -27.96
C TYR A 309 -4.28 22.85 -28.82
N GLY A 310 -5.13 22.06 -28.20
CA GLY A 310 -6.18 21.33 -28.90
C GLY A 310 -5.82 19.88 -29.13
N HIS A 311 -5.10 19.29 -28.17
CA HIS A 311 -4.63 17.93 -28.30
C HIS A 311 -5.68 16.92 -27.85
N GLY A 312 -6.89 17.44 -27.61
CA GLY A 312 -8.05 16.60 -27.32
C GLY A 312 -7.74 15.47 -26.37
N GLY A 313 -8.12 14.27 -26.74
CA GLY A 313 -8.01 13.16 -25.83
C GLY A 313 -6.73 12.38 -25.95
N TYR A 314 -5.69 12.96 -26.57
CA TYR A 314 -4.43 12.22 -26.83
C TYR A 314 -3.15 13.06 -26.66
N GLY A 315 -3.24 14.08 -25.80
CA GLY A 315 -2.13 14.92 -25.42
C GLY A 315 -0.86 14.16 -25.09
N LEU A 316 -0.91 13.33 -24.05
CA LEU A 316 0.28 12.57 -23.63
C LEU A 316 0.84 11.74 -24.78
N THR A 317 -0.06 11.24 -25.63
CA THR A 317 0.33 10.38 -26.75
C THR A 317 1.18 11.12 -27.80
N ILE A 318 0.90 12.40 -28.00
CA ILE A 318 1.46 13.19 -29.08
C ILE A 318 2.42 14.29 -28.58
N HIS A 319 2.34 14.59 -27.28
CA HIS A 319 2.97 15.78 -26.72
C HIS A 319 4.39 16.03 -27.19
N TRP A 320 5.21 14.98 -27.23
CA TRP A 320 6.61 15.17 -27.53
C TRP A 320 6.86 15.61 -28.98
N GLY A 321 6.16 14.97 -29.92
CA GLY A 321 6.21 15.40 -31.31
C GLY A 321 5.94 16.89 -31.38
N CYS A 322 4.78 17.28 -30.86
CA CYS A 322 4.35 18.68 -30.84
C CYS A 322 5.40 19.61 -30.28
N ALA A 323 6.09 19.16 -29.23
CA ALA A 323 7.08 19.97 -28.55
C ALA A 323 8.23 20.22 -29.48
N LEU A 324 8.72 19.17 -30.14
CA LEU A 324 9.83 19.27 -31.09
C LEU A 324 9.50 20.22 -32.23
N GLU A 325 8.23 20.19 -32.64
CA GLU A 325 7.69 21.08 -33.68
C GLU A 325 7.66 22.53 -33.18
N ALA A 326 7.04 22.72 -32.02
CA ALA A 326 6.96 24.03 -31.38
C ALA A 326 8.35 24.63 -31.21
N ALA A 327 9.36 23.77 -31.16
CA ALA A 327 10.76 24.19 -31.03
C ALA A 327 11.33 24.59 -32.37
N LYS A 328 11.04 23.81 -33.41
CA LYS A 328 11.46 24.16 -34.75
C LYS A 328 10.93 25.56 -35.07
N LEU A 329 9.63 25.75 -34.85
CA LEU A 329 8.98 27.04 -35.09
C LEU A 329 9.70 28.12 -34.33
N PHE A 330 10.01 27.83 -33.06
CA PHE A 330 10.74 28.78 -32.23
C PHE A 330 12.01 29.14 -32.96
N GLY A 331 12.79 28.12 -33.32
CA GLY A 331 14.00 28.30 -34.10
C GLY A 331 13.85 29.15 -35.35
N ARG A 332 12.73 29.02 -36.07
CA ARG A 332 12.48 29.87 -37.24
C ARG A 332 12.46 31.33 -36.80
N ILE A 333 11.67 31.65 -35.78
CA ILE A 333 11.62 33.01 -35.24
C ILE A 333 13.04 33.53 -35.11
N LEU A 334 13.89 32.78 -34.41
CA LEU A 334 15.27 33.18 -34.18
C LEU A 334 15.99 33.56 -35.45
N GLU A 335 15.74 32.81 -36.52
CA GLU A 335 16.34 33.07 -37.81
C GLU A 335 15.89 34.44 -38.33
N GLU A 336 14.58 34.66 -38.36
CA GLU A 336 13.99 35.87 -38.95
C GLU A 336 14.36 37.14 -38.19
N LYS A 337 14.47 37.03 -36.86
CA LYS A 337 14.99 38.11 -36.03
C LYS A 337 16.51 38.22 -36.16
N LYS A 338 17.08 37.37 -37.03
CA LYS A 338 18.52 37.27 -37.25
C LYS A 338 19.31 37.37 -35.94
N LEU A 339 18.84 36.65 -34.93
CA LEU A 339 19.45 36.60 -33.61
C LEU A 339 19.94 35.16 -33.38
N SER A 340 20.06 34.44 -34.50
CA SER A 340 20.43 33.02 -34.54
C SER A 340 21.91 32.81 -34.21
N MET B 1 -16.48 -44.31 3.94
CA MET B 1 -15.02 -44.66 3.83
C MET B 1 -14.11 -43.61 4.46
N ARG B 2 -12.90 -44.01 4.82
CA ARG B 2 -12.00 -43.14 5.56
C ARG B 2 -10.83 -42.77 4.68
N VAL B 3 -10.74 -41.48 4.33
CA VAL B 3 -9.61 -40.98 3.53
C VAL B 3 -8.74 -40.03 4.34
N VAL B 4 -7.44 -40.31 4.35
CA VAL B 4 -6.49 -39.38 4.94
C VAL B 4 -5.64 -38.81 3.83
N VAL B 5 -5.53 -37.49 3.82
CA VAL B 5 -4.67 -36.77 2.90
C VAL B 5 -3.50 -36.19 3.69
N ILE B 6 -2.28 -36.52 3.26
CA ILE B 6 -1.07 -36.03 3.91
C ILE B 6 -0.43 -34.98 3.01
N GLY B 7 -0.41 -33.73 3.48
CA GLY B 7 0.07 -32.62 2.68
C GLY B 7 -0.97 -31.51 2.66
N ALA B 8 -0.58 -30.30 3.05
CA ALA B 8 -1.48 -29.13 3.01
C ALA B 8 -0.99 -28.06 2.02
N GLY B 9 -0.22 -28.52 1.04
CA GLY B 9 0.23 -27.70 -0.07
C GLY B 9 -0.75 -27.79 -1.22
N VAL B 10 -0.34 -27.30 -2.39
CA VAL B 10 -1.24 -27.19 -3.53
C VAL B 10 -1.78 -28.53 -3.96
N ILE B 11 -0.91 -29.54 -3.90
CA ILE B 11 -1.24 -30.88 -4.34
C ILE B 11 -2.20 -31.54 -3.36
N GLY B 12 -1.84 -31.57 -2.09
CA GLY B 12 -2.72 -32.12 -1.05
C GLY B 12 -4.11 -31.50 -1.13
N LEU B 13 -4.17 -30.20 -0.93
CA LEU B 13 -5.44 -29.49 -0.88
C LEU B 13 -6.27 -29.61 -2.14
N SER B 14 -5.62 -29.49 -3.29
CA SER B 14 -6.33 -29.54 -4.57
C SER B 14 -6.82 -30.95 -4.87
N THR B 15 -6.03 -31.95 -4.46
CA THR B 15 -6.45 -33.33 -4.59
C THR B 15 -7.63 -33.64 -3.68
N ALA B 16 -7.54 -33.24 -2.41
CA ALA B 16 -8.65 -33.42 -1.46
C ALA B 16 -9.94 -32.84 -2.01
N LEU B 17 -9.87 -31.62 -2.54
CA LEU B 17 -11.04 -30.97 -3.16
C LEU B 17 -11.67 -31.81 -4.26
N CYS B 18 -10.88 -32.17 -5.26
CA CYS B 18 -11.39 -33.03 -6.34
C CYS B 18 -12.03 -34.30 -5.82
N ILE B 19 -11.37 -34.95 -4.88
CA ILE B 19 -11.89 -36.20 -4.35
C ILE B 19 -13.26 -35.95 -3.74
N HIS B 20 -13.37 -34.90 -2.93
CA HIS B 20 -14.60 -34.64 -2.18
C HIS B 20 -15.78 -34.31 -3.08
N GLU B 21 -15.62 -33.30 -3.92
CA GLU B 21 -16.73 -32.90 -4.80
C GLU B 21 -17.16 -34.03 -5.74
N ARG B 22 -16.20 -34.84 -6.18
CA ARG B 22 -16.54 -35.97 -7.07
C ARG B 22 -17.19 -37.16 -6.34
N TYR B 23 -16.99 -37.29 -5.02
CA TYR B 23 -17.43 -38.51 -4.34
C TYR B 23 -18.19 -38.36 -3.01
N HIS B 24 -18.56 -37.14 -2.64
CA HIS B 24 -19.35 -36.96 -1.41
C HIS B 24 -20.72 -37.58 -1.55
N SER B 25 -21.29 -37.47 -2.75
CA SER B 25 -22.64 -37.97 -3.04
C SER B 25 -22.73 -39.49 -3.07
N VAL B 26 -21.69 -40.15 -3.59
CA VAL B 26 -21.76 -41.59 -3.81
C VAL B 26 -21.37 -42.45 -2.61
N LEU B 27 -20.60 -41.89 -1.67
CA LEU B 27 -20.19 -42.65 -0.50
C LEU B 27 -20.97 -42.31 0.75
N GLN B 28 -21.49 -43.35 1.39
CA GLN B 28 -22.33 -43.21 2.58
C GLN B 28 -21.61 -42.42 3.67
N PRO B 29 -20.48 -42.95 4.18
CA PRO B 29 -19.65 -42.16 5.08
C PRO B 29 -18.33 -41.73 4.45
N LEU B 30 -18.35 -40.86 3.44
CA LEU B 30 -17.08 -40.30 2.95
C LEU B 30 -16.55 -39.26 3.94
N ASP B 31 -15.51 -39.66 4.66
CA ASP B 31 -14.93 -38.83 5.71
C ASP B 31 -13.45 -38.54 5.43
N ILE B 32 -13.18 -37.35 4.89
CA ILE B 32 -11.84 -36.97 4.49
C ILE B 32 -11.15 -36.12 5.55
N LYS B 33 -9.85 -36.37 5.75
CA LYS B 33 -9.04 -35.67 6.75
C LYS B 33 -7.68 -35.27 6.16
N VAL B 34 -7.14 -34.14 6.61
CA VAL B 34 -5.84 -33.71 6.15
C VAL B 34 -4.86 -33.67 7.31
N TYR B 35 -3.75 -34.41 7.18
CA TYR B 35 -2.61 -34.28 8.10
C TYR B 35 -1.45 -33.58 7.41
N ALA B 36 -0.96 -32.53 8.06
CA ALA B 36 0.15 -31.75 7.54
C ALA B 36 1.06 -31.24 8.65
N ASP B 37 2.35 -31.19 8.35
CA ASP B 37 3.37 -30.78 9.30
C ASP B 37 3.53 -29.26 9.26
N ARG B 38 3.21 -28.68 8.09
CA ARG B 38 3.22 -27.24 7.85
C ARG B 38 1.95 -26.83 7.11
N PHE B 39 1.43 -25.65 7.38
CA PHE B 39 0.16 -25.28 6.78
C PHE B 39 0.21 -23.98 6.01
N THR B 40 -0.81 -23.79 5.19
CA THR B 40 -1.13 -22.58 4.40
C THR B 40 -0.19 -21.39 4.38
N PRO B 41 0.22 -20.86 5.55
CA PRO B 41 1.28 -19.82 5.47
C PRO B 41 2.75 -20.26 5.26
N LEU B 42 3.14 -21.46 5.71
CA LEU B 42 4.55 -21.91 5.71
C LEU B 42 4.90 -23.10 4.78
N THR B 43 4.26 -23.20 3.62
CA THR B 43 4.57 -24.28 2.68
C THR B 43 5.43 -23.78 1.52
N THR B 44 6.02 -24.72 0.78
CA THR B 44 6.78 -24.38 -0.43
C THR B 44 5.88 -23.67 -1.41
N THR B 45 4.65 -24.21 -1.53
CA THR B 45 3.58 -23.67 -2.37
C THR B 45 3.36 -22.19 -2.08
N ASP B 46 3.86 -21.72 -0.95
CA ASP B 46 3.72 -20.32 -0.53
C ASP B 46 4.82 -19.40 -1.02
N VAL B 47 5.88 -20.01 -1.57
CA VAL B 47 7.01 -19.28 -2.12
C VAL B 47 6.90 -19.20 -3.66
N ALA B 48 5.91 -19.91 -4.21
CA ALA B 48 5.72 -19.98 -5.65
C ALA B 48 5.05 -18.73 -6.21
N ALA B 49 5.78 -17.99 -7.06
CA ALA B 49 5.22 -16.84 -7.78
C ALA B 49 3.86 -17.16 -8.40
N GLY B 50 3.71 -18.41 -8.85
CA GLY B 50 2.44 -18.89 -9.35
C GLY B 50 2.26 -18.80 -10.85
N LEU B 51 3.33 -18.45 -11.58
CA LEU B 51 3.25 -18.33 -13.04
C LEU B 51 3.02 -19.68 -13.71
N TRP B 52 1.91 -19.79 -14.45
CA TRP B 52 1.66 -20.93 -15.30
C TRP B 52 2.60 -20.94 -16.49
N GLN B 53 3.47 -21.95 -16.53
CA GLN B 53 4.35 -22.23 -17.66
C GLN B 53 5.16 -23.49 -17.38
N PRO B 54 4.91 -24.58 -18.13
CA PRO B 54 5.68 -25.82 -17.94
C PRO B 54 7.09 -25.70 -18.52
N TYR B 55 7.83 -26.81 -18.63
CA TYR B 55 9.17 -26.76 -19.20
C TYR B 55 9.13 -26.39 -20.69
N LEU B 56 10.30 -26.21 -21.29
CA LEU B 56 10.36 -25.86 -22.69
C LEU B 56 10.39 -27.14 -23.53
N SER B 57 11.27 -28.06 -23.17
CA SER B 57 11.39 -29.37 -23.82
C SER B 57 10.37 -30.36 -23.25
N ASP B 58 9.64 -31.04 -24.14
CA ASP B 58 8.61 -32.03 -23.78
C ASP B 58 9.06 -32.97 -22.65
N PRO B 59 8.13 -33.30 -21.73
CA PRO B 59 8.47 -34.05 -20.52
C PRO B 59 8.63 -35.55 -20.78
N ASN B 60 8.57 -36.36 -19.73
CA ASN B 60 8.48 -37.80 -19.88
C ASN B 60 7.05 -38.17 -20.28
N ASN B 61 6.29 -38.68 -19.30
CA ASN B 61 4.87 -38.97 -19.43
C ASN B 61 4.13 -37.88 -20.23
N PRO B 62 3.82 -38.15 -21.52
CA PRO B 62 3.15 -37.12 -22.33
C PRO B 62 1.79 -36.80 -21.74
N GLN B 63 1.34 -37.65 -20.83
CA GLN B 63 0.13 -37.42 -20.05
C GLN B 63 0.26 -36.17 -19.14
N GLU B 64 1.48 -35.86 -18.73
CA GLU B 64 1.74 -34.62 -17.99
C GLU B 64 1.26 -33.42 -18.78
N ALA B 65 1.74 -33.30 -20.02
CA ALA B 65 1.36 -32.20 -20.92
C ALA B 65 -0.16 -32.02 -21.00
N ASP B 66 -0.90 -33.13 -20.93
CA ASP B 66 -2.36 -33.08 -20.89
C ASP B 66 -2.84 -32.44 -19.58
N TRP B 67 -2.13 -32.70 -18.49
CA TRP B 67 -2.53 -32.23 -17.16
C TRP B 67 -2.40 -30.71 -17.05
N SER B 68 -1.28 -30.16 -17.53
CA SER B 68 -1.07 -28.71 -17.56
C SER B 68 -2.15 -28.01 -18.39
N GLN B 69 -2.53 -28.66 -19.48
CA GLN B 69 -3.62 -28.23 -20.35
C GLN B 69 -4.95 -28.13 -19.58
N GLN B 70 -5.33 -29.20 -18.90
CA GLN B 70 -6.54 -29.20 -18.08
C GLN B 70 -6.51 -28.08 -17.07
N THR B 71 -5.39 -27.96 -16.36
CA THR B 71 -5.17 -26.89 -15.38
C THR B 71 -5.39 -25.49 -15.99
N PHE B 72 -4.77 -25.26 -17.16
CA PHE B 72 -4.84 -23.97 -17.84
C PHE B 72 -6.23 -23.57 -18.33
N ASP B 73 -6.98 -24.53 -18.85
CA ASP B 73 -8.36 -24.25 -19.27
C ASP B 73 -9.28 -24.10 -18.06
N TYR B 74 -9.02 -24.85 -16.99
CA TYR B 74 -9.80 -24.71 -15.78
C TYR B 74 -9.67 -23.30 -15.21
N LEU B 75 -8.43 -22.82 -15.11
CA LEU B 75 -8.16 -21.53 -14.49
C LEU B 75 -8.66 -20.39 -15.39
N LEU B 76 -8.29 -20.43 -16.66
CA LEU B 76 -8.79 -19.45 -17.62
C LEU B 76 -10.31 -19.26 -17.55
N SER B 77 -11.03 -20.35 -17.27
CA SER B 77 -12.50 -20.31 -17.27
C SER B 77 -13.07 -19.57 -16.06
N HIS B 78 -12.22 -19.24 -15.09
CA HIS B 78 -12.67 -18.60 -13.86
C HIS B 78 -11.96 -17.27 -13.63
N VAL B 79 -11.15 -16.88 -14.60
CA VAL B 79 -10.42 -15.61 -14.55
C VAL B 79 -11.34 -14.39 -14.33
N HIS B 80 -12.61 -14.53 -14.68
CA HIS B 80 -13.57 -13.45 -14.53
C HIS B 80 -14.66 -13.75 -13.51
N SER B 81 -14.45 -14.80 -12.74
CA SER B 81 -15.42 -15.22 -11.72
C SER B 81 -15.47 -14.21 -10.55
N PRO B 82 -16.58 -14.20 -9.77
CA PRO B 82 -16.60 -13.27 -8.63
C PRO B 82 -15.50 -13.56 -7.62
N ASN B 83 -15.02 -14.81 -7.60
CA ASN B 83 -14.05 -15.27 -6.59
C ASN B 83 -12.63 -15.48 -7.14
N ALA B 84 -12.38 -14.96 -8.34
CA ALA B 84 -11.05 -15.01 -8.97
C ALA B 84 -9.97 -14.36 -8.11
N GLU B 85 -10.38 -13.44 -7.25
CA GLU B 85 -9.45 -12.64 -6.46
C GLU B 85 -9.02 -13.40 -5.19
N ASN B 86 -9.96 -14.13 -4.60
CA ASN B 86 -9.67 -14.98 -3.45
C ASN B 86 -8.80 -16.15 -3.85
N LEU B 87 -9.01 -16.66 -5.05
CA LEU B 87 -8.15 -17.67 -5.64
C LEU B 87 -6.73 -17.17 -5.83
N GLY B 88 -6.58 -15.85 -6.03
CA GLY B 88 -5.30 -15.24 -6.39
C GLY B 88 -4.95 -15.39 -7.87
N LEU B 89 -5.99 -15.37 -8.72
CA LEU B 89 -5.92 -15.74 -10.13
C LEU B 89 -5.98 -14.51 -11.01
N PHE B 90 -5.07 -14.42 -11.98
CA PHE B 90 -5.17 -13.32 -12.93
C PHE B 90 -4.37 -13.58 -14.20
N LEU B 91 -4.62 -12.74 -15.21
CA LEU B 91 -3.91 -12.78 -16.48
C LEU B 91 -2.67 -11.93 -16.44
N ILE B 92 -1.62 -12.39 -17.11
CA ILE B 92 -0.39 -11.63 -17.17
C ILE B 92 0.44 -11.99 -18.42
N SER B 93 0.65 -11.02 -19.30
CA SER B 93 1.49 -11.23 -20.48
C SER B 93 2.94 -11.00 -20.13
N GLY B 94 3.85 -11.53 -20.94
CA GLY B 94 5.26 -11.36 -20.70
C GLY B 94 6.19 -12.02 -21.70
N TYR B 95 7.48 -11.82 -21.48
CA TYR B 95 8.55 -12.22 -22.36
C TYR B 95 9.20 -13.51 -21.88
N ASN B 96 9.92 -14.17 -22.79
CA ASN B 96 10.81 -15.31 -22.55
C ASN B 96 12.05 -15.03 -23.38
N LEU B 97 13.22 -14.98 -22.74
CA LEU B 97 14.43 -14.55 -23.46
C LEU B 97 15.46 -15.67 -23.63
N PHE B 98 15.87 -15.84 -24.87
CA PHE B 98 16.83 -16.84 -25.25
C PHE B 98 17.98 -16.15 -25.97
N HIS B 99 19.14 -16.80 -26.02
CA HIS B 99 20.27 -16.24 -26.71
C HIS B 99 20.17 -16.45 -28.23
N GLU B 100 20.09 -17.71 -28.66
CA GLU B 100 19.98 -18.01 -30.09
C GLU B 100 18.57 -18.45 -30.41
N ALA B 101 18.25 -18.53 -31.70
CA ALA B 101 16.95 -19.04 -32.14
C ALA B 101 16.81 -20.49 -31.68
N ILE B 102 15.56 -20.91 -31.42
CA ILE B 102 15.27 -22.17 -30.71
C ILE B 102 13.82 -22.64 -30.95
N PRO B 103 13.60 -23.95 -31.07
CA PRO B 103 12.24 -24.42 -31.40
C PRO B 103 11.15 -24.08 -30.37
N ASP B 104 9.95 -23.74 -30.87
CA ASP B 104 8.77 -23.42 -30.03
C ASP B 104 8.39 -24.46 -28.97
N PRO B 105 7.70 -24.03 -27.89
CA PRO B 105 7.32 -24.98 -26.86
C PRO B 105 6.15 -25.85 -27.34
N SER B 106 6.00 -27.02 -26.71
CA SER B 106 4.87 -27.88 -26.99
C SER B 106 3.56 -27.19 -26.64
N TRP B 107 3.57 -26.47 -25.50
CA TRP B 107 2.40 -25.72 -25.01
C TRP B 107 2.04 -24.46 -25.81
N LYS B 108 2.86 -24.08 -26.80
CA LYS B 108 2.64 -22.85 -27.58
C LYS B 108 1.18 -22.44 -27.80
N ASP B 109 0.28 -23.40 -27.97
CA ASP B 109 -1.14 -23.12 -28.30
C ASP B 109 -2.12 -23.22 -27.11
N THR B 110 -1.60 -23.48 -25.93
CA THR B 110 -2.38 -23.44 -24.70
C THR B 110 -2.43 -22.00 -24.19
N VAL B 111 -1.26 -21.36 -24.10
CA VAL B 111 -1.21 -19.95 -23.75
C VAL B 111 -1.93 -19.10 -24.81
N LEU B 112 -2.10 -17.81 -24.50
CA LEU B 112 -2.85 -16.89 -25.33
C LEU B 112 -1.88 -16.10 -26.18
N GLY B 113 -2.24 -15.95 -27.46
CA GLY B 113 -1.42 -15.23 -28.43
C GLY B 113 0.09 -15.44 -28.41
N PHE B 114 0.55 -16.69 -28.29
CA PHE B 114 1.97 -17.00 -28.37
C PHE B 114 2.58 -16.45 -29.66
N ARG B 115 3.81 -15.94 -29.61
CA ARG B 115 4.47 -15.43 -30.79
C ARG B 115 5.91 -15.10 -30.48
N LYS B 116 6.70 -14.81 -31.50
CA LYS B 116 8.11 -14.46 -31.28
C LYS B 116 8.27 -12.94 -31.13
N LEU B 117 9.20 -12.55 -30.27
CA LEU B 117 9.54 -11.14 -30.06
C LEU B 117 10.00 -10.49 -31.35
N THR B 118 9.48 -9.29 -31.63
CA THR B 118 9.88 -8.52 -32.81
C THR B 118 11.16 -7.74 -32.48
N PRO B 119 12.09 -7.57 -33.45
CA PRO B 119 13.42 -6.97 -33.17
C PRO B 119 13.44 -5.83 -32.12
N ARG B 120 12.52 -4.87 -32.26
CA ARG B 120 12.36 -3.74 -31.31
C ARG B 120 12.17 -4.17 -29.84
N GLU B 121 11.31 -5.16 -29.63
CA GLU B 121 11.14 -5.78 -28.32
C GLU B 121 12.47 -6.35 -27.83
N LEU B 122 13.19 -7.02 -28.71
CA LEU B 122 14.46 -7.61 -28.36
C LEU B 122 15.50 -6.53 -28.08
N ASP B 123 15.25 -5.34 -28.57
CA ASP B 123 16.15 -4.21 -28.31
C ASP B 123 16.01 -3.70 -26.89
N MET B 124 14.89 -4.03 -26.26
CA MET B 124 14.67 -3.73 -24.85
C MET B 124 15.59 -4.56 -23.96
N PHE B 125 15.90 -5.76 -24.39
CA PHE B 125 16.81 -6.63 -23.66
C PHE B 125 18.05 -6.88 -24.51
N PRO B 126 19.09 -6.04 -24.33
CA PRO B 126 20.32 -6.12 -25.11
C PRO B 126 21.05 -7.45 -24.99
N ASP B 127 21.00 -8.07 -23.81
CA ASP B 127 21.67 -9.35 -23.54
C ASP B 127 21.02 -10.60 -24.15
N TYR B 128 19.85 -10.44 -24.77
CA TYR B 128 19.13 -11.58 -25.36
C TYR B 128 18.78 -11.30 -26.80
N GLY B 129 19.04 -12.27 -27.67
CA GLY B 129 18.89 -12.09 -29.11
C GLY B 129 17.63 -12.72 -29.69
N TYR B 130 16.90 -13.49 -28.89
CA TYR B 130 15.69 -14.12 -29.40
C TYR B 130 14.72 -14.51 -28.26
N GLY B 131 13.41 -14.52 -28.54
CA GLY B 131 12.48 -15.01 -27.53
C GLY B 131 11.01 -15.03 -27.90
N TRP B 132 10.18 -15.42 -26.93
CA TRP B 132 8.72 -15.49 -27.07
C TRP B 132 8.00 -14.34 -26.34
N PHE B 133 6.69 -14.25 -26.58
CA PHE B 133 5.80 -13.34 -25.89
C PHE B 133 4.43 -13.97 -25.91
N HIS B 134 3.78 -14.01 -24.76
CA HIS B 134 2.41 -14.52 -24.69
C HIS B 134 1.72 -14.02 -23.44
N THR B 135 0.38 -14.04 -23.46
CA THR B 135 -0.41 -13.79 -22.26
C THR B 135 -0.51 -15.12 -21.52
N SER B 136 -0.55 -15.08 -20.19
CA SER B 136 -0.57 -16.32 -19.40
C SER B 136 -1.34 -16.12 -18.11
N LEU B 137 -1.16 -17.02 -17.14
CA LEU B 137 -1.85 -16.90 -15.84
C LEU B 137 -0.91 -17.00 -14.65
N ILE B 138 -1.29 -16.32 -13.57
CA ILE B 138 -0.68 -16.50 -12.27
C ILE B 138 -1.73 -17.02 -11.30
N LEU B 139 -1.33 -18.00 -10.49
CA LEU B 139 -2.13 -18.46 -9.37
C LEU B 139 -1.26 -18.31 -8.13
N GLU B 140 -1.29 -17.13 -7.50
CA GLU B 140 -0.46 -16.86 -6.32
C GLU B 140 -0.75 -17.99 -5.37
N GLY B 141 0.31 -18.75 -5.04
CA GLY B 141 0.21 -19.95 -4.20
C GLY B 141 -0.44 -19.74 -2.85
N LYS B 142 -0.19 -18.57 -2.25
CA LYS B 142 -0.71 -18.27 -0.92
C LYS B 142 -2.21 -18.06 -0.94
N ASN B 143 -2.66 -17.04 -1.66
CA ASN B 143 -4.09 -16.77 -1.82
C ASN B 143 -4.87 -18.04 -2.18
N TYR B 144 -4.27 -18.85 -3.07
CA TYR B 144 -4.91 -20.07 -3.53
C TYR B 144 -5.07 -21.06 -2.38
N LEU B 145 -3.96 -21.28 -1.69
CA LEU B 145 -3.91 -22.17 -0.56
C LEU B 145 -4.94 -21.81 0.52
N GLN B 146 -5.17 -20.52 0.72
CA GLN B 146 -6.16 -20.03 1.67
C GLN B 146 -7.58 -20.28 1.15
N TRP B 147 -7.78 -20.04 -0.13
CA TRP B 147 -9.07 -20.29 -0.74
C TRP B 147 -9.44 -21.77 -0.60
N LEU B 148 -8.53 -22.67 -0.99
CA LEU B 148 -8.80 -24.11 -0.90
C LEU B 148 -9.19 -24.46 0.52
N THR B 149 -8.34 -24.05 1.46
CA THR B 149 -8.58 -24.29 2.86
C THR B 149 -10.03 -24.02 3.23
N GLU B 150 -10.54 -22.84 2.91
CA GLU B 150 -11.93 -22.51 3.23
C GLU B 150 -12.89 -23.45 2.54
N ARG B 151 -12.70 -23.66 1.25
CA ARG B 151 -13.50 -24.62 0.50
C ARG B 151 -13.54 -25.96 1.22
N LEU B 152 -12.37 -26.52 1.52
CA LEU B 152 -12.28 -27.78 2.24
C LEU B 152 -12.96 -27.70 3.61
N THR B 153 -12.68 -26.65 4.37
CA THR B 153 -13.25 -26.47 5.72
C THR B 153 -14.77 -26.43 5.66
N GLU B 154 -15.30 -25.75 4.64
CA GLU B 154 -16.74 -25.71 4.33
C GLU B 154 -17.31 -27.08 3.99
N ARG B 155 -16.51 -27.90 3.32
CA ARG B 155 -16.95 -29.22 2.91
C ARG B 155 -16.77 -30.23 4.05
N GLY B 156 -16.38 -29.71 5.22
CA GLY B 156 -16.22 -30.51 6.43
C GLY B 156 -14.95 -31.35 6.53
N VAL B 157 -13.98 -31.06 5.66
CA VAL B 157 -12.67 -31.71 5.76
C VAL B 157 -11.91 -31.15 6.96
N LYS B 158 -11.45 -32.04 7.84
CA LYS B 158 -10.82 -31.64 9.08
C LYS B 158 -9.30 -31.60 8.93
N PHE B 159 -8.68 -30.64 9.61
CA PHE B 159 -7.24 -30.44 9.48
C PHE B 159 -6.56 -30.72 10.82
N PHE B 160 -5.40 -31.37 10.74
CA PHE B 160 -4.65 -31.70 11.94
C PHE B 160 -3.20 -31.46 11.66
N GLN B 161 -2.53 -30.77 12.57
CA GLN B 161 -1.13 -30.45 12.38
C GLN B 161 -0.31 -31.52 13.05
N ARG B 162 0.14 -32.49 12.26
CA ARG B 162 0.94 -33.58 12.78
C ARG B 162 1.94 -34.10 11.76
N LYS B 163 3.04 -34.63 12.27
CA LYS B 163 4.03 -35.30 11.46
C LYS B 163 3.69 -36.78 11.39
N VAL B 164 3.35 -37.23 10.19
CA VAL B 164 3.08 -38.64 9.92
C VAL B 164 4.44 -39.31 9.86
N GLU B 165 4.63 -40.34 10.68
CA GLU B 165 5.90 -41.03 10.74
C GLU B 165 6.00 -42.15 9.70
N SER B 166 4.86 -42.79 9.39
CA SER B 166 4.85 -43.88 8.40
C SER B 166 3.45 -44.10 7.84
N PHE B 167 3.36 -44.64 6.63
CA PHE B 167 2.05 -44.87 6.02
C PHE B 167 1.21 -45.69 6.99
N GLU B 168 1.82 -46.76 7.48
CA GLU B 168 1.18 -47.75 8.36
C GLU B 168 0.59 -47.12 9.63
N GLU B 169 1.34 -46.22 10.27
CA GLU B 169 0.84 -45.44 11.39
C GLU B 169 -0.56 -44.93 11.12
N VAL B 170 -0.75 -44.36 9.93
CA VAL B 170 -2.02 -43.77 9.53
C VAL B 170 -3.04 -44.85 9.16
N ALA B 171 -2.55 -45.96 8.60
CA ALA B 171 -3.38 -47.11 8.28
C ALA B 171 -3.85 -47.78 9.57
N ARG B 172 -2.90 -48.11 10.45
CA ARG B 172 -3.20 -48.69 11.77
C ARG B 172 -4.35 -47.98 12.49
N GLU B 173 -4.39 -46.66 12.41
CA GLU B 173 -5.44 -45.92 13.11
C GLU B 173 -6.78 -45.76 12.37
N GLY B 174 -6.90 -46.33 11.17
CA GLY B 174 -8.22 -46.41 10.53
C GLY B 174 -8.41 -46.07 9.07
N ALA B 175 -7.40 -45.46 8.45
CA ALA B 175 -7.47 -45.09 7.03
C ALA B 175 -7.81 -46.27 6.13
N ASP B 176 -8.60 -46.01 5.10
CA ASP B 176 -8.89 -47.00 4.07
C ASP B 176 -8.18 -46.60 2.79
N VAL B 177 -7.93 -45.30 2.64
CA VAL B 177 -7.14 -44.76 1.53
C VAL B 177 -6.21 -43.67 2.05
N ILE B 178 -4.97 -43.66 1.58
CA ILE B 178 -3.99 -42.66 2.00
C ILE B 178 -3.41 -41.90 0.81
N VAL B 179 -3.97 -40.71 0.53
CA VAL B 179 -3.52 -39.88 -0.59
C VAL B 179 -2.23 -39.20 -0.16
N ASN B 180 -1.15 -39.52 -0.86
CA ASN B 180 0.19 -39.10 -0.41
C ASN B 180 0.75 -37.87 -1.14
N CYS B 181 0.54 -36.71 -0.54
CA CYS B 181 0.92 -35.45 -1.18
C CYS B 181 1.96 -34.71 -0.36
N THR B 182 3.00 -35.45 0.01
CA THR B 182 4.04 -34.97 0.91
C THR B 182 5.15 -34.16 0.20
N GLY B 183 4.92 -33.85 -1.07
CA GLY B 183 5.87 -33.08 -1.89
C GLY B 183 7.33 -33.52 -1.76
N VAL B 184 8.24 -32.56 -1.74
CA VAL B 184 9.68 -32.89 -1.70
C VAL B 184 10.07 -33.82 -0.54
N TRP B 185 9.29 -33.82 0.54
CA TRP B 185 9.64 -34.61 1.71
C TRP B 185 9.11 -36.04 1.63
N ALA B 186 8.52 -36.39 0.48
CA ALA B 186 7.96 -37.72 0.26
C ALA B 186 8.87 -38.89 0.65
N GLY B 187 10.19 -38.69 0.50
CA GLY B 187 11.18 -39.74 0.75
C GLY B 187 11.11 -40.33 2.15
N ALA B 188 11.02 -39.47 3.15
CA ALA B 188 10.98 -39.89 4.55
C ALA B 188 9.82 -40.83 4.87
N LEU B 189 9.09 -41.26 3.84
CA LEU B 189 7.98 -42.16 4.06
C LEU B 189 8.13 -43.43 3.24
N GLN B 190 8.79 -43.32 2.10
CA GLN B 190 9.03 -44.45 1.23
C GLN B 190 10.15 -44.06 0.28
N ARG B 191 11.32 -44.68 0.49
CA ARG B 191 12.51 -44.55 -0.36
C ARG B 191 12.18 -44.21 -1.81
N ASP B 192 12.76 -43.10 -2.27
CA ASP B 192 12.64 -42.68 -3.66
C ASP B 192 13.88 -41.89 -4.03
N PRO B 193 14.90 -42.57 -4.56
CA PRO B 193 16.19 -41.93 -4.91
C PRO B 193 16.04 -40.84 -5.96
N LEU B 194 15.05 -40.95 -6.82
CA LEU B 194 14.86 -39.99 -7.91
C LEU B 194 14.41 -38.61 -7.43
N LEU B 195 13.57 -38.57 -6.40
CA LEU B 195 13.12 -37.31 -5.80
C LEU B 195 14.28 -36.51 -5.24
N GLN B 196 14.26 -35.20 -5.44
CA GLN B 196 15.38 -34.35 -5.06
C GLN B 196 14.94 -32.92 -4.77
N PRO B 197 15.59 -32.25 -3.82
CA PRO B 197 15.21 -30.86 -3.64
C PRO B 197 15.89 -29.98 -4.70
N GLY B 198 15.06 -29.36 -5.54
CA GLY B 198 15.52 -28.29 -6.42
C GLY B 198 15.42 -26.97 -5.68
N ARG B 199 16.45 -26.66 -4.88
CA ARG B 199 16.38 -25.50 -4.01
C ARG B 199 16.29 -24.21 -4.80
N GLY B 200 15.46 -23.30 -4.30
CA GLY B 200 15.31 -21.98 -4.90
C GLY B 200 15.13 -20.89 -3.88
N GLN B 201 15.52 -19.68 -4.25
CA GLN B 201 15.40 -18.51 -3.39
C GLN B 201 14.77 -17.38 -4.18
N ILE B 202 13.80 -16.68 -3.57
CA ILE B 202 13.15 -15.55 -4.22
C ILE B 202 13.30 -14.29 -3.39
N MET B 203 12.96 -13.18 -4.05
CA MET B 203 13.03 -11.84 -3.49
C MET B 203 11.73 -11.14 -3.84
N LYS B 204 10.91 -10.86 -2.84
CA LYS B 204 9.70 -10.08 -3.10
C LYS B 204 10.09 -8.63 -3.05
N VAL B 205 9.68 -7.86 -4.06
CA VAL B 205 10.11 -6.46 -4.20
C VAL B 205 8.92 -5.60 -4.58
N ASP B 206 9.05 -4.30 -4.38
CA ASP B 206 7.93 -3.38 -4.57
C ASP B 206 8.16 -2.47 -5.78
N ALA B 207 7.59 -2.87 -6.92
CA ALA B 207 7.81 -2.21 -8.20
C ALA B 207 6.54 -2.29 -9.06
N PRO B 208 5.46 -1.62 -8.61
CA PRO B 208 4.13 -1.82 -9.20
C PRO B 208 4.02 -1.44 -10.69
N TRP B 209 5.02 -0.73 -11.22
CA TRP B 209 4.99 -0.28 -12.61
C TRP B 209 5.27 -1.39 -13.62
N MET B 210 5.79 -2.51 -13.12
CA MET B 210 6.04 -3.68 -13.94
C MET B 210 4.74 -4.42 -14.22
N LYS B 211 4.42 -4.58 -15.50
CA LYS B 211 3.17 -5.17 -15.91
C LYS B 211 3.38 -6.51 -16.61
N HIS B 212 4.65 -6.84 -16.88
CA HIS B 212 4.98 -8.06 -17.59
C HIS B 212 5.97 -8.92 -16.80
N PHE B 213 5.80 -10.24 -16.87
CA PHE B 213 6.85 -11.18 -16.43
C PHE B 213 7.96 -11.27 -17.49
N ILE B 214 9.19 -11.44 -17.05
CA ILE B 214 10.35 -11.57 -17.93
C ILE B 214 11.11 -12.78 -17.43
N LEU B 215 11.08 -13.88 -18.17
CA LEU B 215 11.86 -15.07 -17.83
C LEU B 215 13.01 -15.18 -18.81
N THR B 216 14.21 -15.49 -18.30
CA THR B 216 15.40 -15.67 -19.14
C THR B 216 15.83 -17.14 -19.20
N HIS B 217 16.59 -17.45 -20.25
CA HIS B 217 17.07 -18.80 -20.48
C HIS B 217 18.53 -18.78 -20.91
N ASP B 218 19.30 -19.64 -20.28
CA ASP B 218 20.74 -19.66 -20.46
C ASP B 218 21.17 -21.08 -20.13
N PRO B 219 21.54 -21.86 -21.15
CA PRO B 219 21.91 -23.28 -20.99
C PRO B 219 23.10 -23.52 -20.04
N GLU B 220 24.04 -22.56 -20.01
CA GLU B 220 25.20 -22.63 -19.11
C GLU B 220 24.80 -22.84 -17.65
N ARG B 221 23.52 -22.63 -17.35
CA ARG B 221 22.97 -22.68 -15.97
C ARG B 221 21.66 -23.48 -15.83
N GLY B 222 20.99 -23.75 -16.95
CA GLY B 222 19.81 -24.63 -16.98
C GLY B 222 18.55 -24.05 -16.35
N ILE B 223 17.45 -24.79 -16.48
CA ILE B 223 16.11 -24.35 -16.04
C ILE B 223 16.09 -23.76 -14.63
N TYR B 224 15.26 -22.73 -14.47
CA TYR B 224 15.02 -22.03 -13.20
C TYR B 224 16.22 -21.22 -12.68
N ASN B 225 17.35 -21.28 -13.40
CA ASN B 225 18.60 -20.73 -12.89
C ASN B 225 19.17 -19.49 -13.60
N SER B 226 18.26 -18.70 -14.18
CA SER B 226 18.63 -17.41 -14.76
C SER B 226 17.57 -16.39 -14.39
N PRO B 227 17.94 -15.09 -14.34
CA PRO B 227 17.05 -14.05 -13.82
C PRO B 227 15.62 -14.13 -14.32
N TYR B 228 14.67 -14.18 -13.41
CA TYR B 228 13.27 -14.06 -13.77
C TYR B 228 12.52 -13.04 -12.90
N ILE B 229 11.48 -12.47 -13.49
CA ILE B 229 10.74 -11.36 -12.90
C ILE B 229 9.24 -11.67 -13.06
N ILE B 230 8.57 -11.92 -11.94
CA ILE B 230 7.15 -12.23 -12.00
C ILE B 230 6.35 -11.27 -11.10
N PRO B 231 5.67 -10.29 -11.73
CA PRO B 231 4.70 -9.42 -11.07
C PRO B 231 3.54 -10.16 -10.39
N GLY B 232 3.58 -10.24 -9.06
CA GLY B 232 2.41 -10.68 -8.26
C GLY B 232 1.42 -9.53 -8.10
N THR B 233 0.38 -9.77 -7.31
CA THR B 233 -0.61 -8.75 -7.06
C THR B 233 -0.09 -7.64 -6.14
N GLN B 234 0.51 -8.00 -5.02
CA GLN B 234 0.90 -6.99 -4.06
C GLN B 234 2.31 -6.54 -4.32
N THR B 235 3.10 -7.46 -4.86
CA THR B 235 4.55 -7.29 -4.96
C THR B 235 5.11 -8.02 -6.19
N VAL B 236 6.27 -7.59 -6.66
CA VAL B 236 6.96 -8.27 -7.76
C VAL B 236 7.94 -9.31 -7.19
N THR B 237 7.95 -10.50 -7.79
CA THR B 237 8.87 -11.57 -7.43
C THR B 237 10.13 -11.53 -8.30
N LEU B 238 11.29 -11.50 -7.64
CA LEU B 238 12.57 -11.61 -8.32
C LEU B 238 13.11 -12.97 -8.01
N GLY B 239 13.84 -13.56 -8.97
CA GLY B 239 14.38 -14.90 -8.80
C GLY B 239 15.39 -15.32 -9.84
N GLY B 240 15.62 -16.63 -9.90
CA GLY B 240 16.58 -17.24 -10.83
C GLY B 240 17.52 -18.24 -10.18
N ILE B 241 17.03 -19.07 -9.26
CA ILE B 241 17.92 -19.97 -8.52
C ILE B 241 17.39 -21.37 -8.35
N PHE B 242 18.14 -22.29 -8.95
CA PHE B 242 17.86 -23.72 -8.88
C PHE B 242 19.13 -24.44 -8.48
N GLN B 243 19.05 -25.17 -7.36
CA GLN B 243 20.17 -25.93 -6.82
C GLN B 243 19.72 -27.34 -6.41
N LEU B 244 20.03 -28.32 -7.25
CA LEU B 244 19.70 -29.72 -6.93
C LEU B 244 20.49 -30.25 -5.75
N GLY B 245 19.78 -30.84 -4.80
CA GLY B 245 20.41 -31.55 -3.69
C GLY B 245 20.54 -30.73 -2.42
N ASN B 246 20.43 -29.41 -2.57
CA ASN B 246 20.56 -28.52 -1.44
C ASN B 246 19.30 -28.49 -0.58
N TRP B 247 19.48 -28.79 0.71
CA TRP B 247 18.36 -28.91 1.62
C TRP B 247 18.38 -27.80 2.66
N SER B 248 19.12 -26.72 2.40
CA SER B 248 19.15 -25.57 3.29
C SER B 248 17.93 -24.65 3.09
N GLU B 249 17.00 -24.70 4.05
CA GLU B 249 15.89 -23.76 4.07
C GLU B 249 16.36 -22.50 4.80
N LEU B 250 17.22 -21.73 4.15
CA LEU B 250 17.84 -20.56 4.76
C LEU B 250 18.29 -19.65 3.64
N ASN B 251 17.84 -18.40 3.70
CA ASN B 251 18.26 -17.41 2.70
C ASN B 251 19.77 -17.23 2.70
N ASN B 252 20.32 -17.13 1.50
CA ASN B 252 21.75 -17.08 1.26
C ASN B 252 22.18 -15.73 0.72
N ILE B 253 23.15 -15.10 1.37
CA ILE B 253 23.64 -13.76 0.97
C ILE B 253 24.30 -13.73 -0.42
N GLN B 254 24.78 -14.88 -0.88
CA GLN B 254 25.42 -14.94 -2.16
C GLN B 254 24.33 -15.09 -3.21
N ASP B 255 23.33 -15.91 -2.89
CA ASP B 255 22.13 -16.09 -3.71
C ASP B 255 21.35 -14.78 -3.92
N HIS B 256 21.07 -14.05 -2.83
CA HIS B 256 20.54 -12.67 -2.84
C HIS B 256 21.19 -11.82 -3.92
N ASN B 257 22.46 -11.48 -3.72
CA ASN B 257 23.22 -10.70 -4.72
C ASN B 257 23.00 -11.23 -6.13
N THR B 258 23.20 -12.53 -6.32
CA THR B 258 23.00 -13.17 -7.62
C THR B 258 21.64 -12.78 -8.22
N ILE B 259 20.57 -12.98 -7.45
CA ILE B 259 19.20 -12.61 -7.85
C ILE B 259 19.11 -11.10 -8.21
N TRP B 260 19.47 -10.27 -7.23
CA TRP B 260 19.35 -8.84 -7.35
C TRP B 260 20.16 -8.31 -8.52
N GLU B 261 21.39 -8.79 -8.65
CA GLU B 261 22.29 -8.34 -9.71
C GLU B 261 21.75 -8.79 -11.06
N GLY B 262 21.34 -10.04 -11.14
CA GLY B 262 20.81 -10.62 -12.36
C GLY B 262 19.56 -9.92 -12.85
N CYS B 263 18.71 -9.54 -11.91
CA CYS B 263 17.44 -8.94 -12.28
C CYS B 263 17.55 -7.45 -12.63
N CYS B 264 18.43 -6.74 -11.95
CA CYS B 264 18.64 -5.34 -12.27
C CYS B 264 19.25 -5.15 -13.67
N ARG B 265 19.93 -6.18 -14.15
CA ARG B 265 20.57 -6.14 -15.46
C ARG B 265 19.49 -6.31 -16.50
N LEU B 266 18.56 -7.24 -16.24
CA LEU B 266 17.48 -7.55 -17.14
C LEU B 266 16.57 -6.35 -17.34
N GLU B 267 16.16 -5.74 -16.24
CA GLU B 267 15.29 -4.56 -16.26
C GLU B 267 15.82 -3.55 -15.25
N PRO B 268 16.60 -2.55 -15.72
CA PRO B 268 17.26 -1.56 -14.86
C PRO B 268 16.37 -0.80 -13.87
N THR B 269 15.08 -0.66 -14.16
CA THR B 269 14.18 0.06 -13.26
C THR B 269 14.03 -0.60 -11.88
N LEU B 270 14.34 -1.89 -11.80
CA LEU B 270 14.31 -2.60 -10.51
C LEU B 270 15.32 -2.04 -9.53
N LYS B 271 16.33 -1.37 -10.09
CA LYS B 271 17.47 -0.86 -9.32
C LYS B 271 17.00 0.04 -8.18
N ASN B 272 15.81 0.62 -8.35
CA ASN B 272 15.20 1.48 -7.35
C ASN B 272 13.90 0.94 -6.75
N ALA B 273 13.75 -0.37 -6.77
CA ALA B 273 12.64 -1.02 -6.09
C ALA B 273 13.02 -1.33 -4.66
N ARG B 274 12.07 -1.13 -3.74
CA ARG B 274 12.30 -1.39 -2.34
C ARG B 274 12.03 -2.86 -2.00
N ILE B 275 12.99 -3.49 -1.31
CA ILE B 275 12.95 -4.93 -1.04
C ILE B 275 12.05 -5.24 0.16
N ILE B 276 11.02 -6.06 -0.06
CA ILE B 276 10.02 -6.34 0.96
C ILE B 276 10.22 -7.67 1.64
N GLY B 277 10.41 -8.74 0.86
CA GLY B 277 10.67 -10.07 1.42
C GLY B 277 11.75 -10.86 0.72
N GLU B 278 12.06 -12.02 1.28
CA GLU B 278 13.18 -12.86 0.85
C GLU B 278 12.79 -14.25 1.34
N ARG B 279 12.81 -15.26 0.48
CA ARG B 279 12.28 -16.60 0.84
C ARG B 279 12.93 -17.76 0.07
N THR B 280 13.14 -18.88 0.76
CA THR B 280 13.74 -20.08 0.18
C THR B 280 12.68 -21.16 0.04
N GLY B 281 12.91 -22.11 -0.87
CA GLY B 281 11.96 -23.20 -1.09
C GLY B 281 12.57 -24.36 -1.86
N PHE B 282 11.89 -25.49 -1.81
CA PHE B 282 12.37 -26.72 -2.40
C PHE B 282 11.37 -27.24 -3.42
N ARG B 283 11.72 -27.13 -4.70
CA ARG B 283 10.97 -27.77 -5.77
C ARG B 283 11.17 -29.29 -5.66
N PRO B 284 10.07 -30.07 -5.51
CA PRO B 284 10.14 -31.55 -5.51
C PRO B 284 10.50 -32.12 -6.88
N VAL B 285 11.81 -32.13 -7.17
CA VAL B 285 12.32 -32.53 -8.49
C VAL B 285 12.37 -34.04 -8.63
N ARG B 286 11.79 -34.53 -9.73
CA ARG B 286 11.81 -35.95 -10.09
C ARG B 286 11.85 -36.12 -11.62
N PRO B 287 12.40 -37.24 -12.13
CA PRO B 287 12.31 -37.45 -13.57
C PRO B 287 10.89 -37.24 -14.08
N GLN B 288 9.91 -37.54 -13.24
CA GLN B 288 8.50 -37.31 -13.58
C GLN B 288 7.62 -37.46 -12.36
N ILE B 289 6.47 -36.81 -12.41
CA ILE B 289 5.49 -36.91 -11.34
C ILE B 289 5.18 -38.36 -11.13
N ARG B 290 5.22 -38.79 -9.87
CA ARG B 290 4.70 -40.08 -9.47
C ARG B 290 3.22 -39.89 -9.13
N LEU B 291 2.33 -40.41 -9.96
CA LEU B 291 0.91 -40.30 -9.69
C LEU B 291 0.26 -41.63 -9.96
N GLU B 292 0.27 -42.47 -8.94
CA GLU B 292 -0.10 -43.88 -9.06
C GLU B 292 -0.53 -44.42 -7.70
N ARG B 293 -1.28 -45.51 -7.73
CA ARG B 293 -1.70 -46.20 -6.51
C ARG B 293 -0.62 -47.16 -6.02
N GLU B 294 -0.91 -47.84 -4.91
CA GLU B 294 -0.04 -48.84 -4.33
C GLU B 294 -0.78 -49.47 -3.17
N GLN B 295 -0.95 -50.79 -3.22
CA GLN B 295 -1.53 -51.52 -2.09
C GLN B 295 -0.44 -51.69 -1.03
N LEU B 296 -0.60 -51.01 0.10
CA LEU B 296 0.35 -51.16 1.19
C LEU B 296 -0.19 -52.28 2.07
N ARG B 297 0.53 -53.39 2.11
CA ARG B 297 0.04 -54.58 2.78
C ARG B 297 0.34 -54.51 4.27
N THR B 298 -0.74 -54.30 5.03
CA THR B 298 -0.68 -54.08 6.47
C THR B 298 -1.07 -55.38 7.19
N GLY B 299 -1.94 -55.28 8.19
CA GLY B 299 -2.40 -56.43 8.97
C GLY B 299 -3.24 -57.45 8.17
N PRO B 300 -4.52 -57.61 8.56
CA PRO B 300 -5.41 -58.55 7.89
C PRO B 300 -5.48 -58.20 6.41
N SER B 301 -6.23 -57.14 6.09
CA SER B 301 -6.28 -56.60 4.75
C SER B 301 -5.16 -55.57 4.57
N ASN B 302 -5.27 -54.79 3.49
CA ASN B 302 -4.33 -53.71 3.23
C ASN B 302 -5.04 -52.42 2.88
N THR B 303 -4.30 -51.31 2.98
CA THR B 303 -4.84 -50.00 2.71
C THR B 303 -4.30 -49.43 1.40
N GLU B 304 -5.03 -48.49 0.84
CA GLU B 304 -4.74 -47.97 -0.48
C GLU B 304 -4.03 -46.62 -0.42
N VAL B 305 -2.90 -46.51 -1.09
CA VAL B 305 -2.09 -45.30 -1.08
C VAL B 305 -1.98 -44.66 -2.48
N ILE B 306 -2.66 -43.54 -2.68
CA ILE B 306 -2.50 -42.75 -3.89
C ILE B 306 -1.34 -41.80 -3.69
N HIS B 307 -0.29 -41.97 -4.49
CA HIS B 307 0.89 -41.11 -4.44
C HIS B 307 0.71 -39.94 -5.41
N ASN B 308 1.10 -38.75 -4.98
CA ASN B 308 0.94 -37.58 -5.81
C ASN B 308 1.97 -36.54 -5.41
N TYR B 309 3.20 -36.71 -5.91
CA TYR B 309 4.31 -35.81 -5.60
C TYR B 309 5.36 -35.81 -6.70
N GLY B 310 6.33 -34.91 -6.59
CA GLY B 310 7.41 -34.81 -7.56
C GLY B 310 7.17 -33.82 -8.69
N HIS B 311 6.38 -32.79 -8.39
CA HIS B 311 5.96 -31.81 -9.40
C HIS B 311 7.03 -30.73 -9.63
N GLY B 312 8.19 -30.91 -9.01
CA GLY B 312 9.35 -30.04 -9.23
C GLY B 312 9.04 -28.57 -9.24
N GLY B 313 9.20 -27.94 -10.41
CA GLY B 313 9.12 -26.50 -10.49
C GLY B 313 7.90 -26.03 -11.24
N TYR B 314 6.89 -26.90 -11.36
CA TYR B 314 5.68 -26.56 -12.11
C TYR B 314 4.38 -27.05 -11.44
N GLY B 315 4.46 -27.27 -10.12
CA GLY B 315 3.31 -27.66 -9.29
C GLY B 315 2.01 -26.90 -9.54
N LEU B 316 2.05 -25.58 -9.53
CA LEU B 316 0.85 -24.79 -9.77
C LEU B 316 0.38 -24.95 -11.20
N THR B 317 1.30 -24.79 -12.15
CA THR B 317 1.02 -24.95 -13.58
C THR B 317 0.23 -26.23 -13.90
N ILE B 318 0.42 -27.24 -13.05
CA ILE B 318 -0.04 -28.60 -13.32
C ILE B 318 -1.03 -29.17 -12.29
N HIS B 319 -1.15 -28.52 -11.14
CA HIS B 319 -1.90 -29.06 -10.01
C HIS B 319 -3.28 -29.66 -10.34
N TRP B 320 -4.09 -28.93 -11.10
CA TRP B 320 -5.47 -29.34 -11.35
C TRP B 320 -5.58 -30.63 -12.17
N GLY B 321 -4.67 -30.79 -13.13
CA GLY B 321 -4.57 -32.04 -13.89
C GLY B 321 -4.34 -33.21 -12.95
N CYS B 322 -3.25 -33.12 -12.18
CA CYS B 322 -2.88 -34.14 -11.21
C CYS B 322 -4.01 -34.46 -10.25
N ALA B 323 -4.58 -33.42 -9.67
CA ALA B 323 -5.70 -33.58 -8.73
C ALA B 323 -6.83 -34.40 -9.36
N LEU B 324 -7.24 -34.04 -10.58
CA LEU B 324 -8.27 -34.79 -11.29
C LEU B 324 -7.89 -36.25 -11.52
N GLU B 325 -6.61 -36.49 -11.78
CA GLU B 325 -6.11 -37.84 -12.00
C GLU B 325 -6.19 -38.68 -10.73
N ALA B 326 -5.82 -38.09 -9.60
CA ALA B 326 -5.80 -38.82 -8.34
C ALA B 326 -7.21 -39.19 -7.91
N ALA B 327 -8.16 -38.33 -8.26
CA ALA B 327 -9.59 -38.58 -7.99
C ALA B 327 -10.13 -39.69 -8.88
N LYS B 328 -9.59 -39.79 -10.09
CA LYS B 328 -9.93 -40.86 -10.99
C LYS B 328 -9.39 -42.16 -10.42
N LEU B 329 -8.11 -42.14 -10.06
CA LEU B 329 -7.45 -43.29 -9.43
C LEU B 329 -8.18 -43.67 -8.14
N PHE B 330 -8.64 -42.65 -7.40
CA PHE B 330 -9.45 -42.88 -6.21
C PHE B 330 -10.79 -43.50 -6.57
N GLY B 331 -11.28 -43.19 -7.77
CA GLY B 331 -12.55 -43.73 -8.25
C GLY B 331 -12.52 -45.24 -8.29
N ARG B 332 -11.49 -45.79 -8.92
CA ARG B 332 -11.36 -47.23 -9.12
C ARG B 332 -11.29 -47.97 -7.79
N ILE B 333 -10.34 -47.57 -6.93
CA ILE B 333 -10.32 -48.03 -5.56
C ILE B 333 -11.76 -48.27 -5.14
N LEU B 334 -12.61 -47.26 -5.33
CA LEU B 334 -14.01 -47.36 -5.00
C LEU B 334 -14.73 -48.53 -5.67
N GLU B 335 -14.67 -48.60 -6.99
CA GLU B 335 -15.42 -49.63 -7.71
C GLU B 335 -15.04 -51.04 -7.23
N GLU B 336 -13.73 -51.30 -7.17
CA GLU B 336 -13.18 -52.59 -6.75
C GLU B 336 -13.65 -53.05 -5.36
N LYS B 337 -13.76 -52.11 -4.42
CA LYS B 337 -14.25 -52.38 -3.07
C LYS B 337 -15.78 -52.52 -3.03
N LYS B 338 -16.40 -52.56 -4.21
CA LYS B 338 -17.87 -52.57 -4.35
C LYS B 338 -18.50 -51.44 -3.55
N LEU B 339 -18.12 -50.21 -3.88
CA LEU B 339 -18.62 -49.00 -3.22
C LEU B 339 -19.03 -47.94 -4.27
N SER B 340 -19.09 -48.39 -5.53
CA SER B 340 -19.43 -47.56 -6.69
C SER B 340 -20.92 -47.20 -6.73
N MET C 1 -38.74 28.83 -0.30
CA MET C 1 -37.43 29.04 0.37
C MET C 1 -36.27 28.49 -0.44
N ARG C 2 -35.63 29.35 -1.22
CA ARG C 2 -34.54 28.93 -2.10
C ARG C 2 -33.22 29.37 -1.47
N VAL C 3 -32.47 28.40 -0.93
CA VAL C 3 -31.19 28.67 -0.24
C VAL C 3 -29.97 28.43 -1.14
N VAL C 4 -29.07 29.40 -1.21
CA VAL C 4 -27.83 29.22 -1.99
C VAL C 4 -26.58 29.31 -1.13
N VAL C 5 -25.98 28.15 -0.89
CA VAL C 5 -24.67 28.04 -0.25
C VAL C 5 -23.58 28.18 -1.33
N ILE C 6 -22.68 29.13 -1.15
CA ILE C 6 -21.53 29.29 -2.05
C ILE C 6 -20.31 28.75 -1.34
N GLY C 7 -19.59 27.84 -1.98
CA GLY C 7 -18.38 27.28 -1.41
C GLY C 7 -18.57 25.82 -1.06
N ALA C 8 -17.64 24.97 -1.49
CA ALA C 8 -17.73 23.53 -1.23
C ALA C 8 -16.53 22.99 -0.46
N GLY C 9 -16.06 23.77 0.51
CA GLY C 9 -15.06 23.30 1.45
C GLY C 9 -15.79 22.75 2.66
N VAL C 10 -15.08 22.58 3.76
CA VAL C 10 -15.72 22.09 4.98
C VAL C 10 -16.79 23.03 5.50
N ILE C 11 -16.54 24.33 5.40
CA ILE C 11 -17.46 25.34 5.94
C ILE C 11 -18.77 25.37 5.12
N GLY C 12 -18.65 25.44 3.80
CA GLY C 12 -19.81 25.42 2.89
C GLY C 12 -20.65 24.15 3.00
N LEU C 13 -20.02 23.00 2.93
CA LEU C 13 -20.74 21.73 2.96
C LEU C 13 -21.34 21.43 4.33
N SER C 14 -20.53 21.50 5.39
CA SER C 14 -21.00 21.23 6.75
C SER C 14 -22.15 22.15 7.12
N THR C 15 -22.18 23.34 6.51
CA THR C 15 -23.27 24.29 6.73
C THR C 15 -24.52 23.85 5.96
N ALA C 16 -24.34 23.46 4.70
CA ALA C 16 -25.45 22.91 3.92
C ALA C 16 -26.17 21.82 4.69
N LEU C 17 -25.45 20.78 5.09
CA LEU C 17 -26.00 19.61 5.80
C LEU C 17 -26.72 20.02 7.06
N CYS C 18 -26.02 20.86 7.82
CA CYS C 18 -26.48 21.28 9.11
C CYS C 18 -27.76 22.11 8.98
N ILE C 19 -27.78 23.01 8.00
CA ILE C 19 -28.98 23.82 7.71
C ILE C 19 -30.15 22.95 7.25
N HIS C 20 -29.85 21.91 6.47
CA HIS C 20 -30.86 21.04 5.91
C HIS C 20 -31.51 20.20 7.01
N GLU C 21 -30.72 19.41 7.71
CA GLU C 21 -31.27 18.46 8.69
C GLU C 21 -32.05 19.16 9.81
N ARG C 22 -31.75 20.44 10.03
CA ARG C 22 -32.41 21.16 11.09
C ARG C 22 -33.67 21.88 10.61
N TYR C 23 -33.87 21.97 9.29
CA TYR C 23 -34.98 22.78 8.76
C TYR C 23 -35.81 22.18 7.62
N HIS C 24 -35.42 21.02 7.11
CA HIS C 24 -36.16 20.41 6.01
C HIS C 24 -37.55 20.00 6.49
N SER C 25 -37.65 19.70 7.78
CA SER C 25 -38.89 19.24 8.40
C SER C 25 -39.79 20.39 8.87
N VAL C 26 -39.44 21.62 8.49
CA VAL C 26 -40.23 22.79 8.90
C VAL C 26 -40.46 23.77 7.75
N LEU C 27 -40.01 23.41 6.55
CA LEU C 27 -40.29 24.19 5.34
C LEU C 27 -40.69 23.24 4.21
N GLN C 28 -41.77 23.57 3.49
CA GLN C 28 -42.24 22.70 2.41
C GLN C 28 -41.34 22.79 1.17
N PRO C 29 -41.11 24.01 0.65
CA PRO C 29 -40.07 24.15 -0.36
C PRO C 29 -38.71 24.66 0.19
N LEU C 30 -37.97 23.81 0.91
CA LEU C 30 -36.56 24.11 1.23
C LEU C 30 -35.65 23.56 0.14
N ASP C 31 -35.35 24.42 -0.83
CA ASP C 31 -34.47 24.11 -1.95
C ASP C 31 -33.04 24.65 -1.69
N ILE C 32 -32.13 23.77 -1.28
CA ILE C 32 -30.74 24.14 -1.00
C ILE C 32 -29.83 23.75 -2.17
N LYS C 33 -29.10 24.72 -2.70
CA LYS C 33 -28.16 24.46 -3.77
C LYS C 33 -26.77 24.95 -3.39
N VAL C 34 -25.75 24.28 -3.91
CA VAL C 34 -24.39 24.67 -3.65
C VAL C 34 -23.76 25.15 -4.95
N TYR C 35 -23.12 26.33 -4.90
CA TYR C 35 -22.35 26.88 -6.01
C TYR C 35 -20.90 27.04 -5.59
N ALA C 36 -19.99 26.49 -6.38
CA ALA C 36 -18.57 26.52 -6.04
C ALA C 36 -17.68 26.51 -7.28
N ASP C 37 -16.54 27.20 -7.21
CA ASP C 37 -15.53 27.19 -8.29
C ASP C 37 -14.66 25.93 -8.31
N ARG C 38 -14.44 25.34 -7.13
CA ARG C 38 -13.64 24.14 -6.98
C ARG C 38 -14.33 23.16 -6.06
N PHE C 39 -14.17 21.87 -6.35
CA PHE C 39 -14.85 20.88 -5.55
C PHE C 39 -13.90 19.88 -4.95
N THR C 40 -14.44 19.12 -4.00
CA THR C 40 -13.82 18.08 -3.16
C THR C 40 -12.40 17.59 -3.34
N PRO C 41 -11.91 17.43 -4.58
CA PRO C 41 -10.44 17.21 -4.67
C PRO C 41 -9.55 18.46 -4.60
N LEU C 42 -10.03 19.61 -5.09
CA LEU C 42 -9.18 20.81 -5.24
C LEU C 42 -9.54 22.00 -4.35
N THR C 43 -10.17 21.77 -3.19
CA THR C 43 -10.44 22.85 -2.22
C THR C 43 -9.24 23.05 -1.30
N THR C 44 -9.22 24.15 -0.55
CA THR C 44 -8.19 24.35 0.49
C THR C 44 -8.28 23.29 1.58
N THR C 45 -9.52 23.01 2.02
CA THR C 45 -9.85 21.95 2.98
C THR C 45 -9.18 20.59 2.69
N ASP C 46 -8.85 20.34 1.42
CA ASP C 46 -8.24 19.07 1.00
C ASP C 46 -6.77 18.91 1.34
N VAL C 47 -6.10 20.05 1.53
CA VAL C 47 -4.68 20.11 1.86
C VAL C 47 -4.51 20.07 3.38
N ALA C 48 -5.62 20.12 4.11
CA ALA C 48 -5.59 20.08 5.57
C ALA C 48 -5.56 18.65 6.08
N ALA C 49 -4.57 18.38 6.95
CA ALA C 49 -4.37 17.08 7.62
C ALA C 49 -5.53 16.74 8.54
N GLY C 50 -6.13 17.77 9.11
CA GLY C 50 -7.37 17.64 9.86
C GLY C 50 -7.19 17.51 11.35
N LEU C 51 -5.97 17.73 11.83
CA LEU C 51 -5.71 17.70 13.26
C LEU C 51 -6.63 18.68 13.99
N TRP C 52 -7.32 18.19 15.02
CA TRP C 52 -8.03 19.05 15.95
C TRP C 52 -7.06 19.71 16.93
N GLN C 53 -7.08 21.03 16.95
CA GLN C 53 -6.28 21.82 17.88
C GLN C 53 -6.37 23.29 17.47
N PRO C 54 -7.12 24.10 18.25
CA PRO C 54 -7.21 25.53 17.98
C PRO C 54 -5.87 26.19 18.32
N TYR C 55 -5.83 27.53 18.35
CA TYR C 55 -4.61 28.26 18.67
C TYR C 55 -4.12 27.93 20.09
N LEU C 56 -2.99 28.49 20.49
CA LEU C 56 -2.51 28.23 21.84
C LEU C 56 -3.26 29.05 22.89
N SER C 57 -3.59 30.30 22.55
CA SER C 57 -4.31 31.21 23.47
C SER C 57 -5.58 31.86 22.87
N ASP C 58 -6.61 32.01 23.73
CA ASP C 58 -7.93 32.61 23.41
C ASP C 58 -8.00 33.57 22.22
N PRO C 59 -8.91 33.29 21.26
CA PRO C 59 -9.07 34.22 20.14
C PRO C 59 -9.83 35.46 20.62
N ASN C 60 -10.08 36.42 19.72
CA ASN C 60 -10.81 37.62 20.11
C ASN C 60 -12.29 37.37 20.38
N ASN C 61 -12.75 36.18 20.00
CA ASN C 61 -14.09 35.72 20.33
C ASN C 61 -13.99 34.39 21.11
N PRO C 62 -14.43 34.40 22.40
CA PRO C 62 -14.46 33.13 23.14
C PRO C 62 -15.59 32.24 22.62
N GLN C 63 -16.51 32.83 21.85
CA GLN C 63 -17.57 32.09 21.18
C GLN C 63 -16.94 31.03 20.27
N GLU C 64 -15.73 31.30 19.80
CA GLU C 64 -14.92 30.35 19.03
C GLU C 64 -14.46 29.15 19.87
N ALA C 65 -13.98 29.40 21.10
CA ALA C 65 -13.58 28.33 22.01
C ALA C 65 -14.69 27.31 22.18
N ASP C 66 -15.93 27.80 22.25
CA ASP C 66 -17.11 26.95 22.32
C ASP C 66 -17.26 26.15 21.04
N TRP C 67 -17.14 26.84 19.89
CA TRP C 67 -17.29 26.21 18.57
C TRP C 67 -16.34 25.01 18.35
N SER C 68 -15.07 25.17 18.70
CA SER C 68 -14.10 24.08 18.68
C SER C 68 -14.49 22.94 19.63
N GLN C 69 -14.93 23.28 20.84
CA GLN C 69 -15.42 22.31 21.83
C GLN C 69 -16.58 21.50 21.26
N GLN C 70 -17.53 22.18 20.65
CA GLN C 70 -18.73 21.52 20.14
C GLN C 70 -18.37 20.52 19.05
N THR C 71 -17.49 20.93 18.14
CA THR C 71 -16.97 20.10 17.05
C THR C 71 -16.26 18.86 17.60
N PHE C 72 -15.37 19.07 18.58
CA PHE C 72 -14.68 17.96 19.23
C PHE C 72 -15.61 16.87 19.78
N ASP C 73 -16.66 17.25 20.51
CA ASP C 73 -17.58 16.29 21.10
C ASP C 73 -18.36 15.56 20.03
N TYR C 74 -18.95 16.32 19.12
CA TYR C 74 -19.63 15.75 17.97
C TYR C 74 -18.77 14.71 17.26
N LEU C 75 -17.51 15.04 16.99
CA LEU C 75 -16.57 14.11 16.35
C LEU C 75 -16.24 12.91 17.28
N LEU C 76 -15.95 13.19 18.56
CA LEU C 76 -15.59 12.15 19.52
C LEU C 76 -16.71 11.16 19.72
N SER C 77 -17.94 11.64 19.60
CA SER C 77 -19.09 10.78 19.78
C SER C 77 -19.33 9.87 18.58
N HIS C 78 -18.47 9.98 17.55
CA HIS C 78 -18.61 9.17 16.34
C HIS C 78 -17.31 8.44 15.95
N VAL C 79 -16.28 8.57 16.79
CA VAL C 79 -15.00 7.94 16.51
C VAL C 79 -15.10 6.40 16.51
N HIS C 80 -16.03 5.85 17.27
CA HIS C 80 -16.18 4.41 17.32
C HIS C 80 -17.38 3.92 16.52
N SER C 81 -17.96 4.83 15.74
CA SER C 81 -19.09 4.48 14.87
C SER C 81 -18.62 3.79 13.57
N PRO C 82 -19.48 2.93 12.97
CA PRO C 82 -19.09 2.29 11.68
C PRO C 82 -18.98 3.30 10.52
N ASN C 83 -19.43 4.52 10.74
CA ASN C 83 -19.24 5.64 9.80
C ASN C 83 -17.83 6.20 9.82
N ALA C 84 -17.18 6.13 10.97
CA ALA C 84 -15.89 6.79 11.20
C ALA C 84 -15.00 6.79 9.97
N GLU C 85 -14.82 5.61 9.39
CA GLU C 85 -13.91 5.42 8.26
C GLU C 85 -14.25 6.28 7.08
N ASN C 86 -15.52 6.32 6.67
CA ASN C 86 -15.94 7.16 5.57
C ASN C 86 -15.63 8.64 5.79
N LEU C 87 -15.78 9.10 7.02
CA LEU C 87 -15.51 10.49 7.40
C LEU C 87 -14.01 10.83 7.44
N GLY C 88 -13.17 9.82 7.64
CA GLY C 88 -11.74 10.03 7.76
C GLY C 88 -11.36 10.50 9.14
N LEU C 89 -12.03 9.94 10.14
CA LEU C 89 -12.02 10.40 11.53
C LEU C 89 -11.42 9.33 12.43
N PHE C 90 -10.28 9.63 13.04
CA PHE C 90 -9.70 8.71 14.04
C PHE C 90 -9.05 9.48 15.19
N LEU C 91 -8.63 8.75 16.23
CA LEU C 91 -7.93 9.33 17.40
C LEU C 91 -6.45 9.23 17.23
N ILE C 92 -5.75 10.27 17.67
CA ILE C 92 -4.30 10.33 17.52
C ILE C 92 -3.70 11.12 18.67
N SER C 93 -2.78 10.48 19.40
CA SER C 93 -2.04 11.14 20.47
C SER C 93 -0.72 11.69 19.96
N GLY C 94 -0.17 12.67 20.67
CA GLY C 94 1.05 13.29 20.21
C GLY C 94 1.55 14.45 21.04
N TYR C 95 2.77 14.87 20.72
CA TYR C 95 3.50 15.79 21.52
C TYR C 95 3.32 17.20 21.00
N ASN C 96 3.17 18.15 21.91
CA ASN C 96 3.31 19.57 21.61
C ASN C 96 4.59 20.11 22.29
N LEU C 97 5.53 20.59 21.49
CA LEU C 97 6.86 20.94 22.00
C LEU C 97 7.07 22.45 22.01
N PHE C 98 7.83 22.92 23.01
CA PHE C 98 8.06 24.33 23.28
C PHE C 98 9.47 24.52 23.81
N HIS C 99 9.96 25.76 23.82
CA HIS C 99 11.31 26.07 24.28
C HIS C 99 11.44 26.37 25.79
N GLU C 100 10.61 27.29 26.29
CA GLU C 100 10.45 27.54 27.74
C GLU C 100 9.12 26.95 28.20
N ALA C 101 8.82 27.11 29.49
CA ALA C 101 7.47 26.87 29.99
C ALA C 101 6.45 27.85 29.36
N ILE C 102 5.16 27.56 29.50
CA ILE C 102 4.08 28.33 28.85
C ILE C 102 2.76 27.93 29.48
N PRO C 103 1.82 28.87 29.61
CA PRO C 103 0.55 28.54 30.26
C PRO C 103 -0.25 27.48 29.50
N ASP C 104 -0.94 26.62 30.25
CA ASP C 104 -1.86 25.64 29.71
C ASP C 104 -2.86 26.19 28.68
N PRO C 105 -3.40 25.31 27.81
CA PRO C 105 -4.30 25.80 26.79
C PRO C 105 -5.73 25.82 27.32
N SER C 106 -6.52 26.83 26.94
CA SER C 106 -7.94 26.85 27.30
C SER C 106 -8.64 25.50 27.07
N TRP C 107 -8.21 24.78 26.03
CA TRP C 107 -8.82 23.50 25.61
C TRP C 107 -8.30 22.26 26.34
N LYS C 108 -7.46 22.47 27.36
CA LYS C 108 -6.82 21.35 28.07
C LYS C 108 -7.84 20.35 28.61
N ASP C 109 -9.08 20.82 28.77
CA ASP C 109 -10.16 19.99 29.28
C ASP C 109 -10.94 19.28 28.17
N THR C 110 -10.84 19.79 26.94
CA THR C 110 -11.60 19.22 25.82
C THR C 110 -10.93 17.95 25.30
N VAL C 111 -9.62 18.02 25.11
CA VAL C 111 -8.88 16.87 24.61
C VAL C 111 -8.89 15.74 25.63
N LEU C 112 -8.51 14.56 25.17
CA LEU C 112 -8.47 13.40 26.02
C LEU C 112 -7.11 13.34 26.71
N GLY C 113 -7.15 13.33 28.04
CA GLY C 113 -5.96 13.11 28.86
C GLY C 113 -4.82 14.12 28.72
N PHE C 114 -5.16 15.41 28.66
CA PHE C 114 -4.11 16.43 28.61
C PHE C 114 -3.15 16.28 29.80
N ARG C 115 -1.85 16.39 29.54
CA ARG C 115 -0.84 16.33 30.58
C ARG C 115 0.44 16.92 30.02
N LYS C 116 1.49 16.95 30.83
CA LYS C 116 2.74 17.61 30.45
C LYS C 116 3.88 16.61 30.30
N LEU C 117 4.83 16.91 29.44
CA LEU C 117 5.89 15.95 29.07
C LEU C 117 6.90 15.63 30.18
N THR C 118 6.89 14.36 30.60
CA THR C 118 7.90 13.84 31.51
C THR C 118 9.30 13.95 30.88
N PRO C 119 10.36 14.13 31.70
CA PRO C 119 11.72 14.28 31.17
C PRO C 119 12.06 13.36 29.99
N ARG C 120 12.01 12.04 30.19
CA ARG C 120 12.48 11.10 29.16
C ARG C 120 11.83 11.34 27.80
N GLU C 121 10.58 11.80 27.82
CA GLU C 121 9.86 12.16 26.61
C GLU C 121 10.54 13.33 25.88
N LEU C 122 10.94 14.35 26.63
CA LEU C 122 11.65 15.50 26.06
C LEU C 122 13.03 15.08 25.55
N ASP C 123 13.51 13.94 26.04
CA ASP C 123 14.80 13.40 25.63
C ASP C 123 14.84 13.08 24.15
N MET C 124 13.74 12.53 23.65
CA MET C 124 13.57 12.26 22.22
C MET C 124 13.64 13.54 21.38
N PHE C 125 13.42 14.68 22.02
CA PHE C 125 13.42 15.97 21.32
C PHE C 125 14.42 16.95 21.95
N PRO C 126 15.74 16.74 21.70
CA PRO C 126 16.77 17.56 22.37
C PRO C 126 16.58 19.06 22.19
N ASP C 127 16.17 19.52 21.00
CA ASP C 127 16.02 20.96 20.71
C ASP C 127 14.91 21.65 21.50
N TYR C 128 14.17 20.91 22.31
CA TYR C 128 13.05 21.48 23.06
C TYR C 128 13.20 21.26 24.56
N GLY C 129 12.62 22.14 25.35
CA GLY C 129 12.79 22.13 26.81
C GLY C 129 11.51 21.90 27.58
N TYR C 130 10.37 22.10 26.91
CA TYR C 130 9.06 21.96 27.55
C TYR C 130 8.01 21.56 26.52
N GLY C 131 6.89 21.01 26.99
CA GLY C 131 5.76 20.70 26.14
C GLY C 131 4.63 19.89 26.74
N TRP C 132 3.56 19.70 25.95
CA TRP C 132 2.40 18.92 26.36
C TRP C 132 2.32 17.60 25.59
N PHE C 133 1.47 16.70 26.10
CA PHE C 133 1.08 15.48 25.42
C PHE C 133 -0.40 15.32 25.62
N HIS C 134 -1.09 14.85 24.59
CA HIS C 134 -2.52 14.50 24.71
C HIS C 134 -3.05 13.72 23.52
N THR C 135 -4.17 13.04 23.72
CA THR C 135 -4.92 12.39 22.66
C THR C 135 -5.92 13.38 22.07
N SER C 136 -5.95 13.52 20.76
CA SER C 136 -6.90 14.39 20.07
C SER C 136 -7.52 13.64 18.89
N LEU C 137 -8.23 14.37 18.02
CA LEU C 137 -8.82 13.79 16.80
C LEU C 137 -8.27 14.40 15.52
N ILE C 138 -8.23 13.58 14.47
CA ILE C 138 -7.96 14.03 13.11
C ILE C 138 -9.21 13.78 12.29
N LEU C 139 -9.62 14.81 11.55
CA LEU C 139 -10.69 14.66 10.59
C LEU C 139 -10.10 15.01 9.23
N GLU C 140 -9.67 14.00 8.48
CA GLU C 140 -9.04 14.19 7.17
C GLU C 140 -9.97 14.89 6.20
N GLY C 141 -9.46 16.00 5.64
CA GLY C 141 -10.28 16.96 4.90
C GLY C 141 -10.98 16.31 3.73
N LYS C 142 -10.17 15.67 2.89
CA LYS C 142 -10.61 14.98 1.69
C LYS C 142 -11.73 13.96 1.99
N ASN C 143 -11.50 13.06 2.94
CA ASN C 143 -12.50 12.05 3.27
C ASN C 143 -13.78 12.61 3.86
N TYR C 144 -13.63 13.64 4.67
CA TYR C 144 -14.78 14.30 5.30
C TYR C 144 -15.59 14.96 4.20
N LEU C 145 -14.86 15.61 3.30
CA LEU C 145 -15.46 16.39 2.26
C LEU C 145 -16.25 15.52 1.27
N GLN C 146 -15.75 14.31 1.02
CA GLN C 146 -16.41 13.35 0.14
C GLN C 146 -17.64 12.79 0.85
N TRP C 147 -17.50 12.59 2.16
CA TRP C 147 -18.61 12.11 2.96
C TRP C 147 -19.74 13.13 2.98
N LEU C 148 -19.41 14.41 3.19
CA LEU C 148 -20.43 15.48 3.22
C LEU C 148 -21.26 15.54 1.93
N THR C 149 -20.54 15.46 0.80
CA THR C 149 -21.10 15.39 -0.54
C THR C 149 -22.15 14.28 -0.71
N GLU C 150 -21.86 13.06 -0.25
CA GLU C 150 -22.80 11.97 -0.40
C GLU C 150 -24.05 12.25 0.40
N ARG C 151 -23.84 12.63 1.67
CA ARG C 151 -24.90 12.99 2.59
C ARG C 151 -25.77 14.09 2.01
N LEU C 152 -25.13 15.12 1.47
CA LEU C 152 -25.84 16.23 0.83
C LEU C 152 -26.66 15.75 -0.36
N THR C 153 -26.08 14.89 -1.17
CA THR C 153 -26.78 14.35 -2.33
C THR C 153 -27.99 13.55 -1.87
N GLU C 154 -27.79 12.68 -0.89
CA GLU C 154 -28.85 11.91 -0.26
C GLU C 154 -30.02 12.82 0.13
N ARG C 155 -29.70 14.04 0.51
CA ARG C 155 -30.69 14.99 1.02
C ARG C 155 -31.35 15.84 -0.07
N GLY C 156 -30.87 15.72 -1.30
CA GLY C 156 -31.47 16.45 -2.43
C GLY C 156 -30.80 17.76 -2.82
N VAL C 157 -29.65 18.04 -2.22
CA VAL C 157 -28.90 19.25 -2.49
C VAL C 157 -28.17 19.08 -3.81
N LYS C 158 -28.42 20.02 -4.73
CA LYS C 158 -27.76 19.99 -6.05
C LYS C 158 -26.51 20.86 -6.06
N PHE C 159 -25.52 20.44 -6.84
CA PHE C 159 -24.25 21.15 -6.91
C PHE C 159 -24.02 21.68 -8.31
N PHE C 160 -23.48 22.88 -8.38
CA PHE C 160 -23.18 23.53 -9.64
C PHE C 160 -21.79 24.13 -9.54
N GLN C 161 -21.00 23.98 -10.60
CA GLN C 161 -19.65 24.50 -10.60
C GLN C 161 -19.71 25.82 -11.29
N ARG C 162 -19.40 26.90 -10.57
CA ARG C 162 -19.41 28.25 -11.13
C ARG C 162 -18.82 29.25 -10.14
N LYS C 163 -18.14 30.26 -10.68
CA LYS C 163 -17.54 31.32 -9.89
C LYS C 163 -18.55 32.45 -9.76
N VAL C 164 -19.25 32.49 -8.63
CA VAL C 164 -20.22 33.55 -8.37
C VAL C 164 -19.47 34.88 -8.44
N GLU C 165 -19.91 35.76 -9.33
CA GLU C 165 -19.28 37.05 -9.50
C GLU C 165 -19.68 38.09 -8.45
N SER C 166 -20.87 37.94 -7.88
CA SER C 166 -21.44 38.93 -6.96
C SER C 166 -22.70 38.39 -6.28
N PHE C 167 -22.93 38.80 -5.04
CA PHE C 167 -24.14 38.42 -4.33
C PHE C 167 -25.39 38.83 -5.12
N GLU C 168 -25.31 40.01 -5.75
CA GLU C 168 -26.43 40.58 -6.50
C GLU C 168 -26.88 39.63 -7.60
N GLU C 169 -25.90 39.03 -8.29
CA GLU C 169 -26.14 38.03 -9.33
C GLU C 169 -26.97 36.85 -8.82
N VAL C 170 -26.58 36.30 -7.68
CA VAL C 170 -27.28 35.15 -7.09
C VAL C 170 -28.62 35.59 -6.53
N ALA C 171 -28.64 36.79 -5.94
CA ALA C 171 -29.88 37.39 -5.45
C ALA C 171 -30.92 37.42 -6.58
N ARG C 172 -30.55 38.05 -7.69
CA ARG C 172 -31.40 38.14 -8.90
C ARG C 172 -32.08 36.84 -9.29
N GLU C 173 -31.33 35.74 -9.36
CA GLU C 173 -31.88 34.51 -9.92
C GLU C 173 -32.82 33.72 -8.98
N GLY C 174 -33.34 34.40 -7.95
CA GLY C 174 -34.42 33.85 -7.10
C GLY C 174 -34.06 33.41 -5.70
N ALA C 175 -32.81 33.66 -5.30
CA ALA C 175 -32.28 33.28 -3.99
C ALA C 175 -32.91 34.08 -2.86
N ASP C 176 -33.37 33.38 -1.83
CA ASP C 176 -33.94 34.05 -0.67
C ASP C 176 -32.89 34.20 0.44
N VAL C 177 -32.05 33.19 0.63
CA VAL C 177 -30.92 33.27 1.59
C VAL C 177 -29.61 32.83 0.93
N ILE C 178 -28.52 33.54 1.19
CA ILE C 178 -27.19 33.23 0.64
C ILE C 178 -26.14 32.92 1.73
N VAL C 179 -25.74 31.65 1.84
CA VAL C 179 -24.71 31.28 2.80
C VAL C 179 -23.36 31.45 2.13
N ASN C 180 -22.56 32.37 2.64
CA ASN C 180 -21.30 32.75 2.02
C ASN C 180 -20.11 32.06 2.67
N CYS C 181 -19.71 30.92 2.11
CA CYS C 181 -18.61 30.14 2.66
C CYS C 181 -17.47 30.09 1.66
N THR C 182 -17.02 31.28 1.29
CA THR C 182 -16.10 31.45 0.18
C THR C 182 -14.63 31.40 0.59
N GLY C 183 -14.39 31.12 1.87
CA GLY C 183 -13.02 30.99 2.38
C GLY C 183 -12.15 32.21 2.16
N VAL C 184 -10.89 31.97 1.83
CA VAL C 184 -9.92 33.04 1.65
C VAL C 184 -10.26 34.00 0.50
N TRP C 185 -11.17 33.57 -0.38
CA TRP C 185 -11.53 34.33 -1.58
C TRP C 185 -12.74 35.24 -1.38
N ALA C 186 -13.31 35.23 -0.16
CA ALA C 186 -14.47 36.05 0.20
C ALA C 186 -14.37 37.54 -0.17
N GLY C 187 -13.16 38.11 -0.05
CA GLY C 187 -12.88 39.49 -0.45
C GLY C 187 -13.40 39.85 -1.83
N ALA C 188 -13.16 38.97 -2.80
CA ALA C 188 -13.62 39.18 -4.18
C ALA C 188 -15.11 39.56 -4.22
N LEU C 189 -15.89 39.07 -3.26
CA LEU C 189 -17.33 39.28 -3.27
C LEU C 189 -17.80 40.50 -2.46
N GLN C 190 -17.03 40.86 -1.44
CA GLN C 190 -17.30 42.02 -0.60
C GLN C 190 -16.01 42.28 0.10
N ARG C 191 -15.35 43.37 -0.30
CA ARG C 191 -14.02 43.72 0.21
C ARG C 191 -13.90 43.49 1.71
N ASP C 192 -12.83 42.82 2.11
CA ASP C 192 -12.56 42.56 3.52
C ASP C 192 -11.08 42.73 3.77
N PRO C 193 -10.69 43.97 4.15
CA PRO C 193 -9.27 44.22 4.35
C PRO C 193 -8.65 43.30 5.41
N LEU C 194 -9.44 42.93 6.42
CA LEU C 194 -8.94 42.09 7.52
C LEU C 194 -8.95 40.58 7.21
N LEU C 195 -8.96 40.21 5.93
CA LEU C 195 -8.84 38.81 5.52
C LEU C 195 -7.67 38.64 4.54
N GLN C 196 -6.74 37.74 4.86
CA GLN C 196 -5.56 37.50 4.05
C GLN C 196 -5.29 36.01 3.90
N PRO C 197 -4.57 35.62 2.83
CA PRO C 197 -4.22 34.22 2.66
C PRO C 197 -3.04 33.83 3.52
N GLY C 198 -3.23 32.84 4.38
CA GLY C 198 -2.11 32.32 5.16
C GLY C 198 -1.53 31.15 4.41
N ARG C 199 -0.55 31.41 3.57
CA ARG C 199 -0.10 30.40 2.65
C ARG C 199 0.56 29.27 3.40
N GLY C 200 0.24 28.04 3.01
CA GLY C 200 0.90 26.89 3.60
C GLY C 200 1.30 25.86 2.56
N GLN C 201 2.45 25.23 2.80
CA GLN C 201 2.90 24.11 1.98
C GLN C 201 3.08 22.89 2.88
N ILE C 202 2.71 21.71 2.36
CA ILE C 202 2.89 20.45 3.08
C ILE C 202 3.55 19.39 2.20
N MET C 203 4.14 18.40 2.85
CA MET C 203 4.77 17.27 2.18
C MET C 203 4.13 15.97 2.67
N LYS C 204 3.52 15.22 1.75
CA LYS C 204 2.93 13.91 2.08
C LYS C 204 4.00 12.84 1.93
N VAL C 205 4.38 12.22 3.04
CA VAL C 205 5.44 11.22 3.02
C VAL C 205 4.88 9.89 3.52
N ASP C 206 5.44 8.78 3.03
CA ASP C 206 5.03 7.45 3.50
C ASP C 206 6.00 6.96 4.57
N ALA C 207 5.55 7.02 5.82
CA ALA C 207 6.29 6.48 6.96
C ALA C 207 5.30 5.87 7.96
N PRO C 208 4.74 4.69 7.63
CA PRO C 208 3.66 4.11 8.44
C PRO C 208 4.00 3.85 9.92
N TRP C 209 5.28 3.88 10.28
CA TRP C 209 5.67 3.60 11.67
C TRP C 209 5.45 4.75 12.65
N MET C 210 5.42 5.99 12.16
CA MET C 210 5.00 7.14 12.94
C MET C 210 3.57 6.92 13.41
N LYS C 211 3.38 6.97 14.72
CA LYS C 211 2.07 6.77 15.30
C LYS C 211 1.62 7.98 16.12
N HIS C 212 2.47 9.00 16.19
CA HIS C 212 2.17 10.20 16.98
C HIS C 212 2.29 11.46 16.16
N PHE C 213 1.42 12.44 16.43
CA PHE C 213 1.63 13.77 15.88
C PHE C 213 2.63 14.52 16.74
N ILE C 214 3.48 15.31 16.12
CA ILE C 214 4.45 16.11 16.85
C ILE C 214 4.37 17.54 16.32
N LEU C 215 3.98 18.50 17.16
CA LEU C 215 3.95 19.91 16.76
C LEU C 215 4.89 20.76 17.59
N THR C 216 5.90 21.35 16.94
CA THR C 216 6.78 22.33 17.59
C THR C 216 6.18 23.74 17.62
N HIS C 217 6.70 24.56 18.55
CA HIS C 217 6.28 25.96 18.70
C HIS C 217 7.46 26.87 19.02
N ASP C 218 7.66 27.89 18.18
CA ASP C 218 8.74 28.85 18.39
C ASP C 218 8.35 30.26 17.99
N PRO C 219 8.32 31.21 18.96
CA PRO C 219 7.94 32.61 18.72
C PRO C 219 8.68 33.28 17.55
N GLU C 220 9.99 33.00 17.44
CA GLU C 220 10.79 33.55 16.35
C GLU C 220 10.16 33.23 15.01
N ARG C 221 9.90 31.94 14.78
CA ARG C 221 9.30 31.46 13.52
C ARG C 221 7.83 31.88 13.33
N GLY C 222 6.94 31.46 14.23
CA GLY C 222 5.56 31.95 14.20
C GLY C 222 4.48 30.89 14.27
N ILE C 223 3.23 31.31 14.04
CA ILE C 223 2.07 30.39 14.08
C ILE C 223 2.07 29.51 12.82
N TYR C 224 1.82 28.21 13.01
CA TYR C 224 1.87 27.21 11.92
C TYR C 224 3.13 27.34 11.06
N ASN C 225 4.21 27.91 11.62
CA ASN C 225 5.46 28.13 10.87
C ASN C 225 6.71 27.50 11.51
N SER C 226 6.50 26.43 12.27
CA SER C 226 7.62 25.60 12.73
C SER C 226 7.27 24.13 12.49
N PRO C 227 8.29 23.27 12.31
CA PRO C 227 8.15 21.86 11.94
C PRO C 227 7.01 21.11 12.64
N TYR C 228 6.01 20.69 11.87
CA TYR C 228 5.01 19.78 12.40
C TYR C 228 4.94 18.47 11.59
N ILE C 229 4.43 17.42 12.24
CA ILE C 229 4.36 16.07 11.69
C ILE C 229 3.05 15.44 12.15
N ILE C 230 2.15 15.18 11.19
CA ILE C 230 0.82 14.63 11.50
C ILE C 230 0.47 13.37 10.68
N PRO C 231 0.59 12.17 11.30
CA PRO C 231 0.16 10.92 10.71
C PRO C 231 -1.32 10.88 10.36
N GLY C 232 -1.61 10.72 9.07
CA GLY C 232 -2.96 10.50 8.59
C GLY C 232 -3.20 9.03 8.29
N THR C 233 -4.30 8.76 7.61
CA THR C 233 -4.72 7.39 7.36
C THR C 233 -3.79 6.65 6.39
N GLN C 234 -3.61 7.18 5.18
CA GLN C 234 -2.80 6.49 4.18
C GLN C 234 -1.34 6.90 4.26
N THR C 235 -1.09 8.09 4.78
CA THR C 235 0.24 8.69 4.71
C THR C 235 0.50 9.62 5.90
N VAL C 236 1.71 10.16 5.99
CA VAL C 236 2.13 11.02 7.11
C VAL C 236 2.39 12.44 6.62
N THR C 237 1.73 13.42 7.21
CA THR C 237 1.81 14.80 6.73
C THR C 237 2.95 15.56 7.37
N LEU C 238 3.77 16.21 6.54
CA LEU C 238 4.83 17.07 7.04
C LEU C 238 4.52 18.50 6.66
N GLY C 239 4.87 19.45 7.52
CA GLY C 239 4.58 20.85 7.29
C GLY C 239 5.37 21.81 8.13
N GLY C 240 4.85 23.02 8.21
CA GLY C 240 5.43 24.11 9.00
C GLY C 240 5.73 25.33 8.15
N ILE C 241 4.77 25.74 7.33
CA ILE C 241 4.92 26.93 6.50
C ILE C 241 3.69 27.83 6.60
N PHE C 242 3.95 29.06 7.03
CA PHE C 242 2.90 30.07 7.20
C PHE C 242 3.38 31.40 6.69
N GLN C 243 2.67 31.93 5.70
CA GLN C 243 3.03 33.16 4.99
C GLN C 243 1.79 34.00 4.64
N LEU C 244 1.61 35.12 5.34
CA LEU C 244 0.50 36.05 5.03
C LEU C 244 0.71 36.79 3.74
N GLY C 245 -0.35 36.82 2.92
CA GLY C 245 -0.39 37.64 1.72
C GLY C 245 0.33 37.04 0.52
N ASN C 246 0.81 35.81 0.66
CA ASN C 246 1.39 35.09 -0.46
C ASN C 246 0.30 34.29 -1.17
N TRP C 247 -0.20 34.79 -2.29
CA TRP C 247 -1.29 34.14 -2.99
C TRP C 247 -0.80 33.06 -3.97
N SER C 248 0.48 32.68 -3.85
CA SER C 248 1.09 31.74 -4.79
C SER C 248 0.73 30.28 -4.54
N GLU C 249 -0.29 29.83 -5.26
CA GLU C 249 -0.70 28.44 -5.23
C GLU C 249 0.22 27.66 -6.14
N LEU C 250 1.48 27.53 -5.72
CA LEU C 250 2.51 26.85 -6.50
C LEU C 250 3.56 26.42 -5.51
N ASN C 251 3.92 25.15 -5.55
CA ASN C 251 4.96 24.65 -4.66
C ASN C 251 6.29 25.34 -4.90
N ASN C 252 6.94 25.72 -3.81
CA ASN C 252 8.21 26.40 -3.87
C ASN C 252 9.29 25.52 -3.27
N ILE C 253 10.42 25.44 -3.94
CA ILE C 253 11.56 24.62 -3.49
C ILE C 253 12.17 25.03 -2.12
N GLN C 254 12.25 26.33 -1.84
CA GLN C 254 12.77 26.75 -0.53
C GLN C 254 11.90 26.22 0.58
N ASP C 255 10.58 26.19 0.34
CA ASP C 255 9.65 25.64 1.31
C ASP C 255 9.83 24.14 1.46
N HIS C 256 10.00 23.44 0.33
CA HIS C 256 10.33 22.02 0.35
C HIS C 256 11.52 21.74 1.27
N ASN C 257 12.64 22.40 1.01
CA ASN C 257 13.84 22.26 1.83
C ASN C 257 13.61 22.56 3.32
N THR C 258 12.71 23.49 3.63
CA THR C 258 12.40 23.83 5.02
C THR C 258 11.62 22.74 5.74
N ILE C 259 10.53 22.25 5.11
CA ILE C 259 9.77 21.12 5.63
C ILE C 259 10.66 19.90 5.87
N TRP C 260 11.37 19.44 4.83
CA TRP C 260 12.18 18.24 4.93
C TRP C 260 13.28 18.32 6.01
N GLU C 261 14.09 19.39 5.98
CA GLU C 261 15.21 19.56 6.92
C GLU C 261 14.78 19.85 8.36
N GLY C 262 13.66 20.54 8.51
CA GLY C 262 13.07 20.80 9.82
C GLY C 262 12.39 19.58 10.44
N CYS C 263 11.69 18.79 9.62
CA CYS C 263 11.05 17.58 10.12
C CYS C 263 12.03 16.46 10.39
N CYS C 264 13.06 16.33 9.56
CA CYS C 264 14.06 15.27 9.75
C CYS C 264 14.87 15.46 11.02
N ARG C 265 14.94 16.71 11.49
CA ARG C 265 15.65 17.03 12.73
C ARG C 265 14.76 16.72 13.93
N LEU C 266 13.46 16.89 13.76
CA LEU C 266 12.50 16.61 14.80
C LEU C 266 12.34 15.12 14.94
N GLU C 267 12.66 14.38 13.88
CA GLU C 267 12.36 12.96 13.83
C GLU C 267 13.32 12.32 12.82
N PRO C 268 14.55 12.01 13.25
CA PRO C 268 15.60 11.52 12.35
C PRO C 268 15.21 10.30 11.49
N THR C 269 14.18 9.57 11.91
CA THR C 269 13.71 8.40 11.16
C THR C 269 12.99 8.77 9.88
N LEU C 270 12.58 10.03 9.77
CA LEU C 270 11.87 10.52 8.60
C LEU C 270 12.83 10.64 7.43
N LYS C 271 14.14 10.59 7.76
CA LYS C 271 15.23 10.75 6.81
C LYS C 271 15.14 9.79 5.63
N ASN C 272 14.52 8.64 5.85
CA ASN C 272 14.31 7.63 4.81
C ASN C 272 12.85 7.41 4.38
N ALA C 273 11.99 8.35 4.75
CA ALA C 273 10.59 8.28 4.38
C ALA C 273 10.50 8.68 2.93
N ARG C 274 9.81 7.86 2.14
CA ARG C 274 9.67 8.11 0.72
C ARG C 274 8.63 9.20 0.50
N ILE C 275 9.00 10.26 -0.21
CA ILE C 275 8.09 11.37 -0.51
C ILE C 275 7.04 10.92 -1.52
N ILE C 276 5.78 11.18 -1.22
CA ILE C 276 4.65 10.68 -1.99
C ILE C 276 3.92 11.81 -2.69
N GLY C 277 4.00 13.02 -2.12
CA GLY C 277 3.27 14.16 -2.66
C GLY C 277 3.58 15.49 -1.99
N GLU C 278 3.08 16.58 -2.58
CA GLU C 278 3.34 17.91 -2.07
C GLU C 278 2.28 18.88 -2.53
N ARG C 279 1.85 19.76 -1.62
CA ARG C 279 0.69 20.61 -1.85
C ARG C 279 0.82 21.98 -1.17
N THR C 280 0.18 22.97 -1.78
CA THR C 280 0.09 24.32 -1.25
C THR C 280 -1.37 24.61 -0.91
N GLY C 281 -1.58 25.44 0.12
CA GLY C 281 -2.92 25.86 0.52
C GLY C 281 -2.98 27.31 0.98
N PHE C 282 -4.20 27.84 1.11
CA PHE C 282 -4.41 29.17 1.70
C PHE C 282 -5.36 29.14 2.91
N ARG C 283 -4.77 29.31 4.09
CA ARG C 283 -5.54 29.51 5.31
C ARG C 283 -6.22 30.88 5.18
N PRO C 284 -7.58 30.91 5.31
CA PRO C 284 -8.30 32.19 5.36
C PRO C 284 -8.08 32.92 6.68
N VAL C 285 -6.93 33.59 6.79
CA VAL C 285 -6.55 34.30 7.99
C VAL C 285 -7.39 35.56 8.18
N ARG C 286 -7.98 35.68 9.37
CA ARG C 286 -8.75 36.83 9.78
C ARG C 286 -8.62 36.97 11.30
N PRO C 287 -8.56 38.22 11.82
CA PRO C 287 -8.41 38.32 13.28
C PRO C 287 -9.51 37.54 14.01
N GLN C 288 -10.56 37.17 13.30
CA GLN C 288 -11.61 36.31 13.83
C GLN C 288 -12.66 35.92 12.78
N ILE C 289 -13.35 34.83 13.06
CA ILE C 289 -14.28 34.25 12.10
C ILE C 289 -15.42 35.21 11.84
N ARG C 290 -15.66 35.54 10.57
CA ARG C 290 -16.81 36.35 10.23
C ARG C 290 -18.07 35.49 10.14
N LEU C 291 -18.74 35.35 11.27
CA LEU C 291 -19.96 34.57 11.31
C LEU C 291 -21.12 35.43 11.79
N GLU C 292 -21.89 35.92 10.82
CA GLU C 292 -22.95 36.88 11.08
C GLU C 292 -23.90 37.06 9.92
N ARG C 293 -25.07 37.64 10.22
CA ARG C 293 -26.05 37.99 9.21
C ARG C 293 -25.78 39.38 8.63
N GLU C 294 -26.12 39.56 7.37
CA GLU C 294 -26.04 40.84 6.71
C GLU C 294 -27.15 40.95 5.68
N GLN C 295 -28.10 41.84 5.97
CA GLN C 295 -29.19 42.12 5.04
C GLN C 295 -28.64 42.93 3.86
N LEU C 296 -28.59 42.27 2.71
CA LEU C 296 -28.08 42.85 1.48
C LEU C 296 -29.26 43.14 0.55
N ARG C 297 -29.57 44.44 0.40
CA ARG C 297 -30.73 44.89 -0.38
C ARG C 297 -30.65 44.58 -1.87
N THR C 298 -31.53 43.67 -2.29
CA THR C 298 -31.58 43.19 -3.67
C THR C 298 -32.48 44.10 -4.53
N GLY C 299 -32.09 45.37 -4.64
CA GLY C 299 -32.86 46.38 -5.37
C GLY C 299 -34.27 46.50 -4.80
N PRO C 300 -35.28 46.05 -5.58
CA PRO C 300 -36.68 45.92 -5.15
C PRO C 300 -36.88 45.53 -3.67
N SER C 301 -36.23 44.47 -3.21
CA SER C 301 -36.45 43.98 -1.84
C SER C 301 -35.16 43.72 -1.01
N ASN C 302 -35.18 42.62 -0.27
CA ASN C 302 -34.09 42.20 0.61
C ASN C 302 -33.71 40.74 0.36
N THR C 303 -32.41 40.47 0.30
CA THR C 303 -31.89 39.11 0.35
C THR C 303 -30.96 38.97 1.55
N GLU C 304 -31.21 37.95 2.35
CA GLU C 304 -30.42 37.69 3.53
C GLU C 304 -29.12 36.98 3.15
N VAL C 305 -28.02 37.41 3.76
CA VAL C 305 -26.71 36.80 3.56
C VAL C 305 -26.12 36.42 4.91
N ILE C 306 -25.66 35.16 5.01
CA ILE C 306 -24.95 34.66 6.19
C ILE C 306 -23.52 34.41 5.78
N HIS C 307 -22.57 35.13 6.36
CA HIS C 307 -21.15 34.89 6.06
C HIS C 307 -20.62 33.83 7.00
N ASN C 308 -19.68 33.04 6.52
CA ASN C 308 -19.05 32.03 7.33
C ASN C 308 -17.67 31.77 6.72
N TYR C 309 -16.77 32.73 6.91
CA TYR C 309 -15.41 32.63 6.35
C TYR C 309 -14.34 33.17 7.29
N GLY C 310 -13.10 32.82 7.01
CA GLY C 310 -11.97 33.30 7.82
C GLY C 310 -11.69 32.40 9.00
N HIS C 311 -11.65 31.09 8.77
CA HIS C 311 -11.33 30.16 9.84
C HIS C 311 -9.83 29.89 9.90
N GLY C 312 -9.05 30.67 9.14
CA GLY C 312 -7.61 30.58 9.18
C GLY C 312 -7.11 29.17 9.14
N GLY C 313 -6.32 28.78 10.14
CA GLY C 313 -5.70 27.47 10.15
C GLY C 313 -6.40 26.43 11.00
N TYR C 314 -7.67 26.64 11.36
CA TYR C 314 -8.38 25.71 12.26
C TYR C 314 -9.82 25.42 11.84
N GLY C 315 -10.09 25.59 10.55
CA GLY C 315 -11.36 25.23 9.89
C GLY C 315 -11.96 23.89 10.27
N LEU C 316 -11.20 22.81 10.14
CA LEU C 316 -11.69 21.47 10.50
C LEU C 316 -12.00 21.40 11.99
N THR C 317 -11.14 22.03 12.78
CA THR C 317 -11.21 21.99 14.23
C THR C 317 -12.47 22.66 14.75
N ILE C 318 -12.98 23.60 13.95
CA ILE C 318 -14.06 24.49 14.35
C ILE C 318 -15.36 24.40 13.51
N HIS C 319 -15.30 23.71 12.38
CA HIS C 319 -16.38 23.77 11.40
C HIS C 319 -17.79 23.56 11.98
N TRP C 320 -17.92 22.59 12.88
CA TRP C 320 -19.24 22.23 13.37
C TRP C 320 -19.91 23.34 14.18
N GLY C 321 -19.15 23.96 15.09
CA GLY C 321 -19.64 25.07 15.87
C GLY C 321 -20.24 26.08 14.92
N CYS C 322 -19.41 26.56 14.00
CA CYS C 322 -19.81 27.55 13.03
C CYS C 322 -21.02 27.08 12.23
N ALA C 323 -20.98 25.81 11.84
CA ALA C 323 -22.05 25.23 11.07
C ALA C 323 -23.36 25.28 11.84
N LEU C 324 -23.31 24.82 13.10
CA LEU C 324 -24.48 24.84 13.99
C LEU C 324 -25.01 26.26 14.20
N GLU C 325 -24.07 27.18 14.37
CA GLU C 325 -24.34 28.60 14.52
C GLU C 325 -25.07 29.19 13.30
N ALA C 326 -24.49 29.06 12.12
CA ALA C 326 -25.10 29.59 10.89
C ALA C 326 -26.52 29.08 10.67
N ALA C 327 -26.75 27.81 11.00
CA ALA C 327 -28.08 27.23 10.94
C ALA C 327 -29.02 27.96 11.92
N LYS C 328 -28.52 28.17 13.13
CA LYS C 328 -29.25 28.91 14.14
C LYS C 328 -29.66 30.27 13.58
N LEU C 329 -28.68 31.00 13.05
CA LEU C 329 -28.90 32.30 12.40
C LEU C 329 -29.88 32.21 11.24
N PHE C 330 -29.76 31.12 10.47
CA PHE C 330 -30.73 30.79 9.44
C PHE C 330 -32.13 30.69 10.04
N GLY C 331 -32.23 30.04 11.21
CA GLY C 331 -33.47 29.98 11.97
C GLY C 331 -34.12 31.35 12.07
N ARG C 332 -33.38 32.31 12.62
CA ARG C 332 -33.87 33.68 12.82
C ARG C 332 -34.49 34.27 11.55
N ILE C 333 -33.81 34.08 10.42
CA ILE C 333 -34.30 34.53 9.11
C ILE C 333 -35.70 33.99 8.81
N LEU C 334 -35.91 32.70 9.07
CA LEU C 334 -37.20 32.05 8.84
C LEU C 334 -38.31 32.68 9.67
N GLU C 335 -38.10 32.81 10.98
CA GLU C 335 -39.11 33.38 11.87
C GLU C 335 -39.47 34.79 11.43
N GLU C 336 -38.46 35.57 11.00
CA GLU C 336 -38.69 36.92 10.48
C GLU C 336 -39.63 36.92 9.27
N LYS C 337 -39.37 36.04 8.31
CA LYS C 337 -40.23 35.86 7.13
C LYS C 337 -41.56 35.19 7.49
N LYS C 338 -41.76 34.97 8.80
CA LYS C 338 -42.99 34.36 9.34
C LYS C 338 -43.22 32.95 8.79
N LEU C 339 -42.45 31.99 9.31
CA LEU C 339 -42.55 30.56 8.95
C LEU C 339 -41.57 29.74 9.81
N SER C 340 -41.66 29.91 11.13
CA SER C 340 -40.72 29.32 12.09
C SER C 340 -40.72 27.78 12.09
N MET D 1 38.11 -20.99 20.62
CA MET D 1 36.82 -20.90 21.36
C MET D 1 35.60 -21.11 20.44
N ARG D 2 35.12 -22.35 20.38
CA ARG D 2 34.00 -22.70 19.48
C ARG D 2 32.64 -22.56 20.17
N VAL D 3 31.91 -21.51 19.80
CA VAL D 3 30.59 -21.23 20.36
C VAL D 3 29.49 -21.65 19.39
N VAL D 4 28.52 -22.41 19.88
CA VAL D 4 27.36 -22.82 19.09
C VAL D 4 26.06 -22.35 19.73
N VAL D 5 25.32 -21.53 19.01
CA VAL D 5 24.00 -21.10 19.48
C VAL D 5 22.92 -21.89 18.73
N ILE D 6 22.13 -22.68 19.46
CA ILE D 6 21.05 -23.45 18.84
C ILE D 6 19.76 -22.66 18.99
N GLY D 7 19.22 -22.21 17.87
CA GLY D 7 17.99 -21.45 17.87
C GLY D 7 18.20 -20.07 17.29
N ALA D 8 17.36 -19.68 16.34
CA ALA D 8 17.50 -18.38 15.67
C ALA D 8 16.27 -17.49 15.77
N GLY D 9 15.59 -17.56 16.92
CA GLY D 9 14.48 -16.67 17.26
C GLY D 9 15.03 -15.39 17.86
N VAL D 10 14.24 -14.70 18.66
CA VAL D 10 14.73 -13.43 19.20
C VAL D 10 15.85 -13.62 20.22
N ILE D 11 15.81 -14.73 20.93
CA ILE D 11 16.77 -15.05 21.98
C ILE D 11 18.13 -15.42 21.38
N GLY D 12 18.14 -16.50 20.59
CA GLY D 12 19.35 -17.01 19.92
C GLY D 12 20.15 -15.91 19.23
N LEU D 13 19.49 -15.17 18.34
CA LEU D 13 20.17 -14.17 17.54
C LEU D 13 20.68 -12.99 18.34
N SER D 14 19.89 -12.52 19.31
CA SER D 14 20.33 -11.41 20.15
C SER D 14 21.48 -11.85 21.05
N THR D 15 21.30 -12.99 21.73
CA THR D 15 22.33 -13.56 22.58
C THR D 15 23.63 -13.76 21.79
N ALA D 16 23.54 -14.36 20.61
CA ALA D 16 24.69 -14.53 19.74
C ALA D 16 25.39 -13.19 19.46
N LEU D 17 24.60 -12.12 19.35
CA LEU D 17 25.13 -10.77 19.09
C LEU D 17 25.87 -10.18 20.27
N CYS D 18 25.33 -10.34 21.47
CA CYS D 18 26.01 -9.84 22.67
C CYS D 18 27.29 -10.60 22.94
N ILE D 19 27.19 -11.92 23.05
CA ILE D 19 28.35 -12.79 23.21
C ILE D 19 29.44 -12.41 22.19
N HIS D 20 29.03 -12.00 20.99
CA HIS D 20 30.01 -11.63 19.98
C HIS D 20 30.59 -10.26 20.19
N GLU D 21 29.72 -9.27 20.37
CA GLU D 21 30.20 -7.89 20.51
C GLU D 21 30.95 -7.70 21.83
N ARG D 22 30.84 -8.67 22.73
CA ARG D 22 31.48 -8.58 24.04
C ARG D 22 32.76 -9.39 24.21
N TYR D 23 33.08 -10.27 23.26
CA TYR D 23 34.24 -11.18 23.41
C TYR D 23 35.07 -11.46 22.16
N HIS D 24 34.82 -10.74 21.09
CA HIS D 24 35.57 -10.94 19.84
C HIS D 24 36.97 -10.30 19.86
N SER D 25 37.12 -9.22 20.63
CA SER D 25 38.41 -8.53 20.77
C SER D 25 39.32 -9.17 21.84
N VAL D 26 38.70 -9.78 22.85
CA VAL D 26 39.46 -10.40 23.95
C VAL D 26 39.82 -11.87 23.71
N LEU D 27 39.04 -12.56 22.87
CA LEU D 27 39.34 -13.93 22.50
C LEU D 27 39.74 -14.04 21.04
N GLN D 28 40.84 -14.73 20.78
CA GLN D 28 41.34 -14.88 19.41
C GLN D 28 40.52 -15.88 18.57
N PRO D 29 40.53 -17.17 18.94
CA PRO D 29 39.67 -18.06 18.13
C PRO D 29 38.19 -18.04 18.55
N LEU D 30 37.52 -16.87 18.49
CA LEU D 30 36.10 -16.77 18.85
C LEU D 30 35.18 -17.05 17.66
N ASP D 31 34.67 -18.27 17.62
CA ASP D 31 33.94 -18.76 16.46
C ASP D 31 32.50 -19.13 16.79
N ILE D 32 31.59 -18.15 16.66
CA ILE D 32 30.17 -18.39 16.94
C ILE D 32 29.45 -18.99 15.74
N LYS D 33 28.56 -19.94 16.01
CA LYS D 33 27.75 -20.59 14.99
C LYS D 33 26.32 -20.73 15.47
N VAL D 34 25.39 -20.52 14.56
CA VAL D 34 23.96 -20.64 14.86
C VAL D 34 23.37 -21.83 14.11
N TYR D 35 22.89 -22.82 14.87
CA TYR D 35 22.12 -23.92 14.31
C TYR D 35 20.63 -23.72 14.61
N ALA D 36 19.80 -23.84 13.58
CA ALA D 36 18.35 -23.71 13.76
C ALA D 36 17.56 -24.45 12.69
N ASP D 37 16.39 -24.95 13.09
CA ASP D 37 15.51 -25.75 12.24
C ASP D 37 14.54 -24.85 11.45
N ARG D 38 14.34 -23.63 11.95
CA ARG D 38 13.48 -22.63 11.31
C ARG D 38 14.14 -21.24 11.38
N PHE D 39 13.86 -20.38 10.41
CA PHE D 39 14.56 -19.08 10.35
C PHE D 39 13.70 -17.85 10.05
N THR D 40 14.40 -16.75 9.81
CA THR D 40 13.90 -15.42 9.42
C THR D 40 12.41 -15.14 9.54
N PRO D 41 11.54 -15.80 8.72
CA PRO D 41 10.07 -15.61 8.81
C PRO D 41 9.21 -16.76 9.41
N LEU D 42 9.82 -17.90 9.72
CA LEU D 42 9.08 -19.10 10.18
C LEU D 42 9.25 -19.46 11.66
N THR D 43 9.66 -18.48 12.47
CA THR D 43 9.77 -18.67 13.91
C THR D 43 8.55 -18.08 14.65
N THR D 44 8.45 -18.36 15.96
CA THR D 44 7.40 -17.79 16.79
C THR D 44 7.63 -16.31 16.94
N THR D 45 8.90 -15.94 17.08
CA THR D 45 9.34 -14.54 17.11
C THR D 45 8.72 -13.72 15.98
N ASP D 46 8.37 -14.42 14.90
CA ASP D 46 7.80 -13.75 13.72
C ASP D 46 6.31 -13.52 13.83
N VAL D 47 5.65 -14.34 14.65
CA VAL D 47 4.22 -14.24 14.91
C VAL D 47 3.96 -13.22 16.01
N ALA D 48 5.02 -12.64 16.55
CA ALA D 48 4.89 -11.65 17.63
C ALA D 48 4.76 -10.22 17.12
N ALA D 49 3.68 -9.55 17.52
CA ALA D 49 3.47 -8.13 17.23
C ALA D 49 4.64 -7.26 17.69
N GLY D 50 5.22 -7.59 18.84
CA GLY D 50 6.43 -6.91 19.32
C GLY D 50 6.21 -5.79 20.34
N LEU D 51 4.99 -5.76 20.90
CA LEU D 51 4.65 -4.77 21.90
C LEU D 51 5.41 -5.03 23.18
N TRP D 52 6.10 -4.00 23.66
CA TRP D 52 6.77 -4.05 24.94
C TRP D 52 5.74 -3.96 26.06
N GLN D 53 5.58 -5.05 26.80
CA GLN D 53 4.73 -5.07 27.98
C GLN D 53 4.90 -6.42 28.69
N PRO D 54 5.37 -6.39 29.96
CA PRO D 54 5.45 -7.57 30.83
C PRO D 54 4.09 -7.95 31.42
N TYR D 55 4.06 -8.97 32.27
CA TYR D 55 2.84 -9.32 33.01
C TYR D 55 2.41 -8.18 33.93
N LEU D 56 1.12 -8.15 34.25
CA LEU D 56 0.57 -7.14 35.15
C LEU D 56 0.96 -7.51 36.58
N SER D 57 1.00 -8.82 36.84
CA SER D 57 1.40 -9.36 38.15
C SER D 57 2.90 -9.60 38.25
N ASP D 58 3.54 -8.90 39.19
CA ASP D 58 4.99 -8.96 39.47
C ASP D 58 5.81 -10.18 39.02
N PRO D 59 7.07 -9.94 38.60
CA PRO D 59 7.93 -11.03 38.13
C PRO D 59 8.14 -12.08 39.21
N ASN D 60 8.12 -13.35 38.81
CA ASN D 60 8.38 -14.46 39.72
C ASN D 60 9.80 -14.37 40.28
N ASN D 61 10.72 -13.95 39.42
CA ASN D 61 12.08 -13.62 39.79
C ASN D 61 12.33 -12.13 39.51
N PRO D 62 12.49 -11.31 40.57
CA PRO D 62 12.69 -9.86 40.43
C PRO D 62 13.80 -9.47 39.44
N GLN D 63 14.67 -10.43 39.11
CA GLN D 63 15.67 -10.21 38.07
C GLN D 63 15.01 -9.90 36.72
N GLU D 64 13.86 -10.54 36.48
CA GLU D 64 13.12 -10.37 35.24
C GLU D 64 12.55 -8.98 35.02
N ALA D 65 12.13 -8.31 36.10
CA ALA D 65 11.69 -6.92 36.02
C ALA D 65 12.80 -6.08 35.46
N ASP D 66 14.03 -6.39 35.87
CA ASP D 66 15.22 -5.66 35.45
C ASP D 66 15.55 -5.86 33.99
N TRP D 67 15.44 -7.11 33.53
CA TRP D 67 15.75 -7.42 32.14
C TRP D 67 14.87 -6.66 31.16
N SER D 68 13.57 -6.62 31.45
CA SER D 68 12.60 -5.90 30.64
C SER D 68 12.87 -4.40 30.68
N GLN D 69 13.35 -3.92 31.84
CA GLN D 69 13.80 -2.53 32.01
C GLN D 69 15.03 -2.27 31.16
N GLN D 70 15.97 -3.20 31.18
CA GLN D 70 17.18 -3.07 30.38
C GLN D 70 16.82 -2.98 28.90
N THR D 71 15.98 -3.93 28.46
CA THR D 71 15.50 -3.97 27.09
C THR D 71 14.83 -2.66 26.72
N PHE D 72 13.82 -2.27 27.49
CA PHE D 72 13.06 -1.04 27.21
C PHE D 72 13.94 0.19 27.06
N ASP D 73 14.78 0.44 28.07
CA ASP D 73 15.68 1.58 28.06
C ASP D 73 16.64 1.55 26.85
N TYR D 74 17.11 0.37 26.47
CA TYR D 74 18.01 0.20 25.35
C TYR D 74 17.30 0.43 24.04
N LEU D 75 16.03 0.03 23.97
CA LEU D 75 15.25 0.21 22.75
C LEU D 75 14.90 1.68 22.61
N LEU D 76 14.25 2.24 23.62
CA LEU D 76 13.91 3.67 23.67
C LEU D 76 15.08 4.57 23.32
N SER D 77 16.30 4.11 23.62
CA SER D 77 17.51 4.83 23.29
C SER D 77 17.82 4.87 21.79
N HIS D 78 17.10 4.07 21.00
CA HIS D 78 17.38 3.98 19.56
C HIS D 78 16.18 4.29 18.69
N VAL D 79 15.05 4.57 19.32
CA VAL D 79 13.81 4.89 18.62
C VAL D 79 14.02 5.98 17.55
N HIS D 80 15.08 6.79 17.72
CA HIS D 80 15.40 7.89 16.80
C HIS D 80 16.71 7.67 16.02
N SER D 81 17.31 6.49 16.18
CA SER D 81 18.52 6.14 15.45
C SER D 81 18.27 5.89 13.95
N PRO D 82 19.31 6.07 13.10
CA PRO D 82 19.11 5.87 11.65
C PRO D 82 18.55 4.47 11.35
N ASN D 83 19.01 3.48 12.10
CA ASN D 83 18.58 2.10 11.93
C ASN D 83 17.26 1.74 12.60
N ALA D 84 16.63 2.69 13.30
CA ALA D 84 15.35 2.46 13.98
C ALA D 84 14.28 1.76 13.12
N GLU D 85 14.24 2.11 11.83
CA GLU D 85 13.26 1.56 10.91
C GLU D 85 13.59 0.12 10.48
N ASN D 86 14.84 -0.16 10.17
CA ASN D 86 15.25 -1.53 9.80
C ASN D 86 14.98 -2.51 10.91
N LEU D 87 15.21 -2.07 12.16
CA LEU D 87 14.94 -2.84 13.37
C LEU D 87 13.48 -3.16 13.54
N GLY D 88 12.62 -2.27 13.03
CA GLY D 88 11.19 -2.36 13.21
C GLY D 88 10.72 -1.71 14.50
N LEU D 89 11.51 -0.75 14.98
CA LEU D 89 11.31 -0.06 16.27
C LEU D 89 10.54 1.27 16.16
N PHE D 90 9.41 1.36 16.85
CA PHE D 90 8.65 2.62 16.86
C PHE D 90 7.94 2.87 18.18
N LEU D 91 7.46 4.10 18.36
CA LEU D 91 6.73 4.48 19.58
C LEU D 91 5.25 4.27 19.38
N ILE D 92 4.56 3.83 20.42
CA ILE D 92 3.12 3.58 20.33
C ILE D 92 2.39 3.74 21.68
N SER D 93 1.38 4.59 21.71
CA SER D 93 0.55 4.77 22.89
C SER D 93 -0.74 3.96 22.78
N GLY D 94 -1.33 3.60 23.92
CA GLY D 94 -2.52 2.78 23.89
C GLY D 94 -3.15 2.50 25.23
N TYR D 95 -4.12 1.59 25.22
CA TYR D 95 -5.04 1.35 26.33
C TYR D 95 -5.00 -0.08 26.88
N ASN D 96 -4.97 -0.17 28.21
CA ASN D 96 -5.29 -1.41 28.90
C ASN D 96 -6.66 -1.24 29.53
N LEU D 97 -7.62 -2.02 29.07
CA LEU D 97 -8.98 -1.94 29.58
C LEU D 97 -9.24 -3.03 30.60
N PHE D 98 -9.97 -2.66 31.65
CA PHE D 98 -10.25 -3.55 32.76
C PHE D 98 -11.72 -3.44 33.09
N HIS D 99 -12.27 -4.49 33.68
CA HIS D 99 -13.64 -4.46 34.18
C HIS D 99 -13.78 -3.64 35.49
N GLU D 100 -12.77 -3.72 36.35
CA GLU D 100 -12.85 -3.11 37.66
C GLU D 100 -11.53 -2.46 37.97
N ALA D 101 -11.55 -1.53 38.92
CA ALA D 101 -10.35 -0.94 39.44
C ALA D 101 -9.40 -2.07 39.87
N ILE D 102 -8.11 -1.87 39.64
CA ILE D 102 -7.13 -2.92 39.83
C ILE D 102 -5.77 -2.29 40.17
N PRO D 103 -4.89 -3.02 40.89
CA PRO D 103 -3.62 -2.40 41.26
C PRO D 103 -2.77 -2.06 40.06
N ASP D 104 -2.00 -0.99 40.14
CA ASP D 104 -1.05 -0.64 39.09
C ASP D 104 -0.05 -1.75 38.77
N PRO D 105 0.60 -1.67 37.58
CA PRO D 105 1.64 -2.64 37.31
C PRO D 105 2.97 -2.16 37.90
N SER D 106 3.90 -3.10 38.03
CA SER D 106 5.24 -2.81 38.56
C SER D 106 6.03 -1.92 37.63
N TRP D 107 5.85 -2.13 36.33
CA TRP D 107 6.58 -1.40 35.28
C TRP D 107 6.10 0.04 35.05
N LYS D 108 5.07 0.47 35.78
CA LYS D 108 4.41 1.77 35.53
C LYS D 108 5.34 2.96 35.32
N ASP D 109 6.50 2.93 35.93
CA ASP D 109 7.44 4.04 35.77
C ASP D 109 8.46 3.84 34.65
N THR D 110 8.51 2.62 34.11
CA THR D 110 9.36 2.30 32.96
C THR D 110 8.81 2.92 31.68
N VAL D 111 7.51 2.72 31.43
CA VAL D 111 6.87 3.28 30.25
C VAL D 111 6.84 4.80 30.34
N LEU D 112 6.47 5.43 29.23
CA LEU D 112 6.40 6.87 29.16
C LEU D 112 5.01 7.33 29.53
N GLY D 113 4.92 8.45 30.22
CA GLY D 113 3.67 9.00 30.72
C GLY D 113 2.59 8.00 31.09
N PHE D 114 2.87 7.07 31.99
CA PHE D 114 1.84 6.17 32.51
C PHE D 114 0.79 6.99 33.23
N ARG D 115 -0.45 6.52 33.27
CA ARG D 115 -1.55 7.23 33.91
C ARG D 115 -2.82 6.41 33.82
N LYS D 116 -3.90 6.88 34.45
CA LYS D 116 -5.20 6.16 34.42
C LYS D 116 -6.20 6.77 33.47
N LEU D 117 -6.99 5.90 32.84
CA LEU D 117 -8.04 6.34 31.93
C LEU D 117 -9.07 7.25 32.58
N THR D 118 -9.40 8.35 31.89
CA THR D 118 -10.42 9.30 32.36
C THR D 118 -11.82 8.83 31.95
N PRO D 119 -12.88 9.37 32.60
CA PRO D 119 -14.21 8.86 32.28
C PRO D 119 -14.58 8.91 30.79
N ARG D 120 -14.29 10.03 30.12
CA ARG D 120 -14.64 10.23 28.69
C ARG D 120 -14.00 9.19 27.75
N GLU D 121 -12.81 8.73 28.12
CA GLU D 121 -12.08 7.68 27.42
C GLU D 121 -12.76 6.32 27.58
N LEU D 122 -13.13 6.01 28.82
CA LEU D 122 -13.77 4.75 29.14
C LEU D 122 -15.12 4.65 28.46
N ASP D 123 -15.66 5.82 28.12
CA ASP D 123 -16.91 5.93 27.36
C ASP D 123 -16.75 5.43 25.93
N MET D 124 -15.51 5.42 25.43
CA MET D 124 -15.18 4.85 24.13
C MET D 124 -15.25 3.33 24.14
N PHE D 125 -15.28 2.74 25.33
CA PHE D 125 -15.31 1.29 25.48
C PHE D 125 -16.37 0.84 26.50
N PRO D 126 -17.65 0.72 26.05
CA PRO D 126 -18.78 0.30 26.89
C PRO D 126 -18.56 -0.92 27.78
N ASP D 127 -17.80 -1.90 27.32
CA ASP D 127 -17.67 -3.18 28.04
C ASP D 127 -16.67 -3.14 29.20
N TYR D 128 -15.96 -2.02 29.32
CA TYR D 128 -14.89 -1.90 30.30
C TYR D 128 -15.04 -0.61 31.09
N GLY D 129 -14.79 -0.69 32.39
CA GLY D 129 -15.03 0.43 33.30
C GLY D 129 -13.80 1.10 33.91
N TYR D 130 -12.62 0.53 33.65
CA TYR D 130 -11.37 1.06 34.23
C TYR D 130 -10.21 0.65 33.32
N GLY D 131 -9.11 1.43 33.34
CA GLY D 131 -7.90 1.08 32.59
C GLY D 131 -6.74 2.08 32.58
N TRP D 132 -5.60 1.68 32.02
CA TRP D 132 -4.38 2.51 31.98
C TRP D 132 -4.15 3.16 30.62
N PHE D 133 -3.10 3.98 30.55
CA PHE D 133 -2.71 4.64 29.31
C PHE D 133 -1.25 5.03 29.37
N HIS D 134 -0.44 4.50 28.46
CA HIS D 134 0.98 4.86 28.41
C HIS D 134 1.53 4.81 26.99
N THR D 135 2.69 5.42 26.78
CA THR D 135 3.42 5.30 25.53
C THR D 135 4.46 4.21 25.71
N SER D 136 4.42 3.20 24.86
CA SER D 136 5.37 2.07 24.94
C SER D 136 6.15 1.96 23.63
N LEU D 137 6.80 0.81 23.40
CA LEU D 137 7.49 0.51 22.14
C LEU D 137 7.00 -0.77 21.48
N ILE D 138 7.11 -0.79 20.15
CA ILE D 138 6.97 -1.99 19.36
C ILE D 138 8.27 -2.27 18.62
N LEU D 139 8.67 -3.53 18.69
CA LEU D 139 9.82 -4.04 17.98
C LEU D 139 9.33 -5.27 17.25
N GLU D 140 8.85 -5.07 16.02
CA GLU D 140 8.31 -6.16 15.23
C GLU D 140 9.34 -7.26 15.05
N GLY D 141 8.93 -8.48 15.39
CA GLY D 141 9.80 -9.65 15.29
C GLY D 141 10.52 -9.83 13.96
N LYS D 142 9.77 -9.73 12.87
CA LYS D 142 10.27 -10.09 11.53
C LYS D 142 11.43 -9.20 11.13
N ASN D 143 11.19 -7.89 11.19
CA ASN D 143 12.24 -6.90 10.92
C ASN D 143 13.42 -7.05 11.86
N TYR D 144 13.13 -7.12 13.15
CA TYR D 144 14.16 -7.31 14.16
C TYR D 144 15.03 -8.53 13.91
N LEU D 145 14.39 -9.63 13.52
CA LEU D 145 15.12 -10.85 13.19
C LEU D 145 16.00 -10.69 11.96
N GLN D 146 15.46 -9.97 10.97
CA GLN D 146 16.18 -9.69 9.74
C GLN D 146 17.41 -8.85 10.04
N TRP D 147 17.24 -7.89 10.95
CA TRP D 147 18.29 -6.96 11.34
C TRP D 147 19.44 -7.60 12.13
N LEU D 148 19.13 -8.54 13.02
CA LEU D 148 20.18 -9.24 13.76
C LEU D 148 21.03 -10.05 12.81
N THR D 149 20.37 -10.85 11.98
CA THR D 149 21.00 -11.63 10.90
C THR D 149 22.01 -10.80 10.12
N GLU D 150 21.57 -9.63 9.65
CA GLU D 150 22.45 -8.67 8.99
C GLU D 150 23.68 -8.46 9.86
N ARG D 151 23.46 -8.01 11.10
CA ARG D 151 24.54 -7.75 12.03
C ARG D 151 25.43 -8.98 12.15
N LEU D 152 24.83 -10.09 12.57
CA LEU D 152 25.55 -11.35 12.80
C LEU D 152 26.39 -11.76 11.60
N THR D 153 25.76 -11.87 10.43
CA THR D 153 26.45 -12.34 9.23
C THR D 153 27.67 -11.47 8.97
N GLU D 154 27.46 -10.15 8.96
CA GLU D 154 28.54 -9.20 8.75
C GLU D 154 29.60 -9.22 9.86
N ARG D 155 29.41 -10.09 10.86
CA ARG D 155 30.40 -10.26 11.93
C ARG D 155 31.04 -11.64 11.89
N GLY D 156 30.62 -12.45 10.92
CA GLY D 156 31.25 -13.74 10.69
C GLY D 156 30.58 -14.87 11.44
N VAL D 157 29.45 -14.58 12.06
CA VAL D 157 28.59 -15.60 12.65
C VAL D 157 27.89 -16.41 11.54
N LYS D 158 28.33 -17.65 11.36
CA LYS D 158 27.78 -18.50 10.32
C LYS D 158 26.46 -19.11 10.77
N PHE D 159 25.55 -19.29 9.81
CA PHE D 159 24.24 -19.87 10.06
C PHE D 159 24.15 -21.19 9.32
N PHE D 160 23.64 -22.21 10.00
CA PHE D 160 23.42 -23.50 9.35
C PHE D 160 22.01 -23.97 9.64
N GLN D 161 21.35 -24.58 8.67
CA GLN D 161 20.01 -25.06 8.93
C GLN D 161 20.03 -26.55 9.25
N ARG D 162 19.60 -26.88 10.47
CA ARG D 162 19.61 -28.28 10.97
C ARG D 162 18.84 -28.43 12.28
N LYS D 163 18.49 -29.68 12.59
CA LYS D 163 17.77 -29.99 13.81
C LYS D 163 18.70 -30.73 14.75
N VAL D 164 19.19 -30.00 15.74
CA VAL D 164 20.05 -30.58 16.76
C VAL D 164 19.26 -31.64 17.53
N GLU D 165 19.79 -32.86 17.57
CA GLU D 165 19.09 -33.99 18.18
C GLU D 165 19.51 -34.20 19.61
N SER D 166 20.69 -33.72 19.97
CA SER D 166 21.15 -33.79 21.35
C SER D 166 22.27 -32.81 21.59
N PHE D 167 22.43 -32.40 22.85
CA PHE D 167 23.59 -31.62 23.24
C PHE D 167 24.87 -32.39 22.98
N GLU D 168 24.78 -33.72 23.02
CA GLU D 168 25.94 -34.60 22.89
C GLU D 168 26.48 -34.47 21.47
N GLU D 169 25.56 -34.59 20.50
CA GLU D 169 25.88 -34.43 19.08
C GLU D 169 26.66 -33.14 18.79
N VAL D 170 26.18 -32.00 19.29
CA VAL D 170 26.86 -30.73 19.07
C VAL D 170 28.26 -30.74 19.66
N ALA D 171 28.37 -31.24 20.89
CA ALA D 171 29.64 -31.30 21.62
C ALA D 171 30.68 -32.22 20.95
N ARG D 172 30.22 -33.38 20.48
CA ARG D 172 31.05 -34.34 19.73
C ARG D 172 31.91 -33.69 18.65
N GLU D 173 31.40 -32.62 18.05
CA GLU D 173 32.13 -31.91 17.00
C GLU D 173 32.88 -30.66 17.48
N GLY D 174 33.39 -30.74 18.71
CA GLY D 174 34.32 -29.75 19.26
C GLY D 174 33.75 -28.38 19.57
N ALA D 175 32.58 -28.36 20.23
CA ALA D 175 31.96 -27.11 20.64
C ALA D 175 32.34 -26.81 22.10
N ASP D 176 32.84 -25.61 22.35
CA ASP D 176 33.30 -25.26 23.69
C ASP D 176 32.14 -24.83 24.60
N VAL D 177 31.28 -23.94 24.10
CA VAL D 177 30.08 -23.52 24.84
C VAL D 177 28.83 -23.66 23.98
N ILE D 178 27.79 -24.30 24.53
CA ILE D 178 26.52 -24.41 23.84
C ILE D 178 25.45 -23.50 24.47
N VAL D 179 25.09 -22.44 23.74
CA VAL D 179 24.03 -21.54 24.17
C VAL D 179 22.71 -22.11 23.69
N ASN D 180 21.86 -22.50 24.64
CA ASN D 180 20.58 -23.15 24.35
C ASN D 180 19.40 -22.19 24.25
N CYS D 181 19.07 -21.80 23.02
CA CYS D 181 17.96 -20.89 22.80
C CYS D 181 16.86 -21.48 21.92
N THR D 182 16.34 -22.62 22.37
CA THR D 182 15.46 -23.47 21.57
C THR D 182 13.97 -23.22 21.84
N GLY D 183 13.67 -22.15 22.56
CA GLY D 183 12.29 -21.75 22.81
C GLY D 183 11.42 -22.84 23.37
N VAL D 184 10.17 -22.87 22.91
CA VAL D 184 9.18 -23.84 23.37
C VAL D 184 9.62 -25.29 23.15
N TRP D 185 10.53 -25.49 22.20
CA TRP D 185 10.98 -26.83 21.80
C TRP D 185 12.11 -27.33 22.67
N ALA D 186 12.63 -26.48 23.56
CA ALA D 186 13.72 -26.84 24.47
C ALA D 186 13.54 -28.22 25.09
N GLY D 187 12.29 -28.57 25.39
CA GLY D 187 11.97 -29.86 26.01
C GLY D 187 12.53 -31.07 25.30
N ALA D 188 12.67 -30.99 23.97
CA ALA D 188 13.17 -32.10 23.16
C ALA D 188 14.64 -32.41 23.45
N LEU D 189 15.41 -31.41 23.86
CA LEU D 189 16.85 -31.61 24.05
C LEU D 189 17.20 -31.98 25.48
N GLN D 190 16.29 -31.67 26.40
CA GLN D 190 16.42 -32.03 27.80
C GLN D 190 15.06 -31.90 28.41
N ARG D 191 14.52 -33.04 28.85
CA ARG D 191 13.25 -33.07 29.57
C ARG D 191 13.08 -31.86 30.50
N ASP D 192 11.94 -31.20 30.38
CA ASP D 192 11.57 -30.08 31.24
C ASP D 192 10.05 -29.94 31.13
N PRO D 193 9.32 -30.49 32.12
CA PRO D 193 7.86 -30.44 32.09
C PRO D 193 7.34 -29.07 32.50
N LEU D 194 8.13 -28.32 33.25
CA LEU D 194 7.73 -26.98 33.66
C LEU D 194 7.53 -26.05 32.46
N LEU D 195 7.94 -26.50 31.27
CA LEU D 195 7.85 -25.72 30.03
C LEU D 195 6.69 -26.16 29.14
N GLN D 196 5.75 -25.24 28.90
CA GLN D 196 4.56 -25.54 28.14
C GLN D 196 4.30 -24.54 27.02
N PRO D 197 3.75 -25.01 25.88
CA PRO D 197 3.30 -24.11 24.82
C PRO D 197 1.99 -23.43 25.18
N GLY D 198 2.02 -22.10 25.20
CA GLY D 198 0.82 -21.30 25.32
C GLY D 198 0.52 -20.84 23.91
N ARG D 199 -0.24 -21.67 23.20
CA ARG D 199 -0.60 -21.42 21.81
C ARG D 199 -1.28 -20.07 21.61
N GLY D 200 -1.01 -19.45 20.47
CA GLY D 200 -1.73 -18.23 20.10
C GLY D 200 -1.99 -18.10 18.61
N GLN D 201 -3.07 -17.42 18.28
CA GLN D 201 -3.42 -17.16 16.91
C GLN D 201 -3.71 -15.68 16.75
N ILE D 202 -3.27 -15.09 15.65
CA ILE D 202 -3.50 -13.67 15.38
C ILE D 202 -4.01 -13.46 13.97
N MET D 203 -4.46 -12.23 13.74
CA MET D 203 -4.98 -11.80 12.46
C MET D 203 -4.24 -10.52 12.12
N LYS D 204 -3.75 -10.43 10.89
CA LYS D 204 -3.15 -9.21 10.38
C LYS D 204 -4.25 -8.64 9.53
N VAL D 205 -4.58 -7.38 9.77
CA VAL D 205 -5.69 -6.73 9.09
C VAL D 205 -5.22 -5.37 8.63
N ASP D 206 -5.74 -4.91 7.50
CA ASP D 206 -5.33 -3.63 6.95
C ASP D 206 -6.29 -2.54 7.41
N ALA D 207 -5.83 -1.72 8.35
CA ALA D 207 -6.62 -0.65 8.95
C ALA D 207 -5.69 0.44 9.48
N PRO D 208 -5.22 1.31 8.57
CA PRO D 208 -4.15 2.28 8.87
C PRO D 208 -4.54 3.45 9.79
N TRP D 209 -5.81 3.54 10.19
CA TRP D 209 -6.26 4.66 11.05
C TRP D 209 -6.12 4.41 12.54
N MET D 210 -5.96 3.14 12.93
CA MET D 210 -5.70 2.74 14.31
C MET D 210 -4.29 3.22 14.73
N LYS D 211 -4.23 4.27 15.54
CA LYS D 211 -2.95 4.78 15.97
C LYS D 211 -2.59 4.31 17.39
N HIS D 212 -3.54 3.67 18.05
CA HIS D 212 -3.34 3.16 19.41
C HIS D 212 -3.49 1.66 19.52
N PHE D 213 -2.74 1.06 20.46
CA PHE D 213 -3.01 -0.30 20.88
C PHE D 213 -4.12 -0.34 21.93
N ILE D 214 -4.90 -1.40 21.91
CA ILE D 214 -5.98 -1.62 22.89
C ILE D 214 -5.88 -3.07 23.39
N LEU D 215 -5.40 -3.25 24.62
CA LEU D 215 -5.39 -4.59 25.23
C LEU D 215 -6.45 -4.63 26.32
N THR D 216 -7.35 -5.59 26.19
CA THR D 216 -8.36 -5.82 27.20
C THR D 216 -7.90 -6.90 28.17
N HIS D 217 -8.43 -6.83 29.39
CA HIS D 217 -8.10 -7.82 30.41
C HIS D 217 -9.39 -8.37 31.02
N ASP D 218 -9.47 -9.70 31.13
CA ASP D 218 -10.65 -10.35 31.69
C ASP D 218 -10.33 -11.69 32.33
N PRO D 219 -10.51 -11.80 33.67
CA PRO D 219 -10.18 -12.96 34.50
C PRO D 219 -10.95 -14.25 34.19
N GLU D 220 -12.01 -14.14 33.40
CA GLU D 220 -12.75 -15.33 32.95
C GLU D 220 -12.00 -16.08 31.82
N ARG D 221 -10.98 -15.44 31.27
CA ARG D 221 -10.18 -16.03 30.18
C ARG D 221 -8.66 -15.90 30.40
N GLY D 222 -8.26 -15.13 31.42
CA GLY D 222 -6.85 -15.04 31.85
C GLY D 222 -5.88 -14.46 30.85
N ILE D 223 -4.59 -14.51 31.19
CA ILE D 223 -3.49 -13.90 30.41
C ILE D 223 -3.56 -14.17 28.91
N TYR D 224 -3.29 -13.12 28.13
CA TYR D 224 -3.24 -13.16 26.66
C TYR D 224 -4.48 -13.79 25.96
N ASN D 225 -5.58 -13.93 26.70
CA ASN D 225 -6.76 -14.62 26.16
C ASN D 225 -7.99 -13.71 26.04
N SER D 226 -7.71 -12.42 25.87
CA SER D 226 -8.72 -11.38 25.78
C SER D 226 -8.36 -10.53 24.55
N PRO D 227 -9.37 -9.97 23.84
CA PRO D 227 -9.11 -9.19 22.63
C PRO D 227 -8.03 -8.11 22.76
N TYR D 228 -7.00 -8.26 21.93
CA TYR D 228 -5.97 -7.21 21.81
C TYR D 228 -5.83 -6.69 20.38
N ILE D 229 -5.40 -5.45 20.26
CA ILE D 229 -5.27 -4.76 18.99
C ILE D 229 -3.96 -4.00 19.00
N ILE D 230 -2.96 -4.50 18.29
CA ILE D 230 -1.68 -3.84 18.27
C ILE D 230 -1.37 -3.40 16.85
N PRO D 231 -1.48 -2.08 16.59
CA PRO D 231 -1.13 -1.55 15.27
C PRO D 231 0.39 -1.64 14.97
N GLY D 232 0.77 -2.54 14.07
CA GLY D 232 2.15 -2.63 13.61
C GLY D 232 2.47 -1.64 12.50
N THR D 233 3.71 -1.71 12.02
CA THR D 233 4.18 -0.81 10.96
C THR D 233 3.38 -0.91 9.67
N GLN D 234 3.17 -2.11 9.17
CA GLN D 234 2.54 -2.28 7.86
C GLN D 234 1.08 -2.60 7.98
N THR D 235 0.69 -3.10 9.15
CA THR D 235 -0.66 -3.64 9.34
C THR D 235 -0.98 -3.76 10.83
N VAL D 236 -2.25 -4.00 11.16
CA VAL D 236 -2.68 -4.05 12.56
C VAL D 236 -2.92 -5.50 13.03
N THR D 237 -2.30 -5.89 14.14
CA THR D 237 -2.52 -7.21 14.71
C THR D 237 -3.79 -7.25 15.56
N LEU D 238 -4.66 -8.22 15.26
CA LEU D 238 -5.84 -8.49 16.07
C LEU D 238 -5.63 -9.88 16.60
N GLY D 239 -5.69 -10.04 17.92
CA GLY D 239 -5.50 -11.35 18.56
C GLY D 239 -6.30 -11.54 19.83
N GLY D 240 -5.93 -12.56 20.61
CA GLY D 240 -6.48 -12.77 21.97
C GLY D 240 -6.63 -14.24 22.35
N ILE D 241 -5.62 -15.05 22.08
CA ILE D 241 -5.76 -16.49 22.25
C ILE D 241 -4.59 -17.03 23.06
N PHE D 242 -4.91 -17.65 24.18
CA PHE D 242 -3.92 -18.30 25.02
C PHE D 242 -4.41 -19.67 25.42
N GLN D 243 -3.72 -20.70 24.96
CA GLN D 243 -4.09 -22.08 25.22
C GLN D 243 -2.87 -22.92 25.61
N LEU D 244 -2.83 -23.33 26.88
CA LEU D 244 -1.75 -24.17 27.39
C LEU D 244 -1.86 -25.62 26.92
N GLY D 245 -0.82 -26.09 26.25
CA GLY D 245 -0.67 -27.49 25.90
C GLY D 245 -1.07 -27.81 24.48
N ASN D 246 -1.65 -26.83 23.79
CA ASN D 246 -2.02 -27.02 22.39
C ASN D 246 -0.82 -26.89 21.46
N TRP D 247 -0.41 -28.00 20.85
CA TRP D 247 0.77 -28.04 19.98
C TRP D 247 0.42 -27.98 18.50
N SER D 248 -0.80 -27.51 18.21
CA SER D 248 -1.33 -27.53 16.85
C SER D 248 -1.02 -26.24 16.12
N GLU D 249 0.02 -26.25 15.28
CA GLU D 249 0.44 -25.07 14.52
C GLU D 249 -0.43 -24.96 13.30
N LEU D 250 -1.68 -24.59 13.50
CA LEU D 250 -2.71 -24.68 12.47
C LEU D 250 -3.82 -23.72 12.86
N ASN D 251 -4.01 -22.66 12.07
CA ASN D 251 -5.08 -21.71 12.32
C ASN D 251 -6.42 -22.41 12.51
N ASN D 252 -7.13 -22.02 13.54
CA ASN D 252 -8.39 -22.64 13.88
C ASN D 252 -9.52 -21.65 13.56
N ILE D 253 -10.49 -22.10 12.77
CA ILE D 253 -11.62 -21.24 12.40
C ILE D 253 -12.48 -20.80 13.60
N GLN D 254 -12.45 -21.58 14.70
CA GLN D 254 -13.11 -21.17 15.94
C GLN D 254 -12.39 -19.95 16.51
N ASP D 255 -11.07 -20.07 16.62
CA ASP D 255 -10.22 -19.00 17.12
C ASP D 255 -10.39 -17.72 16.30
N HIS D 256 -10.52 -17.87 14.98
CA HIS D 256 -10.80 -16.77 14.06
C HIS D 256 -11.98 -15.93 14.56
N ASN D 257 -13.17 -16.51 14.52
CA ASN D 257 -14.38 -15.82 14.96
C ASN D 257 -14.21 -15.17 16.32
N THR D 258 -13.70 -15.90 17.31
CA THR D 258 -13.35 -15.32 18.60
C THR D 258 -12.55 -13.99 18.47
N ILE D 259 -11.52 -14.02 17.62
CA ILE D 259 -10.66 -12.85 17.39
C ILE D 259 -11.43 -11.71 16.66
N TRP D 260 -12.03 -12.04 15.53
CA TRP D 260 -12.73 -11.06 14.71
C TRP D 260 -13.93 -10.44 15.42
N GLU D 261 -14.82 -11.31 15.92
CA GLU D 261 -16.00 -10.86 16.66
C GLU D 261 -15.61 -10.06 17.91
N GLY D 262 -14.72 -10.59 18.71
CA GLY D 262 -14.25 -9.89 19.91
C GLY D 262 -13.52 -8.58 19.67
N CYS D 263 -12.81 -8.48 18.53
CA CYS D 263 -12.10 -7.26 18.22
C CYS D 263 -13.00 -6.19 17.66
N CYS D 264 -14.03 -6.60 16.93
CA CYS D 264 -14.96 -5.66 16.34
C CYS D 264 -15.87 -5.04 17.39
N ARG D 265 -16.06 -5.75 18.50
CA ARG D 265 -16.87 -5.25 19.62
C ARG D 265 -16.08 -4.15 20.32
N LEU D 266 -14.78 -4.37 20.46
CA LEU D 266 -13.88 -3.40 21.09
C LEU D 266 -13.77 -2.11 20.28
N GLU D 267 -13.52 -2.22 18.97
CA GLU D 267 -13.49 -1.06 18.08
C GLU D 267 -14.29 -1.35 16.82
N PRO D 268 -15.58 -0.94 16.81
CA PRO D 268 -16.47 -1.23 15.69
C PRO D 268 -15.92 -0.86 14.31
N THR D 269 -15.00 0.11 14.26
CA THR D 269 -14.46 0.55 12.97
C THR D 269 -13.76 -0.59 12.24
N LEU D 270 -13.36 -1.60 13.00
CA LEU D 270 -12.59 -2.71 12.49
C LEU D 270 -13.46 -3.64 11.64
N LYS D 271 -14.77 -3.37 11.62
CA LYS D 271 -15.74 -4.22 10.93
C LYS D 271 -15.60 -4.13 9.42
N ASN D 272 -15.01 -3.03 8.93
CA ASN D 272 -14.73 -2.86 7.51
C ASN D 272 -13.23 -2.86 7.25
N ALA D 273 -12.51 -3.72 7.96
CA ALA D 273 -11.08 -3.81 7.74
C ALA D 273 -10.72 -5.10 7.03
N ARG D 274 -9.82 -4.99 6.06
CA ARG D 274 -9.44 -6.11 5.23
C ARG D 274 -8.51 -7.05 5.96
N ILE D 275 -8.83 -8.35 5.92
CA ILE D 275 -8.03 -9.39 6.60
C ILE D 275 -6.85 -9.84 5.73
N ILE D 276 -5.64 -9.41 6.08
CA ILE D 276 -4.48 -9.65 5.24
C ILE D 276 -3.84 -11.02 5.43
N GLY D 277 -3.86 -11.53 6.66
CA GLY D 277 -3.14 -12.77 6.98
C GLY D 277 -3.53 -13.33 8.31
N GLU D 278 -3.18 -14.58 8.54
CA GLU D 278 -3.52 -15.28 9.79
C GLU D 278 -2.35 -16.18 10.15
N ARG D 279 -1.93 -16.13 11.41
CA ARG D 279 -0.76 -16.88 11.86
C ARG D 279 -1.00 -17.46 13.23
N THR D 280 -0.21 -18.49 13.58
CA THR D 280 -0.33 -19.19 14.85
C THR D 280 1.05 -19.44 15.44
N GLY D 281 1.19 -19.23 16.73
CA GLY D 281 2.49 -19.41 17.37
C GLY D 281 2.37 -20.03 18.76
N PHE D 282 3.52 -20.39 19.31
CA PHE D 282 3.56 -21.02 20.60
C PHE D 282 4.43 -20.17 21.54
N ARG D 283 3.85 -19.73 22.65
CA ARG D 283 4.61 -19.01 23.65
C ARG D 283 5.34 -20.03 24.52
N PRO D 284 6.67 -19.86 24.71
CA PRO D 284 7.41 -20.78 25.59
C PRO D 284 7.13 -20.54 27.08
N VAL D 285 6.07 -21.17 27.61
CA VAL D 285 5.62 -20.90 28.97
C VAL D 285 6.45 -21.66 30.01
N ARG D 286 6.87 -20.95 31.06
CA ARG D 286 7.53 -21.54 32.23
C ARG D 286 7.26 -20.69 33.49
N PRO D 287 7.18 -21.33 34.68
CA PRO D 287 7.01 -20.53 35.89
C PRO D 287 7.99 -19.35 35.93
N GLN D 288 9.11 -19.51 35.23
CA GLN D 288 10.19 -18.54 35.15
C GLN D 288 11.12 -18.95 34.02
N ILE D 289 11.90 -18.00 33.53
CA ILE D 289 12.79 -18.20 32.39
C ILE D 289 13.98 -19.05 32.81
N ARG D 290 14.26 -20.11 32.07
CA ARG D 290 15.43 -20.94 32.34
C ARG D 290 16.70 -20.27 31.81
N LEU D 291 17.20 -19.28 32.54
CA LEU D 291 18.43 -18.60 32.16
C LEU D 291 19.52 -18.89 33.19
N GLU D 292 20.43 -19.79 32.83
CA GLU D 292 21.44 -20.31 33.74
C GLU D 292 22.46 -21.20 33.03
N ARG D 293 23.44 -21.67 33.78
CA ARG D 293 24.44 -22.62 33.27
C ARG D 293 24.19 -24.06 33.72
N GLU D 294 24.96 -24.98 33.15
CA GLU D 294 24.77 -26.39 33.43
C GLU D 294 25.89 -27.19 32.81
N GLN D 295 26.71 -27.79 33.68
CA GLN D 295 27.70 -28.78 33.29
C GLN D 295 26.94 -29.99 32.76
N LEU D 296 27.54 -30.73 31.84
CA LEU D 296 26.88 -31.92 31.29
C LEU D 296 27.89 -32.91 30.70
N ARG D 297 27.90 -34.14 31.26
CA ARG D 297 28.88 -35.19 30.94
C ARG D 297 29.25 -35.34 29.45
N THR D 298 30.45 -34.87 29.09
CA THR D 298 30.97 -34.98 27.72
C THR D 298 32.30 -35.73 27.67
N GLY D 299 32.21 -37.04 27.43
CA GLY D 299 33.39 -37.90 27.21
C GLY D 299 34.55 -37.63 28.15
N PRO D 300 35.62 -36.97 27.64
CA PRO D 300 36.79 -36.50 28.40
C PRO D 300 36.42 -35.73 29.67
N SER D 301 36.28 -34.41 29.55
CA SER D 301 35.74 -33.59 30.63
C SER D 301 34.23 -33.42 30.44
N ASN D 302 33.84 -32.20 30.11
CA ASN D 302 32.46 -31.88 29.74
C ASN D 302 32.39 -30.58 28.95
N THR D 303 31.28 -30.38 28.24
CA THR D 303 31.06 -29.16 27.47
C THR D 303 30.03 -28.28 28.16
N GLU D 304 30.31 -26.98 28.16
CA GLU D 304 29.48 -25.98 28.82
C GLU D 304 28.17 -25.70 28.08
N VAL D 305 27.10 -25.50 28.87
CA VAL D 305 25.77 -25.24 28.32
C VAL D 305 25.10 -24.06 29.03
N ILE D 306 24.65 -23.08 28.25
CA ILE D 306 23.89 -21.96 28.78
C ILE D 306 22.46 -22.04 28.24
N HIS D 307 21.50 -22.12 29.16
CA HIS D 307 20.10 -22.16 28.77
C HIS D 307 19.51 -20.76 28.83
N ASN D 308 18.62 -20.46 27.89
CA ASN D 308 17.99 -19.17 27.81
C ASN D 308 16.66 -19.32 27.11
N TYR D 309 15.72 -19.99 27.78
CA TYR D 309 14.41 -20.29 27.20
C TYR D 309 13.28 -20.17 28.19
N GLY D 310 12.06 -20.28 27.68
CA GLY D 310 10.86 -20.20 28.49
C GLY D 310 10.43 -18.78 28.74
N HIS D 311 10.49 -17.96 27.70
CA HIS D 311 10.18 -16.53 27.84
C HIS D 311 8.68 -16.23 27.74
N GLY D 312 7.85 -17.27 27.74
CA GLY D 312 6.41 -17.08 27.75
C GLY D 312 5.96 -16.22 26.60
N GLY D 313 5.06 -15.30 26.87
CA GLY D 313 4.55 -14.46 25.83
C GLY D 313 5.14 -13.07 25.87
N TYR D 314 6.38 -12.96 26.33
CA TYR D 314 7.04 -11.64 26.46
C TYR D 314 8.52 -11.62 26.14
N GLY D 315 8.94 -12.49 25.21
CA GLY D 315 10.32 -12.58 24.76
C GLY D 315 10.90 -11.27 24.30
N LEU D 316 10.22 -10.59 23.36
CA LEU D 316 10.66 -9.32 22.78
C LEU D 316 10.78 -8.22 23.84
N THR D 317 9.85 -8.24 24.79
CA THR D 317 9.81 -7.30 25.91
C THR D 317 11.05 -7.42 26.84
N ILE D 318 11.64 -8.60 26.88
CA ILE D 318 12.71 -8.91 27.81
C ILE D 318 13.99 -9.35 27.09
N HIS D 319 13.93 -9.45 25.78
CA HIS D 319 14.98 -10.12 25.03
C HIS D 319 16.39 -9.59 25.33
N TRP D 320 16.56 -8.26 25.35
CA TRP D 320 17.88 -7.66 25.52
C TRP D 320 18.47 -7.90 26.90
N GLY D 321 17.60 -7.91 27.91
CA GLY D 321 18.01 -8.25 29.25
C GLY D 321 18.59 -9.65 29.32
N CYS D 322 17.87 -10.62 28.76
CA CYS D 322 18.31 -12.01 28.82
C CYS D 322 19.61 -12.20 28.06
N ALA D 323 19.70 -11.56 26.91
CA ALA D 323 20.90 -11.66 26.10
C ALA D 323 22.11 -11.11 26.86
N LEU D 324 21.94 -9.98 27.52
CA LEU D 324 23.06 -9.39 28.28
C LEU D 324 23.51 -10.27 29.44
N GLU D 325 22.56 -10.99 30.04
CA GLU D 325 22.83 -11.94 31.11
C GLU D 325 23.57 -13.18 30.60
N ALA D 326 23.18 -13.65 29.43
CA ALA D 326 23.78 -14.81 28.81
C ALA D 326 25.27 -14.59 28.55
N ALA D 327 25.64 -13.36 28.20
CA ALA D 327 27.04 -13.00 27.94
C ALA D 327 27.84 -12.94 29.24
N LYS D 328 27.26 -12.33 30.28
CA LYS D 328 27.82 -12.36 31.63
C LYS D 328 28.20 -13.78 32.00
N LEU D 329 27.22 -14.69 31.95
CA LEU D 329 27.42 -16.11 32.24
C LEU D 329 28.53 -16.69 31.40
N PHE D 330 28.53 -16.32 30.12
CA PHE D 330 29.58 -16.71 29.19
C PHE D 330 30.95 -16.13 29.63
N GLY D 331 30.92 -14.91 30.18
CA GLY D 331 32.10 -14.31 30.80
C GLY D 331 32.63 -15.18 31.93
N ARG D 332 31.75 -15.56 32.85
CA ARG D 332 32.12 -16.44 33.98
C ARG D 332 32.74 -17.74 33.46
N ILE D 333 32.11 -18.35 32.46
CA ILE D 333 32.65 -19.60 31.88
C ILE D 333 34.07 -19.39 31.38
N LEU D 334 34.35 -18.20 30.86
CA LEU D 334 35.67 -17.89 30.34
C LEU D 334 36.76 -17.96 31.41
N GLU D 335 36.58 -17.22 32.50
CA GLU D 335 37.58 -17.20 33.58
C GLU D 335 37.86 -18.59 34.19
N GLU D 336 36.84 -19.45 34.20
CA GLU D 336 36.97 -20.81 34.68
C GLU D 336 37.83 -21.65 33.74
N LYS D 337 37.55 -21.54 32.44
CA LYS D 337 38.36 -22.22 31.43
C LYS D 337 39.74 -21.56 31.31
N LYS D 338 39.99 -20.59 32.20
CA LYS D 338 41.23 -19.79 32.22
C LYS D 338 41.66 -19.38 30.82
N LEU D 339 40.65 -19.13 29.98
CA LEU D 339 40.82 -18.58 28.65
C LEU D 339 40.26 -17.16 28.74
N SER D 340 40.62 -16.47 29.83
CA SER D 340 40.07 -15.15 30.18
C SER D 340 41.11 -14.04 30.04
#